data_5JIB
#
_entry.id   5JIB
#
_cell.length_a   89.810
_cell.length_b   115.780
_cell.length_c   103.200
_cell.angle_alpha   90.000
_cell.angle_beta   109.980
_cell.angle_gamma   90.000
#
_symmetry.space_group_name_H-M   'P 1 21 1'
#
loop_
_entity.id
_entity.type
_entity.pdbx_description
1 polymer 'Cephalosporin-C deacetylase'
2 non-polymer '[(3S)-2-oxo-2,3-dihydro-1H-indol-3-yl]acetic acid'
3 water water
#
_entity_poly.entity_id   1
_entity_poly.type   'polypeptide(L)'
_entity_poly.pdbx_seq_one_letter_code
;MGSDKIHHHHHHMAFFDLPLEELKKYRPERYEEKDFDEFWEETLAESEKFPLDPVFERMESHLKTVEAYDVTFSGYRGQR
IKGWLLVPKLEEEKLPCVVQYIGYNGGRGFPHDWLFWPSMGYICFVMDTRGQGSGWLKGDTPDYPEGPVDPQYPGFMTRG
ILDPRTYYYRRVFTDAVRAVEAAASFPQVDQERIVIAGGSQGGGIALAVSALSKKAKALLCDVPFLCHFRRAVQLVDTHP
YAEITNFLKTHRDKEEIVFRTLSYFDGVNFAARAKIPALFSVGLMDNICPPSTVFAAYNYYAGPKEIRIYPYNNHEGGGS
FQAVEQVKFLKKLFEKG
;
_entity_poly.pdbx_strand_id   A,B,C,D,E,F
#
# COMPACT_ATOMS: atom_id res chain seq x y z
N PHE A 16 -4.82 -16.95 6.75
CA PHE A 16 -3.51 -16.66 7.36
C PHE A 16 -3.24 -17.39 8.69
N ASP A 17 -4.27 -17.89 9.38
CA ASP A 17 -4.06 -18.52 10.73
C ASP A 17 -4.10 -20.06 10.59
N LEU A 18 -4.20 -20.78 11.69
CA LEU A 18 -4.36 -22.23 11.68
C LEU A 18 -5.59 -22.61 10.90
N PRO A 19 -5.54 -23.78 10.24
CA PRO A 19 -6.78 -24.30 9.63
C PRO A 19 -7.86 -24.63 10.65
N LEU A 20 -9.12 -24.63 10.18
CA LEU A 20 -10.29 -24.78 11.09
C LEU A 20 -10.21 -26.02 11.99
N GLU A 21 -9.77 -27.15 11.40
CA GLU A 21 -9.64 -28.42 12.14
C GLU A 21 -8.69 -28.21 13.34
N GLU A 22 -7.60 -27.48 13.13
CA GLU A 22 -6.64 -27.16 14.25
C GLU A 22 -7.15 -26.08 15.21
N LEU A 23 -7.88 -25.10 14.69
CA LEU A 23 -8.39 -24.03 15.56
C LEU A 23 -9.34 -24.60 16.55
N LYS A 24 -10.17 -25.57 16.11
CA LYS A 24 -11.13 -26.27 16.96
C LYS A 24 -10.46 -27.07 18.06
N LYS A 25 -9.22 -27.45 17.88
CA LYS A 25 -8.44 -28.22 18.82
C LYS A 25 -7.43 -27.35 19.57
N TYR A 26 -7.44 -26.02 19.39
CA TYR A 26 -6.32 -25.20 19.89
C TYR A 26 -6.62 -24.83 21.31
N ARG A 27 -5.90 -25.43 22.24
CA ARG A 27 -6.08 -25.11 23.68
C ARG A 27 -4.70 -24.87 24.20
N PRO A 28 -4.13 -23.71 23.90
CA PRO A 28 -2.74 -23.49 24.34
C PRO A 28 -2.66 -23.42 25.85
N GLU A 29 -1.49 -23.68 26.44
CA GLU A 29 -1.38 -23.60 27.87
C GLU A 29 -1.61 -22.18 28.34
N ARG A 30 -2.43 -22.01 29.34
CA ARG A 30 -2.72 -20.67 29.83
C ARG A 30 -1.65 -20.13 30.74
N TYR A 31 -1.59 -18.83 30.77
CA TYR A 31 -0.69 -18.12 31.62
C TYR A 31 -1.45 -17.06 32.40
N GLU A 32 -1.42 -17.22 33.71
CA GLU A 32 -1.97 -16.25 34.65
C GLU A 32 -1.14 -16.34 35.92
N GLU A 33 -1.13 -15.27 36.66
CA GLU A 33 -0.45 -15.22 37.93
C GLU A 33 -1.26 -15.90 39.02
N LYS A 34 -0.59 -16.27 40.13
CA LYS A 34 -1.29 -16.99 41.23
C LYS A 34 -2.35 -16.17 41.95
N ASP A 35 -2.21 -14.84 41.94
CA ASP A 35 -3.19 -13.91 42.54
C ASP A 35 -4.22 -13.25 41.60
N PHE A 36 -4.54 -13.92 40.51
CA PHE A 36 -5.57 -13.43 39.53
C PHE A 36 -6.89 -13.17 40.19
N ASP A 37 -7.37 -14.18 40.91
CA ASP A 37 -8.69 -14.03 41.54
C ASP A 37 -8.66 -12.99 42.62
N GLU A 38 -7.57 -12.96 43.38
CA GLU A 38 -7.45 -11.99 44.49
C GLU A 38 -7.44 -10.56 43.95
N PHE A 39 -6.74 -10.36 42.84
CA PHE A 39 -6.62 -9.03 42.20
C PHE A 39 -7.99 -8.50 41.85
N TRP A 40 -8.79 -9.36 41.24
CA TRP A 40 -10.14 -8.96 40.83
C TRP A 40 -11.10 -8.83 42.01
N GLU A 41 -11.00 -9.79 42.94
CA GLU A 41 -11.78 -9.62 44.20
C GLU A 41 -11.55 -8.25 44.88
N GLU A 42 -10.30 -7.87 45.08
CA GLU A 42 -9.98 -6.62 45.76
C GLU A 42 -10.41 -5.45 44.87
N THR A 43 -10.18 -5.55 43.57
CA THR A 43 -10.57 -4.45 42.68
C THR A 43 -12.06 -4.17 42.80
N LEU A 44 -12.88 -5.20 42.70
CA LEU A 44 -14.32 -5.00 42.71
C LEU A 44 -14.80 -4.58 44.13
N ALA A 45 -14.22 -5.19 45.15
CA ALA A 45 -14.55 -4.78 46.53
C ALA A 45 -14.25 -3.29 46.76
N GLU A 46 -13.04 -2.82 46.38
CA GLU A 46 -12.72 -1.38 46.54
C GLU A 46 -13.73 -0.48 45.79
N SER A 47 -14.17 -0.88 44.56
CA SER A 47 -15.10 -0.03 43.82
C SER A 47 -16.54 0.00 44.34
N GLU A 48 -16.95 -1.13 44.90
CA GLU A 48 -18.26 -1.33 45.52
C GLU A 48 -18.45 -0.52 46.80
N LYS A 49 -17.37 -0.05 47.42
CA LYS A 49 -17.42 0.90 48.58
C LYS A 49 -17.93 2.28 48.23
N PHE A 50 -17.96 2.65 46.94
CA PHE A 50 -18.58 3.88 46.50
C PHE A 50 -20.04 3.56 46.05
N PRO A 51 -21.03 4.41 46.41
CA PRO A 51 -22.39 4.13 45.94
C PRO A 51 -22.47 4.11 44.42
N LEU A 52 -23.19 3.14 43.91
CA LEU A 52 -23.49 3.05 42.44
C LEU A 52 -24.14 4.31 41.90
N ASP A 53 -25.14 4.83 42.63
CA ASP A 53 -25.79 6.08 42.31
C ASP A 53 -26.21 6.18 40.83
N PRO A 54 -26.97 5.20 40.38
CA PRO A 54 -27.35 5.21 38.99
C PRO A 54 -28.36 6.34 38.79
N VAL A 55 -28.18 7.17 37.77
CA VAL A 55 -29.09 8.26 37.46
C VAL A 55 -29.60 8.10 36.03
N PHE A 56 -30.91 8.07 35.87
CA PHE A 56 -31.54 7.99 34.54
C PHE A 56 -32.35 9.23 34.27
N GLU A 57 -32.00 10.00 33.27
CA GLU A 57 -32.78 11.17 32.93
C GLU A 57 -33.41 11.01 31.54
N ARG A 58 -34.74 11.03 31.48
CA ARG A 58 -35.46 10.94 30.22
C ARG A 58 -34.94 12.01 29.28
N MET A 59 -34.56 11.65 28.05
CA MET A 59 -33.99 12.64 27.09
C MET A 59 -35.12 13.07 26.15
N GLU A 60 -35.18 14.37 25.82
CA GLU A 60 -36.08 14.86 24.75
C GLU A 60 -35.44 14.34 23.47
N SER A 61 -36.23 13.70 22.62
CA SER A 61 -35.64 12.86 21.57
C SER A 61 -36.55 12.90 20.38
N HIS A 62 -35.98 12.73 19.19
CA HIS A 62 -36.86 12.54 18.02
C HIS A 62 -37.41 11.13 17.91
N LEU A 63 -36.87 10.21 18.67
CA LEU A 63 -37.33 8.83 18.59
C LEU A 63 -38.79 8.70 19.05
N LYS A 64 -39.54 7.87 18.32
CA LYS A 64 -40.95 7.66 18.59
C LYS A 64 -41.29 6.28 19.12
N THR A 65 -40.54 5.23 18.71
CA THR A 65 -40.81 3.88 19.17
C THR A 65 -40.05 3.47 20.45
N VAL A 66 -39.19 4.37 20.91
CA VAL A 66 -38.24 4.07 21.98
C VAL A 66 -38.22 5.27 22.94
N GLU A 67 -38.13 4.98 24.25
CA GLU A 67 -37.83 6.03 25.28
C GLU A 67 -36.35 5.99 25.64
N ALA A 68 -35.67 7.09 25.38
CA ALA A 68 -34.20 7.19 25.60
C ALA A 68 -33.91 7.94 26.90
N TYR A 69 -32.99 7.38 27.68
CA TYR A 69 -32.54 7.98 28.97
C TYR A 69 -31.03 8.17 28.90
N ASP A 70 -30.59 9.33 29.36
CA ASP A 70 -29.21 9.59 29.62
C ASP A 70 -28.89 8.87 30.93
N VAL A 71 -27.80 8.12 30.99
CA VAL A 71 -27.43 7.34 32.15
C VAL A 71 -26.11 7.87 32.68
N THR A 72 -26.06 7.97 33.99
CA THR A 72 -24.82 8.13 34.69
C THR A 72 -24.74 7.14 35.80
N PHE A 73 -23.55 6.55 36.03
CA PHE A 73 -23.39 5.64 37.13
C PHE A 73 -21.92 5.58 37.57
N SER A 74 -21.68 5.09 38.80
CA SER A 74 -20.36 4.94 39.33
C SER A 74 -19.70 3.64 38.93
N GLY A 75 -18.64 3.76 38.13
CA GLY A 75 -17.83 2.60 37.70
C GLY A 75 -16.64 2.31 38.59
N TYR A 76 -15.44 2.30 38.01
CA TYR A 76 -14.21 2.17 38.83
C TYR A 76 -14.04 3.28 39.85
N ARG A 77 -13.93 2.91 41.14
CA ARG A 77 -13.68 3.91 42.20
C ARG A 77 -14.56 5.21 42.22
N GLY A 78 -15.87 5.06 42.05
CA GLY A 78 -16.82 6.17 42.08
C GLY A 78 -16.78 7.08 40.89
N GLN A 79 -15.96 6.74 39.88
CA GLN A 79 -15.86 7.60 38.70
C GLN A 79 -17.13 7.51 37.87
N ARG A 80 -17.59 8.66 37.38
CA ARG A 80 -18.90 8.73 36.76
C ARG A 80 -18.83 8.43 35.25
N ILE A 81 -19.57 7.38 34.89
CA ILE A 81 -19.57 6.81 33.52
C ILE A 81 -20.89 7.10 32.88
N LYS A 82 -20.90 7.52 31.61
CA LYS A 82 -22.15 7.80 30.90
C LYS A 82 -22.62 6.52 30.23
N GLY A 83 -23.84 6.58 29.75
CA GLY A 83 -24.42 5.50 28.96
C GLY A 83 -25.75 5.94 28.41
N TRP A 84 -26.39 5.06 27.63
CA TRP A 84 -27.78 5.25 27.20
C TRP A 84 -28.60 4.08 27.69
N LEU A 85 -29.84 4.36 28.12
CA LEU A 85 -30.85 3.35 28.36
C LEU A 85 -31.97 3.55 27.34
N LEU A 86 -32.18 2.53 26.49
CA LEU A 86 -33.21 2.60 25.43
C LEU A 86 -34.30 1.61 25.73
N VAL A 87 -35.52 2.09 25.93
CA VAL A 87 -36.67 1.25 26.33
C VAL A 87 -37.67 1.19 25.19
N PRO A 88 -37.96 0.00 24.68
CA PRO A 88 -38.97 0.02 23.64
C PRO A 88 -40.36 0.36 24.22
N LYS A 89 -41.17 1.07 23.46
CA LYS A 89 -42.55 1.40 23.92
C LYS A 89 -43.45 0.19 23.72
N LEU A 90 -43.53 -0.66 24.74
CA LEU A 90 -44.25 -1.90 24.70
C LEU A 90 -45.12 -2.06 25.93
N GLU A 91 -46.06 -3.00 25.88
CA GLU A 91 -46.93 -3.34 27.01
C GLU A 91 -46.25 -3.99 28.21
N GLU A 92 -45.45 -5.05 27.97
CA GLU A 92 -44.82 -5.85 29.04
C GLU A 92 -44.12 -4.93 30.06
N GLU A 93 -44.47 -5.03 31.35
CA GLU A 93 -43.94 -4.08 32.36
C GLU A 93 -42.47 -4.30 32.73
N LYS A 94 -42.02 -5.53 32.69
CA LYS A 94 -40.66 -5.86 33.00
C LYS A 94 -40.07 -6.49 31.72
N LEU A 95 -39.03 -5.88 31.18
CA LEU A 95 -38.47 -6.33 29.90
C LEU A 95 -37.09 -6.94 30.13
N PRO A 96 -36.71 -7.94 29.31
CA PRO A 96 -35.32 -8.37 29.34
C PRO A 96 -34.41 -7.22 28.84
N CYS A 97 -33.12 -7.29 29.13
CA CYS A 97 -32.17 -6.17 28.92
C CYS A 97 -30.86 -6.69 28.32
N VAL A 98 -30.37 -5.99 27.32
CA VAL A 98 -29.04 -6.29 26.80
C VAL A 98 -28.13 -5.17 27.23
N VAL A 99 -27.08 -5.51 27.94
CA VAL A 99 -26.03 -4.53 28.28
C VAL A 99 -24.98 -4.63 27.15
N GLN A 100 -24.73 -3.50 26.51
CA GLN A 100 -23.89 -3.41 25.33
C GLN A 100 -22.58 -2.66 25.57
N TYR A 101 -21.48 -3.33 25.24
CA TYR A 101 -20.14 -2.74 25.35
C TYR A 101 -19.63 -2.43 23.94
N ILE A 102 -18.80 -1.41 23.84
CA ILE A 102 -18.47 -0.78 22.59
C ILE A 102 -17.04 -1.11 22.11
N GLY A 103 -16.94 -1.17 20.77
CA GLY A 103 -15.62 -1.39 20.13
C GLY A 103 -14.61 -0.28 20.26
N TYR A 104 -13.35 -0.64 19.98
CA TYR A 104 -12.18 0.23 20.22
C TYR A 104 -12.29 1.55 19.50
N ASN A 105 -12.08 2.63 20.23
CA ASN A 105 -12.15 4.04 19.71
C ASN A 105 -13.57 4.52 19.52
N GLY A 106 -14.55 3.72 19.97
CA GLY A 106 -15.94 4.16 19.91
C GLY A 106 -16.34 4.77 21.24
N GLY A 107 -17.57 5.25 21.27
CA GLY A 107 -18.22 5.68 22.47
C GLY A 107 -19.73 5.57 22.28
N ARG A 108 -20.49 6.17 23.21
CA ARG A 108 -21.93 5.87 23.26
C ARG A 108 -22.70 6.52 22.14
N GLY A 109 -22.07 7.47 21.47
CA GLY A 109 -22.69 8.09 20.29
C GLY A 109 -24.06 8.70 20.59
N PHE A 110 -24.98 8.56 19.64
CA PHE A 110 -26.36 9.08 19.82
C PHE A 110 -27.25 7.93 20.25
N PRO A 111 -28.39 8.22 20.91
CA PRO A 111 -29.33 7.14 21.17
C PRO A 111 -29.75 6.30 19.95
N HIS A 112 -29.90 6.97 18.79
CA HIS A 112 -30.34 6.30 17.58
C HIS A 112 -29.28 5.34 16.94
N ASP A 113 -28.05 5.33 17.48
CA ASP A 113 -27.04 4.41 17.05
C ASP A 113 -27.28 3.00 17.55
N TRP A 114 -28.22 2.82 18.48
CA TRP A 114 -28.38 1.52 19.17
C TRP A 114 -29.81 1.01 19.16
N LEU A 115 -30.45 1.06 17.97
CA LEU A 115 -31.87 0.73 17.86
C LEU A 115 -32.21 -0.76 17.76
N PHE A 116 -31.21 -1.60 17.47
CA PHE A 116 -31.48 -3.00 17.22
C PHE A 116 -32.24 -3.76 18.34
N TRP A 117 -31.66 -3.79 19.54
CA TRP A 117 -32.15 -4.57 20.65
C TRP A 117 -33.48 -4.05 21.11
N PRO A 118 -33.64 -2.71 21.21
CA PRO A 118 -34.98 -2.21 21.53
C PRO A 118 -36.03 -2.55 20.48
N SER A 119 -35.63 -2.55 19.20
CA SER A 119 -36.57 -2.87 18.15
C SER A 119 -36.99 -4.33 18.25
N MET A 120 -36.13 -5.16 18.78
CA MET A 120 -36.42 -6.60 19.04
C MET A 120 -37.07 -6.90 20.40
N GLY A 121 -37.42 -5.86 21.12
CA GLY A 121 -38.18 -6.02 22.38
C GLY A 121 -37.37 -5.98 23.65
N TYR A 122 -36.09 -5.60 23.57
CA TYR A 122 -35.18 -5.63 24.73
C TYR A 122 -34.85 -4.21 25.08
N ILE A 123 -34.87 -3.92 26.36
CA ILE A 123 -34.22 -2.72 26.86
C ILE A 123 -32.71 -2.89 26.56
N CYS A 124 -32.09 -1.81 26.17
CA CYS A 124 -30.64 -1.79 25.84
C CYS A 124 -29.96 -0.76 26.72
N PHE A 125 -28.95 -1.19 27.49
CA PHE A 125 -28.10 -0.31 28.26
C PHE A 125 -26.77 -0.21 27.51
N VAL A 126 -26.40 0.94 27.04
CA VAL A 126 -25.13 1.14 26.30
C VAL A 126 -24.10 1.84 27.19
N MET A 127 -23.01 1.15 27.54
CA MET A 127 -21.98 1.73 28.41
C MET A 127 -21.00 2.53 27.54
N ASP A 128 -20.87 3.79 27.83
CA ASP A 128 -19.87 4.63 27.20
C ASP A 128 -18.47 4.14 27.67
N THR A 129 -17.44 4.29 26.83
CA THR A 129 -16.09 3.81 27.15
C THR A 129 -15.15 4.93 27.54
N ARG A 130 -14.77 4.93 28.80
CA ARG A 130 -13.92 5.97 29.33
C ARG A 130 -12.71 6.31 28.43
N GLY A 131 -12.58 7.59 28.10
CA GLY A 131 -11.43 8.07 27.42
C GLY A 131 -11.31 7.88 25.93
N GLN A 132 -12.22 7.11 25.37
CA GLN A 132 -12.14 6.75 23.98
C GLN A 132 -12.99 7.70 23.18
N GLY A 133 -13.96 7.18 22.43
CA GLY A 133 -15.00 8.01 21.84
C GLY A 133 -14.53 9.00 20.79
N SER A 134 -13.47 8.67 20.06
CA SER A 134 -12.96 9.64 19.08
C SER A 134 -12.47 9.07 17.75
N GLY A 135 -12.75 7.82 17.46
CA GLY A 135 -12.26 7.16 16.22
C GLY A 135 -13.37 7.01 15.21
N TRP A 136 -14.49 6.42 15.61
CA TRP A 136 -15.59 6.16 14.65
C TRP A 136 -16.97 6.51 15.18
N LEU A 137 -17.13 6.66 16.50
CA LEU A 137 -18.42 7.07 17.12
C LEU A 137 -18.05 7.84 18.37
N LYS A 138 -18.69 8.97 18.56
CA LYS A 138 -18.21 9.89 19.56
C LYS A 138 -18.58 9.36 20.95
N GLY A 139 -17.86 9.83 21.97
CA GLY A 139 -18.04 9.39 23.36
C GLY A 139 -17.97 10.62 24.28
N ASP A 140 -18.45 10.44 25.51
CA ASP A 140 -18.64 11.53 26.44
C ASP A 140 -17.99 11.31 27.81
N THR A 141 -17.31 10.20 28.05
CA THR A 141 -16.87 9.88 29.37
C THR A 141 -15.35 9.93 29.43
N PRO A 142 -14.76 10.65 30.42
CA PRO A 142 -13.26 10.75 30.49
C PRO A 142 -12.70 9.51 31.20
N ASP A 143 -11.43 9.25 31.02
CA ASP A 143 -10.70 8.35 31.92
C ASP A 143 -10.19 9.20 33.12
N TYR A 144 -9.79 8.52 34.19
CA TYR A 144 -9.29 9.15 35.41
C TYR A 144 -8.11 8.21 35.82
N PRO A 145 -6.87 8.59 35.56
CA PRO A 145 -5.75 7.77 36.07
C PRO A 145 -5.51 8.02 37.59
N GLY A 147 -3.22 9.32 39.24
CA GLY A 147 -2.00 10.13 39.19
C GLY A 147 -1.14 10.07 37.91
N PRO A 148 0.04 9.40 37.96
CA PRO A 148 0.93 9.58 36.79
C PRO A 148 0.47 8.73 35.64
N VAL A 149 0.54 9.27 34.44
CA VAL A 149 0.27 8.55 33.20
C VAL A 149 1.65 8.23 32.56
N ASP A 150 2.14 7.01 32.81
CA ASP A 150 3.45 6.56 32.34
C ASP A 150 3.62 6.73 30.83
N PRO A 151 4.88 6.81 30.40
CA PRO A 151 5.25 6.62 29.01
C PRO A 151 4.43 5.51 28.38
N GLN A 152 3.81 5.83 27.24
CA GLN A 152 2.99 4.88 26.54
C GLN A 152 3.01 5.16 25.04
N TYR A 153 2.70 4.09 24.29
CA TYR A 153 2.50 4.21 22.84
C TYR A 153 1.11 4.85 22.68
N PRO A 154 0.87 5.62 21.62
CA PRO A 154 -0.51 6.12 21.40
C PRO A 154 -1.61 5.07 21.44
N GLY A 155 -2.68 5.37 22.20
CA GLY A 155 -3.86 4.58 22.29
C GLY A 155 -4.10 4.18 23.71
N PHE A 156 -4.87 3.11 23.86
CA PHE A 156 -5.30 2.60 25.18
C PHE A 156 -4.68 1.31 25.60
N MET A 157 -4.15 0.54 24.66
CA MET A 157 -3.56 -0.74 24.95
C MET A 157 -2.38 -0.77 25.90
N THR A 158 -1.61 0.29 25.94
CA THR A 158 -0.41 0.33 26.77
C THR A 158 -0.50 1.39 27.85
N ARG A 159 -1.68 1.99 28.02
CA ARG A 159 -1.87 3.01 29.08
C ARG A 159 -1.85 2.33 30.47
N GLY A 160 -0.77 2.60 31.18
CA GLY A 160 -0.53 2.05 32.52
C GLY A 160 -0.15 0.59 32.55
N ILE A 161 0.42 0.09 31.45
CA ILE A 161 0.71 -1.31 31.26
C ILE A 161 1.85 -1.86 32.16
N LEU A 162 2.58 -1.00 32.80
CA LEU A 162 3.67 -1.53 33.63
C LEU A 162 3.21 -2.08 34.98
N ASP A 163 1.93 -1.97 35.29
CA ASP A 163 1.40 -2.48 36.55
C ASP A 163 -0.08 -2.77 36.38
N PRO A 164 -0.54 -3.93 36.82
CA PRO A 164 -1.95 -4.20 36.63
C PRO A 164 -2.86 -3.28 37.44
N ARG A 165 -2.36 -2.77 38.56
CA ARG A 165 -3.12 -1.85 39.33
C ARG A 165 -3.39 -0.52 38.58
N THR A 166 -2.49 -0.12 37.68
CA THR A 166 -2.63 1.14 36.94
C THR A 166 -3.17 0.92 35.48
N TYR A 167 -3.38 -0.35 35.09
CA TYR A 167 -3.68 -0.65 33.67
C TYR A 167 -5.07 -0.15 33.29
N TYR A 168 -5.17 0.52 32.14
CA TYR A 168 -6.42 1.05 31.61
C TYR A 168 -7.64 0.09 31.74
N TYR A 169 -7.49 -1.18 31.37
CA TYR A 169 -8.63 -2.08 31.33
C TYR A 169 -9.08 -2.57 32.70
N ARG A 170 -8.28 -2.34 33.73
CA ARG A 170 -8.75 -2.58 35.11
C ARG A 170 -9.97 -1.71 35.36
N ARG A 171 -9.85 -0.46 34.91
CA ARG A 171 -10.89 0.52 35.04
C ARG A 171 -12.12 0.23 34.16
N VAL A 172 -11.89 -0.07 32.88
CA VAL A 172 -12.96 -0.36 31.99
C VAL A 172 -13.73 -1.60 32.41
N PHE A 173 -13.03 -2.66 32.79
CA PHE A 173 -13.72 -3.90 33.16
C PHE A 173 -14.55 -3.68 34.43
N THR A 174 -14.07 -2.83 35.34
CA THR A 174 -14.83 -2.54 36.57
C THR A 174 -16.09 -1.72 36.25
N ASP A 175 -15.92 -0.68 35.44
CA ASP A 175 -17.05 0.01 34.85
C ASP A 175 -18.11 -0.96 34.32
N ALA A 176 -17.65 -1.93 33.54
CA ALA A 176 -18.52 -2.82 32.82
C ALA A 176 -19.27 -3.77 33.77
N VAL A 177 -18.62 -4.21 34.86
CA VAL A 177 -19.29 -5.02 35.89
C VAL A 177 -20.38 -4.15 36.56
N ARG A 178 -20.03 -2.90 36.81
CA ARG A 178 -20.93 -1.98 37.48
C ARG A 178 -22.11 -1.58 36.61
N ALA A 179 -21.90 -1.56 35.29
CA ALA A 179 -22.99 -1.34 34.34
C ALA A 179 -24.15 -2.32 34.44
N VAL A 180 -23.83 -3.57 34.69
CA VAL A 180 -24.82 -4.61 34.91
C VAL A 180 -25.67 -4.23 36.14
N GLU A 181 -25.05 -3.76 37.22
CA GLU A 181 -25.84 -3.36 38.42
C GLU A 181 -26.65 -2.09 38.10
N ALA A 182 -26.07 -1.16 37.35
CA ALA A 182 -26.80 0.00 36.96
C ALA A 182 -28.04 -0.31 36.05
N ALA A 183 -27.89 -1.23 35.08
CA ALA A 183 -29.05 -1.68 34.27
C ALA A 183 -30.13 -2.32 35.19
N ALA A 184 -29.68 -3.14 36.13
CA ALA A 184 -30.59 -3.85 37.06
C ALA A 184 -31.41 -2.89 37.95
N SER A 185 -30.97 -1.66 38.09
CA SER A 185 -31.64 -0.70 38.96
C SER A 185 -32.78 0.03 38.22
N PHE A 186 -32.84 -0.05 36.89
CA PHE A 186 -33.91 0.57 36.16
C PHE A 186 -35.20 -0.19 36.40
N PRO A 187 -36.30 0.51 36.76
CA PRO A 187 -37.48 -0.28 37.18
C PRO A 187 -38.09 -1.19 36.15
N GLN A 188 -38.08 -0.80 34.87
CA GLN A 188 -38.62 -1.66 33.85
C GLN A 188 -37.67 -2.78 33.43
N VAL A 189 -36.43 -2.77 33.89
CA VAL A 189 -35.59 -3.94 33.66
C VAL A 189 -35.93 -5.12 34.50
N ASP A 190 -36.16 -6.26 33.86
CA ASP A 190 -36.18 -7.53 34.58
C ASP A 190 -34.75 -7.93 34.95
N GLN A 191 -34.44 -7.70 36.24
CA GLN A 191 -33.10 -7.86 36.82
C GLN A 191 -32.67 -9.33 36.74
N GLU A 192 -33.61 -10.23 36.46
CA GLU A 192 -33.31 -11.64 36.31
C GLU A 192 -33.09 -12.05 34.87
N ARG A 193 -33.24 -11.14 33.90
CA ARG A 193 -33.08 -11.42 32.45
C ARG A 193 -32.17 -10.37 31.73
N ILE A 194 -30.98 -10.25 32.24
CA ILE A 194 -29.96 -9.31 31.72
C ILE A 194 -28.89 -10.13 30.97
N VAL A 195 -28.54 -9.66 29.77
CA VAL A 195 -27.58 -10.30 28.88
C VAL A 195 -26.42 -9.28 28.72
N ILE A 196 -25.20 -9.76 28.49
CA ILE A 196 -24.03 -8.89 28.24
C ILE A 196 -23.53 -9.19 26.80
N ALA A 197 -23.20 -8.15 26.08
CA ALA A 197 -22.96 -8.30 24.63
C ALA A 197 -21.86 -7.32 24.17
N GLY A 198 -21.05 -7.76 23.22
CA GLY A 198 -20.12 -6.82 22.58
C GLY A 198 -19.40 -7.49 21.47
N GLY A 199 -18.92 -6.67 20.53
CA GLY A 199 -18.08 -7.08 19.44
C GLY A 199 -16.66 -6.49 19.60
N SER A 200 -15.62 -7.28 19.29
CA SER A 200 -14.19 -6.86 19.32
C SER A 200 -13.79 -6.37 20.71
N GLN A 201 -13.44 -5.09 20.87
CA GLN A 201 -13.18 -4.64 22.25
C GLN A 201 -14.45 -4.91 23.09
N GLY A 202 -15.63 -4.66 22.51
CA GLY A 202 -16.87 -4.94 23.32
C GLY A 202 -16.98 -6.42 23.74
N GLY A 203 -16.49 -7.32 22.90
CA GLY A 203 -16.51 -8.79 23.17
C GLY A 203 -15.56 -9.19 24.27
N GLY A 204 -14.39 -8.54 24.30
CA GLY A 204 -13.38 -8.73 25.35
C GLY A 204 -13.86 -8.21 26.69
N ILE A 205 -14.49 -7.04 26.66
CA ILE A 205 -15.08 -6.48 27.87
C ILE A 205 -16.22 -7.45 28.38
N ALA A 206 -17.07 -7.92 27.49
CA ALA A 206 -18.21 -8.77 27.91
C ALA A 206 -17.70 -10.07 28.47
N LEU A 207 -16.59 -10.55 27.90
CA LEU A 207 -15.98 -11.78 28.37
C LEU A 207 -15.46 -11.61 29.78
N ALA A 208 -14.83 -10.50 30.10
CA ALA A 208 -14.39 -10.25 31.44
C ALA A 208 -15.61 -10.23 32.33
N VAL A 209 -16.66 -9.56 31.87
CA VAL A 209 -17.89 -9.42 32.72
C VAL A 209 -18.53 -10.78 32.97
N SER A 210 -18.42 -11.68 31.99
CA SER A 210 -18.97 -13.01 32.12
C SER A 210 -18.33 -13.78 33.26
N ALA A 211 -17.07 -13.52 33.57
CA ALA A 211 -16.33 -14.11 34.71
C ALA A 211 -16.48 -13.34 36.02
N LEU A 212 -16.61 -12.03 35.94
CA LEU A 212 -16.61 -11.18 37.11
C LEU A 212 -17.95 -10.83 37.74
N SER A 213 -19.03 -10.94 37.00
CA SER A 213 -20.32 -10.55 37.50
C SER A 213 -21.14 -11.82 37.64
N LYS A 214 -21.96 -11.84 38.65
CA LYS A 214 -22.93 -12.92 38.84
C LYS A 214 -24.32 -12.56 38.31
N LYS A 215 -24.55 -11.32 37.82
CA LYS A 215 -25.91 -10.91 37.44
C LYS A 215 -26.30 -11.38 36.02
N ALA A 216 -25.37 -11.51 35.12
CA ALA A 216 -25.74 -11.77 33.72
C ALA A 216 -26.23 -13.20 33.48
N LYS A 217 -27.22 -13.38 32.62
CA LYS A 217 -27.79 -14.70 32.25
C LYS A 217 -27.15 -15.30 31.04
N ALA A 218 -26.56 -14.47 30.16
CA ALA A 218 -26.02 -14.98 28.90
C ALA A 218 -24.98 -13.98 28.36
N LEU A 219 -24.10 -14.51 27.52
CA LEU A 219 -23.04 -13.72 26.89
C LEU A 219 -23.13 -13.76 25.36
N LEU A 220 -23.05 -12.60 24.73
CA LEU A 220 -22.95 -12.54 23.25
C LEU A 220 -21.58 -11.95 22.93
N CYS A 221 -20.67 -12.75 22.34
CA CYS A 221 -19.29 -12.39 22.27
C CYS A 221 -18.82 -12.50 20.83
N ASP A 222 -18.77 -11.36 20.15
CA ASP A 222 -18.46 -11.35 18.70
C ASP A 222 -17.01 -10.93 18.51
N VAL A 223 -16.34 -11.62 17.61
CA VAL A 223 -14.97 -11.38 17.16
C VAL A 223 -14.11 -10.77 18.28
N PRO A 224 -14.03 -11.46 19.43
CA PRO A 224 -13.48 -10.81 20.57
C PRO A 224 -11.99 -10.40 20.48
N PHE A 225 -11.75 -9.21 21.00
CA PHE A 225 -10.44 -8.59 21.17
C PHE A 225 -10.09 -8.85 22.65
N LEU A 226 -8.87 -8.51 23.00
CA LEU A 226 -8.34 -8.64 24.38
C LEU A 226 -8.16 -10.09 24.79
N CYS A 227 -7.76 -10.89 23.82
CA CYS A 227 -7.64 -12.34 24.03
C CYS A 227 -6.32 -12.78 23.52
N HIS A 228 -5.58 -13.44 24.39
CA HIS A 228 -4.43 -14.24 23.97
C HIS A 228 -3.38 -13.31 23.39
N PHE A 229 -3.12 -12.23 24.13
CA PHE A 229 -2.22 -11.14 23.68
C PHE A 229 -0.86 -11.62 23.22
N ARG A 230 -0.20 -12.50 23.98
CA ARG A 230 1.11 -13.02 23.63
C ARG A 230 1.15 -13.63 22.20
N ARG A 231 0.08 -14.31 21.82
CA ARG A 231 0.02 -14.91 20.48
C ARG A 231 -0.43 -13.85 19.46
N ALA A 232 -1.36 -12.96 19.85
CA ALA A 232 -1.88 -11.95 18.95
C ALA A 232 -0.73 -11.17 18.31
N VAL A 233 0.22 -10.75 19.14
CA VAL A 233 1.35 -9.90 18.63
C VAL A 233 2.37 -10.62 17.75
N GLN A 234 2.32 -11.95 17.75
CA GLN A 234 3.12 -12.76 16.86
C GLN A 234 2.47 -12.95 15.52
N LEU A 235 1.15 -12.86 15.48
CA LEU A 235 0.38 -13.25 14.30
C LEU A 235 0.04 -12.08 13.39
N VAL A 236 -0.31 -10.94 13.95
CA VAL A 236 -0.68 -9.83 13.06
C VAL A 236 0.10 -8.59 13.48
N ASP A 237 0.22 -7.63 12.56
CA ASP A 237 0.79 -6.30 12.81
C ASP A 237 -0.28 -5.21 12.71
N THR A 238 -1.52 -5.59 12.72
CA THR A 238 -2.56 -4.59 12.70
C THR A 238 -2.75 -3.96 14.11
N HIS A 239 -3.38 -2.80 14.08
CA HIS A 239 -3.84 -2.11 15.25
C HIS A 239 -5.23 -2.64 15.61
N PRO A 240 -5.60 -2.72 16.90
CA PRO A 240 -4.81 -2.16 18.01
C PRO A 240 -3.77 -3.06 18.68
N TYR A 241 -3.68 -4.34 18.32
CA TYR A 241 -2.67 -5.19 18.98
C TYR A 241 -1.24 -4.70 18.79
N ALA A 242 -0.98 -4.09 17.64
CA ALA A 242 0.32 -3.57 17.34
C ALA A 242 0.77 -2.44 18.30
N GLU A 243 -0.13 -1.82 19.05
CA GLU A 243 0.32 -0.82 20.00
C GLU A 243 1.21 -1.49 21.02
N ILE A 244 0.85 -2.72 21.42
CA ILE A 244 1.63 -3.48 22.38
C ILE A 244 3.00 -3.80 21.79
N THR A 245 3.03 -4.35 20.58
CA THR A 245 4.32 -4.71 19.92
C THR A 245 5.16 -3.46 19.85
N ASN A 246 4.57 -2.36 19.45
CA ASN A 246 5.34 -1.11 19.29
C ASN A 246 5.99 -0.61 20.59
N PHE A 247 5.21 -0.67 21.67
CA PHE A 247 5.71 -0.33 23.01
C PHE A 247 6.90 -1.24 23.30
N LEU A 248 6.80 -2.53 23.02
CA LEU A 248 7.90 -3.47 23.33
C LEU A 248 9.12 -3.25 22.48
N LYS A 249 8.92 -2.85 21.23
CA LYS A 249 10.07 -2.43 20.36
C LYS A 249 10.97 -1.39 20.92
N THR A 250 10.40 -0.47 21.71
CA THR A 250 11.16 0.59 22.36
C THR A 250 11.55 0.20 23.76
N HIS A 251 10.62 -0.34 24.54
CA HIS A 251 10.89 -0.66 25.93
C HIS A 251 11.38 -2.11 25.97
N ARG A 252 12.56 -2.32 25.44
CA ARG A 252 13.04 -3.70 25.17
C ARG A 252 13.28 -4.56 26.43
N ASP A 253 13.38 -3.89 27.57
CA ASP A 253 13.62 -4.41 28.88
C ASP A 253 12.33 -4.79 29.60
N LYS A 254 11.16 -4.61 28.96
CA LYS A 254 9.85 -4.78 29.65
C LYS A 254 8.94 -5.91 29.21
N GLU A 255 9.45 -6.88 28.45
CA GLU A 255 8.66 -7.94 27.93
C GLU A 255 7.97 -8.66 29.06
N GLU A 256 8.72 -9.10 30.09
CA GLU A 256 8.08 -9.94 31.11
C GLU A 256 6.99 -9.19 31.87
N ILE A 257 7.27 -7.95 32.21
CA ILE A 257 6.38 -7.08 32.93
C ILE A 257 5.13 -6.80 32.14
N VAL A 258 5.29 -6.54 30.86
CA VAL A 258 4.13 -6.25 30.02
C VAL A 258 3.16 -7.45 29.91
N PHE A 259 3.70 -8.62 29.62
CA PHE A 259 2.87 -9.84 29.57
C PHE A 259 2.30 -10.28 30.91
N ARG A 260 3.01 -10.01 32.00
CA ARG A 260 2.42 -10.28 33.31
C ARG A 260 1.19 -9.42 33.58
N THR A 261 1.32 -8.13 33.35
CA THR A 261 0.19 -7.25 33.49
C THR A 261 -0.98 -7.73 32.62
N LEU A 262 -0.70 -8.01 31.33
CA LEU A 262 -1.77 -8.33 30.39
C LEU A 262 -2.47 -9.63 30.82
N SER A 263 -1.77 -10.54 31.51
CA SER A 263 -2.39 -11.80 31.90
C SER A 263 -3.62 -11.59 32.82
N TYR A 264 -3.67 -10.50 33.57
CA TYR A 264 -4.84 -10.20 34.42
C TYR A 264 -6.07 -9.74 33.64
N PHE A 265 -5.90 -9.42 32.35
CA PHE A 265 -6.96 -8.89 31.51
C PHE A 265 -7.27 -9.71 30.28
N ASP A 266 -6.68 -10.90 30.20
CA ASP A 266 -6.72 -11.80 29.08
C ASP A 266 -7.99 -12.60 29.06
N GLY A 267 -8.75 -12.41 27.98
CA GLY A 267 -10.02 -13.07 27.79
C GLY A 267 -9.95 -14.59 27.94
N VAL A 268 -8.80 -15.18 27.63
CA VAL A 268 -8.64 -16.60 27.74
C VAL A 268 -8.71 -17.00 29.19
N ASN A 269 -8.19 -16.17 30.09
CA ASN A 269 -8.26 -16.46 31.51
C ASN A 269 -9.63 -16.21 32.10
N PHE A 270 -10.41 -15.29 31.51
CA PHE A 270 -11.74 -15.11 32.02
C PHE A 270 -12.68 -16.19 31.54
N ALA A 271 -12.51 -16.61 30.29
CA ALA A 271 -13.32 -17.71 29.72
C ALA A 271 -13.29 -18.93 30.63
N ALA A 272 -12.10 -19.33 31.05
CA ALA A 272 -11.90 -20.50 31.93
C ALA A 272 -12.78 -20.47 33.20
N ARG A 273 -13.20 -19.27 33.63
CA ARG A 273 -13.98 -19.05 34.82
C ARG A 273 -15.45 -18.76 34.58
N ALA A 274 -15.89 -18.50 33.33
CA ALA A 274 -17.26 -18.13 33.04
C ALA A 274 -18.14 -19.35 32.92
N LYS A 275 -19.36 -19.27 33.42
CA LYS A 275 -20.31 -20.41 33.45
C LYS A 275 -21.62 -20.20 32.72
N ILE A 276 -21.90 -18.96 32.33
CA ILE A 276 -23.18 -18.66 31.73
C ILE A 276 -23.20 -19.05 30.24
N PRO A 277 -24.37 -19.35 29.70
CA PRO A 277 -24.42 -19.76 28.32
C PRO A 277 -24.03 -18.61 27.35
N ALA A 278 -23.31 -19.00 26.31
CA ALA A 278 -22.67 -18.05 25.40
C ALA A 278 -22.83 -18.43 23.95
N LEU A 279 -23.02 -17.40 23.15
CA LEU A 279 -22.96 -17.45 21.70
C LEU A 279 -21.77 -16.56 21.26
N PHE A 280 -20.77 -17.19 20.69
CA PHE A 280 -19.59 -16.54 20.09
C PHE A 280 -19.74 -16.48 18.58
N SER A 281 -18.94 -15.61 17.98
CA SER A 281 -18.80 -15.58 16.54
C SER A 281 -17.34 -15.25 16.18
N VAL A 282 -16.91 -15.71 15.01
CA VAL A 282 -15.52 -15.57 14.55
C VAL A 282 -15.48 -15.46 13.03
N GLY A 283 -14.65 -14.53 12.53
CA GLY A 283 -14.39 -14.41 11.07
C GLY A 283 -13.08 -15.11 10.85
N LEU A 284 -13.03 -16.12 9.96
CA LEU A 284 -11.73 -16.79 9.75
C LEU A 284 -10.67 -15.99 8.99
N MET A 285 -11.08 -14.90 8.37
CA MET A 285 -10.14 -14.02 7.73
C MET A 285 -9.92 -12.69 8.51
N ASP A 286 -10.34 -12.65 9.77
CA ASP A 286 -10.15 -11.47 10.64
C ASP A 286 -8.68 -11.28 11.04
N ASN A 287 -8.08 -10.21 10.55
CA ASN A 287 -6.73 -9.95 10.87
C ASN A 287 -6.55 -8.83 11.93
N ILE A 288 -7.65 -8.40 12.55
CA ILE A 288 -7.62 -7.54 13.75
C ILE A 288 -7.62 -8.44 15.00
N CYS A 289 -8.55 -9.41 15.02
CA CYS A 289 -8.68 -10.39 16.09
C CYS A 289 -8.46 -11.73 15.49
N PRO A 290 -7.21 -12.20 15.49
CA PRO A 290 -6.95 -13.45 14.73
C PRO A 290 -7.67 -14.68 15.24
N PRO A 291 -8.05 -15.57 14.33
CA PRO A 291 -8.88 -16.69 14.76
C PRO A 291 -8.29 -17.54 15.88
N SER A 292 -6.98 -17.69 15.93
CA SER A 292 -6.39 -18.51 17.03
C SER A 292 -6.62 -17.84 18.40
N THR A 293 -6.72 -16.51 18.42
CA THR A 293 -6.90 -15.79 19.66
C THR A 293 -8.33 -15.97 20.11
N VAL A 294 -9.27 -15.91 19.15
CA VAL A 294 -10.69 -16.06 19.46
C VAL A 294 -10.97 -17.53 19.89
N PHE A 295 -10.42 -18.50 19.14
CA PHE A 295 -10.55 -19.91 19.53
C PHE A 295 -9.92 -20.33 20.85
N ALA A 296 -8.79 -19.74 21.21
CA ALA A 296 -8.19 -19.99 22.49
C ALA A 296 -9.15 -19.61 23.60
N ALA A 297 -9.74 -18.41 23.51
CA ALA A 297 -10.79 -18.01 24.46
C ALA A 297 -12.04 -18.94 24.38
N TYR A 298 -12.56 -19.16 23.18
CA TYR A 298 -13.80 -19.94 23.02
C TYR A 298 -13.57 -21.36 23.57
N ASN A 299 -12.41 -21.93 23.27
CA ASN A 299 -12.11 -23.29 23.66
C ASN A 299 -12.00 -23.48 25.13
N TYR A 300 -11.50 -22.47 25.85
CA TYR A 300 -11.41 -22.51 27.32
C TYR A 300 -12.68 -22.07 28.02
N TYR A 301 -13.65 -21.52 27.26
CA TYR A 301 -14.89 -21.03 27.83
C TYR A 301 -15.62 -22.16 28.58
N ALA A 302 -15.82 -21.97 29.87
CA ALA A 302 -16.28 -23.11 30.74
C ALA A 302 -17.78 -23.42 30.71
N GLY A 303 -18.63 -22.46 30.36
CA GLY A 303 -20.09 -22.67 30.27
C GLY A 303 -20.61 -23.30 29.02
N PRO A 304 -21.94 -23.58 28.98
CA PRO A 304 -22.59 -24.04 27.75
C PRO A 304 -22.28 -22.98 26.66
N LYS A 305 -21.83 -23.41 25.51
CA LYS A 305 -21.36 -22.45 24.51
C LYS A 305 -21.59 -22.95 23.08
N GLU A 306 -21.60 -22.03 22.14
CA GLU A 306 -21.59 -22.37 20.70
C GLU A 306 -20.93 -21.24 19.99
N ILE A 307 -20.41 -21.55 18.81
CA ILE A 307 -19.68 -20.52 18.03
C ILE A 307 -20.20 -20.53 16.60
N ARG A 308 -20.53 -19.36 16.07
CA ARG A 308 -20.81 -19.21 14.64
C ARG A 308 -19.56 -18.85 13.86
N ILE A 309 -19.22 -19.67 12.85
CA ILE A 309 -17.93 -19.53 12.17
C ILE A 309 -18.21 -19.00 10.79
N TYR A 310 -17.56 -17.89 10.45
CA TYR A 310 -17.82 -17.23 9.19
C TYR A 310 -16.47 -17.34 8.45
N PRO A 311 -16.33 -18.37 7.60
CA PRO A 311 -15.02 -18.59 7.03
C PRO A 311 -14.55 -17.53 6.02
N TYR A 312 -15.47 -16.77 5.42
CA TYR A 312 -15.09 -15.82 4.39
C TYR A 312 -15.11 -14.41 4.93
N ASN A 313 -15.48 -14.20 6.18
CA ASN A 313 -15.48 -12.87 6.73
C ASN A 313 -14.22 -12.45 7.44
N ASN A 314 -13.94 -11.17 7.36
CA ASN A 314 -12.86 -10.52 8.09
C ASN A 314 -13.53 -10.04 9.39
N HIS A 315 -13.12 -8.87 9.94
CA HIS A 315 -13.46 -8.46 11.30
C HIS A 315 -14.94 -8.10 11.46
N GLU A 316 -15.63 -7.85 10.33
CA GLU A 316 -17.08 -7.67 10.33
C GLU A 316 -17.77 -8.91 10.85
N GLY A 317 -17.10 -10.06 10.81
CA GLY A 317 -17.75 -11.27 11.27
C GLY A 317 -19.02 -11.57 10.51
N GLY A 318 -20.06 -11.95 11.27
CA GLY A 318 -21.30 -12.37 10.67
C GLY A 318 -22.27 -11.25 10.38
N GLY A 319 -21.99 -10.04 10.87
CA GLY A 319 -22.84 -8.88 10.64
C GLY A 319 -24.30 -9.15 10.95
N SER A 320 -25.19 -8.72 10.09
CA SER A 320 -26.61 -8.90 10.31
C SER A 320 -27.03 -10.35 10.39
N PHE A 321 -26.30 -11.28 9.76
CA PHE A 321 -26.61 -12.69 9.94
C PHE A 321 -26.47 -13.10 11.39
N GLN A 322 -25.37 -12.64 11.99
CA GLN A 322 -25.08 -12.93 13.41
C GLN A 322 -26.09 -12.29 14.39
N ALA A 323 -26.52 -11.08 14.08
CA ALA A 323 -27.58 -10.47 14.82
C ALA A 323 -28.90 -11.36 14.83
N VAL A 324 -29.29 -11.91 13.70
CA VAL A 324 -30.43 -12.83 13.67
C VAL A 324 -30.17 -14.00 14.60
N GLU A 325 -28.96 -14.57 14.53
CA GLU A 325 -28.60 -15.72 15.37
C GLU A 325 -28.70 -15.38 16.87
N GLN A 326 -28.39 -14.13 17.22
CA GLN A 326 -28.42 -13.66 18.59
C GLN A 326 -29.85 -13.57 19.07
N VAL A 327 -30.75 -13.06 18.19
CA VAL A 327 -32.17 -12.90 18.55
C VAL A 327 -32.75 -14.30 18.82
N LYS A 328 -32.47 -15.26 17.95
CA LYS A 328 -32.89 -16.64 18.17
C LYS A 328 -32.37 -17.29 19.44
N PHE A 329 -31.09 -17.10 19.72
CA PHE A 329 -30.42 -17.65 20.89
C PHE A 329 -31.07 -17.13 22.19
N LEU A 330 -31.33 -15.83 22.24
CA LEU A 330 -31.96 -15.27 23.43
C LEU A 330 -33.42 -15.68 23.57
N LYS A 331 -34.16 -15.72 22.45
CA LYS A 331 -35.53 -16.18 22.46
C LYS A 331 -35.67 -17.56 23.09
N LYS A 332 -34.89 -18.54 22.63
CA LYS A 332 -34.82 -19.91 23.22
C LYS A 332 -34.45 -19.84 24.70
N LEU A 333 -33.52 -18.98 25.07
CA LEU A 333 -33.04 -18.90 26.43
C LEU A 333 -34.15 -18.41 27.38
N PHE A 334 -34.87 -17.39 26.98
CA PHE A 334 -35.87 -16.77 27.83
C PHE A 334 -37.31 -17.32 27.67
N GLU A 335 -37.59 -18.21 26.72
CA GLU A 335 -38.78 -19.11 26.80
C GLU A 335 -38.53 -20.07 27.98
N PHE B 16 6.94 -14.47 11.46
CA PHE B 16 6.80 -14.98 10.10
C PHE B 16 7.82 -16.09 9.77
N ASP B 17 8.86 -16.22 10.57
CA ASP B 17 9.89 -17.22 10.30
C ASP B 17 9.71 -18.38 11.33
N LEU B 18 10.66 -19.29 11.43
CA LEU B 18 10.66 -20.37 12.47
C LEU B 18 10.53 -19.84 13.87
N PRO B 19 9.81 -20.55 14.75
CA PRO B 19 9.76 -20.15 16.13
C PRO B 19 11.15 -20.25 16.78
N LEU B 20 11.36 -19.51 17.85
CA LEU B 20 12.65 -19.35 18.47
C LEU B 20 13.31 -20.67 18.84
N GLU B 21 12.57 -21.60 19.48
CA GLU B 21 13.14 -22.92 19.79
C GLU B 21 13.78 -23.62 18.56
N GLU B 22 13.19 -23.48 17.40
CA GLU B 22 13.70 -24.09 16.21
C GLU B 22 14.85 -23.26 15.64
N LEU B 23 14.76 -21.93 15.73
CA LEU B 23 15.85 -21.04 15.24
C LEU B 23 17.10 -21.38 15.96
N LYS B 24 16.97 -21.55 17.28
CA LYS B 24 18.13 -21.91 18.03
C LYS B 24 18.79 -23.23 17.62
N LYS B 25 18.06 -24.13 16.96
CA LYS B 25 18.60 -25.41 16.52
C LYS B 25 18.82 -25.43 15.04
N TYR B 26 18.69 -24.28 14.35
CA TYR B 26 18.66 -24.28 12.90
C TYR B 26 20.07 -24.29 12.31
N ARG B 27 20.48 -25.39 11.75
CA ARG B 27 21.90 -25.56 11.38
C ARG B 27 21.85 -26.30 10.09
N PRO B 28 21.34 -25.66 9.01
CA PRO B 28 21.00 -26.36 7.77
C PRO B 28 22.22 -26.80 6.98
N GLU B 29 22.06 -27.72 6.04
CA GLU B 29 23.22 -28.23 5.31
C GLU B 29 23.82 -27.06 4.54
N ARG B 30 25.13 -26.90 4.63
CA ARG B 30 25.80 -25.75 3.97
C ARG B 30 26.06 -26.09 2.53
N TYR B 31 26.09 -25.07 1.70
CA TYR B 31 26.46 -25.24 0.32
C TYR B 31 27.67 -24.34 0.00
N GLU B 32 28.77 -24.93 -0.42
CA GLU B 32 29.92 -24.17 -0.90
C GLU B 32 30.66 -25.02 -1.87
N GLU B 33 31.41 -24.37 -2.76
CA GLU B 33 32.23 -25.09 -3.71
C GLU B 33 33.52 -25.54 -3.03
N LYS B 34 34.13 -26.54 -3.64
CA LYS B 34 35.38 -27.16 -3.19
C LYS B 34 36.51 -26.16 -3.12
N ASP B 35 36.51 -25.17 -3.99
CA ASP B 35 37.52 -24.17 -4.05
C ASP B 35 37.24 -22.83 -3.28
N PHE B 36 36.33 -22.83 -2.31
CA PHE B 36 36.03 -21.65 -1.51
C PHE B 36 37.30 -21.03 -0.88
N ASP B 37 38.11 -21.84 -0.19
CA ASP B 37 39.27 -21.28 0.45
C ASP B 37 40.31 -20.84 -0.52
N GLU B 38 40.52 -21.61 -1.59
CA GLU B 38 41.47 -21.24 -2.63
C GLU B 38 41.10 -19.90 -3.31
N PHE B 39 39.79 -19.70 -3.52
CA PHE B 39 39.29 -18.47 -4.16
C PHE B 39 39.69 -17.32 -3.31
N TRP B 40 39.43 -17.44 -2.03
CA TRP B 40 39.79 -16.32 -1.14
C TRP B 40 41.32 -16.06 -0.90
N GLU B 41 42.09 -17.14 -0.76
CA GLU B 41 43.54 -17.07 -0.53
C GLU B 41 44.17 -16.34 -1.73
N GLU B 42 43.82 -16.72 -2.95
CA GLU B 42 44.36 -16.08 -4.15
C GLU B 42 43.89 -14.61 -4.33
N THR B 43 42.61 -14.37 -4.07
CA THR B 43 42.08 -13.01 -4.02
C THR B 43 42.89 -12.13 -3.07
N LEU B 44 43.07 -12.54 -1.82
CA LEU B 44 43.81 -11.75 -0.88
C LEU B 44 45.31 -11.59 -1.21
N ALA B 45 45.94 -12.68 -1.63
CA ALA B 45 47.33 -12.69 -2.11
C ALA B 45 47.55 -11.67 -3.20
N GLU B 46 46.66 -11.64 -4.18
CA GLU B 46 46.77 -10.70 -5.28
C GLU B 46 46.67 -9.24 -4.82
N SER B 47 45.72 -8.96 -3.93
CA SER B 47 45.56 -7.60 -3.48
C SER B 47 46.70 -7.14 -2.54
N GLU B 48 47.33 -8.11 -1.87
CA GLU B 48 48.50 -7.79 -1.01
C GLU B 48 49.74 -7.42 -1.82
N LYS B 49 49.77 -7.71 -3.10
CA LYS B 49 50.89 -7.24 -3.98
C LYS B 49 50.97 -5.77 -4.12
N PHE B 50 49.90 -5.00 -3.83
CA PHE B 50 49.87 -3.58 -3.94
C PHE B 50 50.20 -2.97 -2.61
N PRO B 51 50.96 -1.86 -2.57
CA PRO B 51 51.28 -1.30 -1.23
C PRO B 51 50.02 -0.82 -0.57
N LEU B 52 49.88 -1.10 0.72
CA LEU B 52 48.74 -0.56 1.47
C LEU B 52 48.65 0.98 1.44
N ASP B 53 49.80 1.61 1.65
CA ASP B 53 49.99 3.05 1.66
C ASP B 53 48.81 3.77 2.35
N PRO B 54 48.61 3.48 3.62
CA PRO B 54 47.46 4.08 4.32
C PRO B 54 47.79 5.52 4.61
N VAL B 55 46.92 6.43 4.22
CA VAL B 55 47.16 7.84 4.36
C VAL B 55 46.17 8.45 5.36
N PHE B 56 46.71 9.09 6.41
CA PHE B 56 45.88 9.68 7.47
C PHE B 56 46.07 11.17 7.47
N GLU B 57 45.13 11.88 6.92
CA GLU B 57 45.19 13.29 6.89
C GLU B 57 44.27 13.95 7.90
N ARG B 58 44.88 14.62 8.87
CA ARG B 58 44.15 15.37 9.90
C ARG B 58 43.20 16.37 9.24
N MET B 59 41.93 16.30 9.62
CA MET B 59 40.80 16.94 8.88
C MET B 59 40.40 18.08 9.75
N GLU B 60 40.49 19.33 9.28
CA GLU B 60 40.01 20.51 10.06
C GLU B 60 38.54 20.26 10.38
N SER B 61 38.23 20.34 11.66
CA SER B 61 36.95 19.85 12.18
C SER B 61 36.45 20.77 13.30
N HIS B 62 35.14 20.87 13.42
CA HIS B 62 34.55 21.52 14.60
C HIS B 62 34.52 20.62 15.83
N LEU B 63 34.83 19.34 15.66
CA LEU B 63 34.86 18.39 16.76
C LEU B 63 35.97 18.77 17.75
N LYS B 64 35.65 18.62 19.03
CA LYS B 64 36.50 19.02 20.19
C LYS B 64 36.93 17.89 21.06
N THR B 65 36.18 16.82 21.17
CA THR B 65 36.60 15.67 22.00
C THR B 65 37.30 14.59 21.18
N VAL B 66 37.26 14.74 19.85
CA VAL B 66 37.81 13.74 18.96
C VAL B 66 38.66 14.38 17.88
N GLU B 67 39.72 13.69 17.44
CA GLU B 67 40.56 14.14 16.29
C GLU B 67 40.12 13.27 15.10
N ALA B 68 39.76 13.91 14.00
CA ALA B 68 39.27 13.26 12.83
C ALA B 68 40.34 13.27 11.70
N TYR B 69 40.45 12.15 11.03
CA TYR B 69 41.37 12.04 9.88
C TYR B 69 40.64 11.48 8.68
N ASP B 70 40.90 12.07 7.54
CA ASP B 70 40.55 11.53 6.22
C ASP B 70 41.48 10.36 5.91
N VAL B 71 40.94 9.19 5.57
CA VAL B 71 41.74 7.99 5.36
C VAL B 71 41.69 7.61 3.90
N THR B 72 42.84 7.19 3.36
CA THR B 72 42.88 6.56 2.04
C THR B 72 43.73 5.35 2.18
N PHE B 73 43.31 4.20 1.64
CA PHE B 73 44.12 3.00 1.73
C PHE B 73 43.84 2.11 0.53
N SER B 74 44.77 1.20 0.24
CA SER B 74 44.64 0.29 -0.91
C SER B 74 43.83 -0.95 -0.55
N GLY B 75 42.68 -1.09 -1.22
CA GLY B 75 41.82 -2.23 -1.05
C GLY B 75 42.02 -3.24 -2.15
N TYR B 76 40.93 -3.64 -2.76
CA TYR B 76 40.95 -4.64 -3.81
C TYR B 76 41.82 -4.17 -5.01
N ARG B 77 42.82 -4.99 -5.36
CA ARG B 77 43.71 -4.73 -6.49
C ARG B 77 44.33 -3.32 -6.45
N GLY B 78 44.67 -2.88 -5.27
CA GLY B 78 45.20 -1.57 -5.13
C GLY B 78 44.29 -0.40 -5.24
N GLN B 79 43.00 -0.59 -5.43
CA GLN B 79 42.12 0.52 -5.59
C GLN B 79 42.00 1.33 -4.31
N ARG B 80 41.94 2.63 -4.43
CA ARG B 80 42.12 3.47 -3.27
C ARG B 80 40.75 3.81 -2.67
N ILE B 81 40.59 3.46 -1.40
CA ILE B 81 39.32 3.46 -0.70
C ILE B 81 39.39 4.53 0.37
N LYS B 82 38.30 5.25 0.53
CA LYS B 82 38.21 6.29 1.55
C LYS B 82 37.73 5.77 2.87
N GLY B 83 37.96 6.57 3.91
CA GLY B 83 37.47 6.20 5.26
C GLY B 83 37.60 7.38 6.19
N TRP B 84 37.13 7.23 7.42
CA TRP B 84 37.48 8.20 8.44
C TRP B 84 38.18 7.46 9.55
N LEU B 85 39.04 8.19 10.25
CA LEU B 85 39.65 7.73 11.48
C LEU B 85 39.31 8.72 12.56
N LEU B 86 38.64 8.27 13.62
CA LEU B 86 38.22 9.12 14.68
C LEU B 86 38.90 8.67 15.96
N VAL B 87 39.65 9.57 16.57
CA VAL B 87 40.50 9.25 17.74
C VAL B 87 40.03 10.11 18.88
N PRO B 88 39.51 9.49 19.95
CA PRO B 88 39.15 10.29 21.10
C PRO B 88 40.40 10.90 21.80
N LYS B 89 40.26 12.12 22.30
CA LYS B 89 41.30 12.85 23.01
C LYS B 89 41.38 12.30 24.40
N LEU B 90 42.21 11.28 24.57
CA LEU B 90 42.45 10.70 25.87
C LEU B 90 43.96 10.64 26.13
N GLU B 91 44.33 10.38 27.39
CA GLU B 91 45.74 10.30 27.81
C GLU B 91 46.45 9.01 27.36
N GLU B 92 45.76 7.87 27.29
CA GLU B 92 46.42 6.59 26.97
C GLU B 92 47.32 6.59 25.69
N GLU B 93 48.46 5.89 25.73
CA GLU B 93 49.41 5.79 24.58
C GLU B 93 48.84 4.89 23.49
N LYS B 94 48.18 3.79 23.88
CA LYS B 94 47.53 2.85 22.93
C LYS B 94 46.04 2.72 23.30
N LEU B 95 45.20 2.69 22.25
CA LEU B 95 43.74 2.63 22.37
C LEU B 95 43.18 1.46 21.61
N PRO B 96 42.10 0.86 22.15
CA PRO B 96 41.43 -0.17 21.40
C PRO B 96 40.76 0.51 20.16
N CYS B 97 40.32 -0.29 19.20
CA CYS B 97 39.91 0.19 17.83
C CYS B 97 38.76 -0.63 17.33
N VAL B 98 37.73 0.05 16.81
CA VAL B 98 36.60 -0.59 16.12
C VAL B 98 36.66 -0.14 14.66
N VAL B 99 36.73 -1.11 13.78
CA VAL B 99 36.65 -0.95 12.33
C VAL B 99 35.16 -1.15 12.02
N GLN B 100 34.58 -0.07 11.54
CA GLN B 100 33.12 0.00 11.30
C GLN B 100 32.82 -0.10 9.81
N TYR B 101 31.98 -1.06 9.43
CA TYR B 101 31.49 -1.27 8.06
C TYR B 101 30.05 -0.80 8.04
N ILE B 102 29.59 -0.41 6.86
CA ILE B 102 28.40 0.42 6.71
C ILE B 102 27.30 -0.34 5.94
N GLY B 103 26.05 0.00 6.30
CA GLY B 103 24.87 -0.62 5.74
C GLY B 103 24.64 -0.26 4.27
N TYR B 104 23.81 -1.08 3.64
CA TYR B 104 23.49 -0.97 2.22
C TYR B 104 23.01 0.42 1.79
N ASN B 105 23.58 0.93 0.70
CA ASN B 105 23.29 2.28 0.22
C ASN B 105 23.84 3.39 1.09
N GLY B 106 24.65 3.09 2.09
CA GLY B 106 25.32 4.12 2.81
C GLY B 106 26.77 4.34 2.35
N GLY B 107 27.39 5.30 2.96
CA GLY B 107 28.78 5.61 2.76
C GLY B 107 29.31 6.26 4.02
N ARG B 108 30.57 6.68 3.93
CA ARG B 108 31.28 7.19 5.12
C ARG B 108 30.71 8.46 5.71
N GLY B 109 29.88 9.18 4.97
CA GLY B 109 29.25 10.37 5.48
C GLY B 109 30.23 11.42 6.01
N PHE B 110 29.89 11.97 7.16
CA PHE B 110 30.76 12.97 7.79
C PHE B 110 31.42 12.36 9.05
N PRO B 111 32.52 12.97 9.49
CA PRO B 111 33.16 12.45 10.70
C PRO B 111 32.22 12.34 11.89
N HIS B 112 31.40 13.38 12.08
CA HIS B 112 30.43 13.40 13.19
C HIS B 112 29.29 12.34 13.20
N ASP B 113 29.15 11.58 12.09
CA ASP B 113 28.18 10.53 12.02
C ASP B 113 28.59 9.32 12.81
N TRP B 114 29.85 9.27 13.32
CA TRP B 114 30.39 8.04 13.87
C TRP B 114 30.96 8.23 15.31
N LEU B 115 30.24 9.00 16.13
CA LEU B 115 30.80 9.42 17.43
C LEU B 115 30.68 8.43 18.57
N PHE B 116 29.91 7.35 18.38
CA PHE B 116 29.70 6.41 19.48
C PHE B 116 30.98 5.77 20.05
N TRP B 117 31.72 5.10 19.19
CA TRP B 117 32.87 4.34 19.63
C TRP B 117 33.98 5.20 20.19
N PRO B 118 34.32 6.36 19.53
CA PRO B 118 35.25 7.32 20.11
C PRO B 118 34.82 7.78 21.47
N SER B 119 33.52 8.01 21.66
CA SER B 119 33.04 8.52 22.96
C SER B 119 33.20 7.47 24.07
N MET B 120 33.09 6.20 23.71
CA MET B 120 33.39 5.08 24.53
C MET B 120 34.92 4.72 24.64
N GLY B 121 35.80 5.56 24.14
CA GLY B 121 37.27 5.45 24.34
C GLY B 121 37.97 4.59 23.27
N TYR B 122 37.24 4.31 22.16
CA TYR B 122 37.75 3.47 21.05
C TYR B 122 38.10 4.34 19.86
N ILE B 123 39.30 4.15 19.32
CA ILE B 123 39.58 4.68 17.99
C ILE B 123 38.56 4.00 17.01
N CYS B 124 37.96 4.77 16.11
CA CYS B 124 37.03 4.18 15.16
C CYS B 124 37.51 4.39 13.74
N PHE B 125 37.67 3.29 13.01
CA PHE B 125 38.07 3.37 11.61
C PHE B 125 36.77 3.07 10.80
N VAL B 126 36.30 4.05 10.06
CA VAL B 126 35.05 3.89 9.30
C VAL B 126 35.40 3.65 7.86
N MET B 127 35.07 2.45 7.32
CA MET B 127 35.41 2.16 5.96
C MET B 127 34.29 2.64 5.00
N ASP B 128 34.64 3.47 4.03
CA ASP B 128 33.65 3.84 2.97
C ASP B 128 33.36 2.65 2.10
N THR B 129 32.16 2.62 1.47
CA THR B 129 31.72 1.47 0.67
C THR B 129 31.70 1.83 -0.81
N ARG B 130 32.54 1.10 -1.54
CA ARG B 130 32.81 1.37 -2.94
C ARG B 130 31.47 1.40 -3.77
N GLY B 131 31.23 2.56 -4.38
CA GLY B 131 30.17 2.66 -5.40
C GLY B 131 28.80 2.90 -4.85
N GLN B 132 28.63 2.95 -3.53
CA GLN B 132 27.29 3.06 -2.91
C GLN B 132 27.12 4.48 -2.50
N GLY B 133 26.97 4.79 -1.22
CA GLY B 133 27.00 6.18 -0.82
C GLY B 133 25.90 7.13 -1.34
N SER B 134 24.71 6.65 -1.67
CA SER B 134 23.74 7.52 -2.34
C SER B 134 22.32 7.27 -1.90
N GLY B 135 22.08 6.43 -0.92
CA GLY B 135 20.71 6.14 -0.45
C GLY B 135 20.36 6.91 0.83
N TRP B 136 21.16 6.76 1.86
CA TRP B 136 20.79 7.39 3.14
C TRP B 136 21.92 8.18 3.80
N LEU B 137 23.17 8.01 3.34
CA LEU B 137 24.32 8.70 3.80
C LEU B 137 25.34 8.70 2.64
N LYS B 138 25.97 9.86 2.41
CA LYS B 138 26.84 10.01 1.26
C LYS B 138 28.15 9.27 1.40
N GLY B 139 28.70 8.93 0.25
CA GLY B 139 29.96 8.25 0.16
C GLY B 139 30.79 8.86 -0.92
N ASP B 140 32.08 8.56 -0.89
CA ASP B 140 33.10 9.22 -1.72
C ASP B 140 34.00 8.27 -2.50
N THR B 141 33.75 6.96 -2.44
CA THR B 141 34.60 5.98 -3.07
C THR B 141 33.90 5.30 -4.26
N PRO B 142 34.57 5.22 -5.39
CA PRO B 142 34.01 4.56 -6.56
C PRO B 142 34.25 3.08 -6.53
N ASP B 143 33.48 2.35 -7.34
CA ASP B 143 33.76 0.95 -7.61
C ASP B 143 34.64 0.92 -8.91
N TYR B 144 35.32 -0.19 -9.16
CA TYR B 144 36.02 -0.49 -10.43
C TYR B 144 35.79 -1.92 -10.73
N PRO B 145 35.08 -2.20 -11.80
CA PRO B 145 34.76 -3.58 -12.18
C PRO B 145 35.95 -4.41 -12.76
N GLY B 147 36.18 -5.92 -15.79
CA GLY B 147 36.13 -4.96 -16.89
C GLY B 147 34.70 -4.66 -17.37
N PRO B 148 34.05 -5.63 -18.07
CA PRO B 148 32.64 -5.45 -18.50
C PRO B 148 31.74 -5.48 -17.28
N VAL B 149 30.71 -4.66 -17.27
CA VAL B 149 29.73 -4.62 -16.17
C VAL B 149 28.47 -5.29 -16.73
N ASP B 150 28.29 -6.56 -16.43
CA ASP B 150 27.27 -7.37 -17.05
C ASP B 150 25.88 -6.84 -16.80
N PRO B 151 24.90 -7.26 -17.63
CA PRO B 151 23.49 -7.07 -17.35
C PRO B 151 23.23 -7.33 -15.91
N GLN B 152 22.58 -6.40 -15.25
CA GLN B 152 22.27 -6.56 -13.83
C GLN B 152 20.97 -5.90 -13.48
N TYR B 153 20.36 -6.35 -12.36
CA TYR B 153 19.23 -5.63 -11.78
C TYR B 153 19.76 -4.43 -11.03
N PRO B 154 19.01 -3.33 -10.98
CA PRO B 154 19.47 -2.17 -10.19
C PRO B 154 19.93 -2.47 -8.78
N GLY B 155 21.13 -1.93 -8.45
CA GLY B 155 21.73 -2.07 -7.14
C GLY B 155 23.01 -2.82 -7.20
N PHE B 156 23.37 -3.37 -6.07
CA PHE B 156 24.71 -3.98 -5.86
C PHE B 156 24.69 -5.49 -5.77
N MET B 157 23.53 -6.04 -5.42
CA MET B 157 23.44 -7.46 -5.16
C MET B 157 23.65 -8.34 -6.35
N THR B 158 23.38 -7.84 -7.57
CA THR B 158 23.53 -8.66 -8.74
C THR B 158 24.64 -8.20 -9.64
N ARG B 159 25.39 -7.20 -9.17
CA ARG B 159 26.51 -6.68 -9.92
C ARG B 159 27.66 -7.72 -10.09
N GLY B 160 27.80 -8.25 -11.32
CA GLY B 160 28.81 -9.24 -11.63
C GLY B 160 28.56 -10.64 -11.09
N ILE B 161 27.30 -10.94 -10.89
CA ILE B 161 26.86 -12.17 -10.20
C ILE B 161 27.02 -13.45 -10.99
N LEU B 162 27.28 -13.35 -12.28
CA LEU B 162 27.46 -14.58 -13.04
C LEU B 162 28.82 -15.27 -12.83
N ASP B 163 29.72 -14.67 -12.06
CA ASP B 163 31.06 -15.28 -11.79
C ASP B 163 31.57 -14.67 -10.49
N PRO B 164 32.04 -15.52 -9.55
CA PRO B 164 32.54 -15.02 -8.31
C PRO B 164 33.77 -14.07 -8.52
N ARG B 165 34.53 -14.25 -9.58
CA ARG B 165 35.67 -13.34 -9.83
C ARG B 165 35.19 -11.94 -10.18
N THR B 166 34.00 -11.80 -10.74
CA THR B 166 33.47 -10.47 -11.10
C THR B 166 32.53 -9.92 -10.09
N TYR B 167 32.20 -10.67 -9.07
CA TYR B 167 31.10 -10.23 -8.20
C TYR B 167 31.51 -9.06 -7.30
N TYR B 168 30.58 -8.10 -7.20
CA TYR B 168 30.77 -6.86 -6.46
C TYR B 168 31.36 -7.08 -5.02
N TYR B 169 30.84 -8.06 -4.30
CA TYR B 169 31.27 -8.26 -2.88
C TYR B 169 32.68 -8.87 -2.79
N ARG B 170 33.20 -9.47 -3.87
CA ARG B 170 34.61 -9.90 -3.84
C ARG B 170 35.48 -8.67 -3.53
N ARG B 171 35.10 -7.53 -4.12
CA ARG B 171 35.87 -6.29 -4.03
C ARG B 171 35.63 -5.61 -2.69
N VAL B 172 34.36 -5.58 -2.23
CA VAL B 172 34.07 -5.00 -0.94
C VAL B 172 34.77 -5.77 0.19
N PHE B 173 34.62 -7.09 0.20
CA PHE B 173 35.18 -7.87 1.27
C PHE B 173 36.70 -7.78 1.28
N THR B 174 37.34 -7.66 0.10
CA THR B 174 38.77 -7.43 0.08
C THR B 174 39.15 -6.10 0.67
N ASP B 175 38.41 -5.05 0.29
CA ASP B 175 38.63 -3.74 0.77
C ASP B 175 38.55 -3.83 2.31
N ALA B 176 37.54 -4.57 2.77
CA ALA B 176 37.24 -4.62 4.23
C ALA B 176 38.34 -5.29 5.06
N VAL B 177 38.93 -6.33 4.51
CA VAL B 177 40.16 -7.00 5.13
C VAL B 177 41.32 -6.04 5.16
N ARG B 178 41.57 -5.33 4.02
CA ARG B 178 42.61 -4.30 3.96
C ARG B 178 42.37 -3.14 4.93
N ALA B 179 41.10 -2.80 5.23
CA ALA B 179 40.79 -1.79 6.16
C ALA B 179 41.35 -2.10 7.56
N VAL B 180 41.23 -3.33 7.97
CA VAL B 180 41.74 -3.75 9.27
C VAL B 180 43.29 -3.56 9.31
N GLU B 181 43.95 -3.92 8.21
CA GLU B 181 45.41 -3.69 8.08
C GLU B 181 45.72 -2.22 8.18
N ALA B 182 44.93 -1.37 7.51
CA ALA B 182 45.07 0.04 7.60
C ALA B 182 44.87 0.63 9.01
N ALA B 183 43.80 0.24 9.66
CA ALA B 183 43.54 0.65 11.06
C ALA B 183 44.74 0.24 11.94
N ALA B 184 45.17 -0.98 11.79
CA ALA B 184 46.30 -1.52 12.58
C ALA B 184 47.57 -0.78 12.39
N SER B 185 47.76 -0.19 11.22
CA SER B 185 48.94 0.66 10.96
C SER B 185 48.96 1.96 11.72
N PHE B 186 47.81 2.44 12.23
CA PHE B 186 47.83 3.72 12.91
C PHE B 186 48.58 3.61 14.28
N PRO B 187 49.57 4.44 14.52
CA PRO B 187 50.48 4.19 15.65
C PRO B 187 49.78 4.05 17.01
N GLN B 188 48.71 4.79 17.26
CA GLN B 188 48.02 4.69 18.57
C GLN B 188 47.13 3.47 18.74
N VAL B 189 46.87 2.71 17.68
CA VAL B 189 46.01 1.54 17.81
C VAL B 189 46.66 0.37 18.53
N ASP B 190 45.93 -0.16 19.47
CA ASP B 190 46.35 -1.37 20.13
C ASP B 190 45.96 -2.56 19.29
N GLN B 191 46.96 -3.23 18.72
CA GLN B 191 46.69 -4.35 17.82
C GLN B 191 46.14 -5.59 18.48
N GLU B 192 46.24 -5.69 19.80
CA GLU B 192 45.53 -6.70 20.53
C GLU B 192 44.01 -6.46 20.69
N ARG B 193 43.53 -5.25 20.43
CA ARG B 193 42.13 -4.92 20.67
C ARG B 193 41.49 -4.22 19.42
N ILE B 194 41.62 -4.88 18.30
CA ILE B 194 40.94 -4.46 17.05
C ILE B 194 39.67 -5.23 16.91
N VAL B 195 38.56 -4.50 16.95
CA VAL B 195 37.23 -5.04 16.79
C VAL B 195 36.73 -4.72 15.36
N ILE B 196 36.04 -5.67 14.75
CA ILE B 196 35.34 -5.45 13.51
C ILE B 196 33.80 -5.47 13.79
N ALA B 197 33.08 -4.50 13.21
CA ALA B 197 31.70 -4.29 13.60
C ALA B 197 30.87 -3.85 12.37
N GLY B 198 29.65 -4.32 12.36
CA GLY B 198 28.61 -3.74 11.51
C GLY B 198 27.24 -4.32 11.69
N GLY B 199 26.28 -3.60 11.12
CA GLY B 199 24.87 -4.05 11.08
C GLY B 199 24.40 -4.22 9.64
N SER B 200 23.67 -5.31 9.42
CA SER B 200 23.02 -5.63 8.13
C SER B 200 24.15 -5.81 7.10
N GLN B 201 24.19 -5.02 6.02
CA GLN B 201 25.35 -5.12 5.08
C GLN B 201 26.66 -5.03 5.87
N GLY B 202 26.74 -4.13 6.83
CA GLY B 202 27.89 -4.00 7.72
C GLY B 202 28.28 -5.28 8.47
N GLY B 203 27.27 -5.98 8.93
CA GLY B 203 27.39 -7.25 9.62
C GLY B 203 27.83 -8.36 8.74
N GLY B 204 27.29 -8.44 7.52
CA GLY B 204 27.73 -9.44 6.56
C GLY B 204 29.19 -9.25 6.11
N ILE B 205 29.58 -7.98 5.95
CA ILE B 205 30.96 -7.67 5.62
C ILE B 205 31.84 -8.07 6.83
N ALA B 206 31.46 -7.63 8.02
CA ALA B 206 32.21 -8.00 9.25
C ALA B 206 32.32 -9.51 9.43
N LEU B 207 31.28 -10.27 9.07
CA LEU B 207 31.36 -11.74 9.14
C LEU B 207 32.41 -12.33 8.19
N ALA B 208 32.43 -11.90 6.92
CA ALA B 208 33.48 -12.21 5.99
C ALA B 208 34.86 -11.85 6.62
N VAL B 209 35.02 -10.65 7.14
CA VAL B 209 36.35 -10.21 7.65
C VAL B 209 36.74 -11.10 8.85
N SER B 210 35.76 -11.54 9.65
CA SER B 210 36.07 -12.41 10.79
C SER B 210 36.73 -13.72 10.37
N ALA B 211 36.46 -14.19 9.17
CA ALA B 211 37.05 -15.41 8.64
C ALA B 211 38.31 -15.12 7.85
N LEU B 212 38.41 -13.93 7.27
CA LEU B 212 39.48 -13.64 6.31
C LEU B 212 40.63 -12.83 6.85
N SER B 213 40.40 -12.00 7.86
CA SER B 213 41.46 -11.18 8.34
C SER B 213 42.30 -11.93 9.40
N LYS B 214 43.60 -11.73 9.38
CA LYS B 214 44.42 -12.39 10.41
C LYS B 214 44.64 -11.46 11.61
N LYS B 215 44.07 -10.24 11.53
CA LYS B 215 44.30 -9.19 12.49
C LYS B 215 43.14 -8.82 13.41
N ALA B 216 41.93 -9.11 12.99
CA ALA B 216 40.74 -8.85 13.82
C ALA B 216 40.79 -9.69 15.10
N LYS B 217 40.41 -9.09 16.23
CA LYS B 217 40.39 -9.75 17.52
C LYS B 217 39.00 -10.05 18.10
N ALA B 218 37.96 -9.32 17.63
CA ALA B 218 36.59 -9.54 18.07
C ALA B 218 35.61 -8.97 17.03
N LEU B 219 34.44 -9.54 17.00
CA LEU B 219 33.37 -9.23 16.02
C LEU B 219 32.09 -8.83 16.73
N LEU B 220 31.50 -7.75 16.26
CA LEU B 220 30.18 -7.27 16.59
C LEU B 220 29.36 -7.36 15.29
N CYS B 221 28.41 -8.28 15.29
CA CYS B 221 27.70 -8.63 14.12
C CYS B 221 26.20 -8.48 14.32
N ASP B 222 25.65 -7.35 13.88
CA ASP B 222 24.22 -7.04 14.14
C ASP B 222 23.36 -7.32 12.92
N VAL B 223 22.22 -7.99 13.11
CA VAL B 223 21.12 -8.20 12.15
C VAL B 223 21.73 -8.47 10.71
N PRO B 224 22.64 -9.44 10.62
CA PRO B 224 23.50 -9.58 9.45
C PRO B 224 22.78 -9.92 8.18
N PHE B 225 23.19 -9.17 7.16
CA PHE B 225 22.76 -9.35 5.76
C PHE B 225 23.87 -10.18 5.08
N LEU B 226 23.64 -10.60 3.84
CA LEU B 226 24.59 -11.40 3.07
C LEU B 226 24.74 -12.80 3.66
N CYS B 227 23.65 -13.32 4.18
CA CYS B 227 23.65 -14.69 4.84
C CYS B 227 22.54 -15.53 4.31
N HIS B 228 22.86 -16.76 3.89
CA HIS B 228 21.89 -17.80 3.60
C HIS B 228 20.92 -17.33 2.50
N PHE B 229 21.53 -16.88 1.40
CA PHE B 229 20.83 -16.22 0.31
C PHE B 229 19.73 -17.08 -0.23
N ARG B 230 19.99 -18.39 -0.39
CA ARG B 230 19.01 -19.23 -1.08
C ARG B 230 17.72 -19.32 -0.27
N ARG B 231 17.81 -19.33 1.02
CA ARG B 231 16.67 -19.32 1.85
C ARG B 231 16.10 -17.88 1.99
N ALA B 232 16.95 -16.84 2.06
CA ALA B 232 16.48 -15.45 2.18
C ALA B 232 15.42 -15.11 1.09
N VAL B 233 15.68 -15.49 -0.14
CA VAL B 233 14.76 -15.16 -1.22
C VAL B 233 13.46 -15.95 -1.25
N GLN B 234 13.36 -17.07 -0.53
CA GLN B 234 12.15 -17.80 -0.32
C GLN B 234 11.32 -17.25 0.79
N LEU B 235 11.91 -16.47 1.70
CA LEU B 235 11.20 -16.04 2.88
C LEU B 235 10.63 -14.65 2.76
N VAL B 236 11.36 -13.75 2.11
CA VAL B 236 10.96 -12.34 2.10
C VAL B 236 11.01 -11.81 0.68
N ASP B 237 10.22 -10.76 0.42
CA ASP B 237 10.20 -10.12 -0.89
C ASP B 237 10.73 -8.70 -0.82
N THR B 238 11.39 -8.37 0.30
CA THR B 238 11.98 -7.09 0.52
C THR B 238 13.32 -6.93 -0.16
N HIS B 239 13.64 -5.66 -0.39
CA HIS B 239 14.96 -5.24 -0.78
C HIS B 239 15.87 -5.18 0.45
N PRO B 240 17.16 -5.52 0.30
CA PRO B 240 17.80 -5.74 -1.03
C PRO B 240 17.83 -7.21 -1.48
N TYR B 241 17.39 -8.18 -0.66
CA TYR B 241 17.45 -9.57 -1.16
C TYR B 241 16.64 -9.73 -2.47
N ALA B 242 15.54 -8.97 -2.59
CA ALA B 242 14.70 -9.05 -3.79
C ALA B 242 15.38 -8.65 -5.09
N GLU B 243 16.51 -7.92 -5.04
CA GLU B 243 17.32 -7.71 -6.26
C GLU B 243 17.68 -9.08 -6.91
N ILE B 244 18.08 -10.02 -6.08
CA ILE B 244 18.45 -11.34 -6.55
C ILE B 244 17.25 -12.07 -7.16
N THR B 245 16.12 -12.05 -6.43
CA THR B 245 14.91 -12.70 -6.98
C THR B 245 14.51 -12.12 -8.36
N ASN B 246 14.58 -10.80 -8.47
CA ASN B 246 14.13 -10.10 -9.66
C ASN B 246 15.07 -10.37 -10.80
N PHE B 247 16.37 -10.49 -10.52
CA PHE B 247 17.36 -10.96 -11.56
C PHE B 247 17.00 -12.37 -12.06
N LEU B 248 16.70 -13.28 -11.14
CA LEU B 248 16.35 -14.68 -11.48
C LEU B 248 15.00 -14.79 -12.20
N LYS B 249 14.06 -13.91 -11.88
CA LYS B 249 12.76 -13.85 -12.58
C LYS B 249 12.88 -13.59 -14.07
N THR B 250 13.94 -12.90 -14.46
CA THR B 250 14.28 -12.61 -15.83
C THR B 250 15.30 -13.56 -16.40
N HIS B 251 16.42 -13.82 -15.69
CA HIS B 251 17.44 -14.72 -16.17
C HIS B 251 17.12 -16.13 -15.68
N ARG B 252 16.10 -16.71 -16.26
CA ARG B 252 15.53 -17.95 -15.70
C ARG B 252 16.41 -19.18 -15.89
N ASP B 253 17.41 -19.07 -16.75
CA ASP B 253 18.36 -20.09 -17.05
C ASP B 253 19.59 -20.02 -16.10
N LYS B 254 19.59 -19.13 -15.11
CA LYS B 254 20.84 -18.83 -14.35
C LYS B 254 20.76 -19.13 -12.90
N GLU B 255 19.73 -19.88 -12.44
CA GLU B 255 19.57 -20.12 -11.00
C GLU B 255 20.83 -20.78 -10.42
N GLU B 256 21.30 -21.85 -11.07
CA GLU B 256 22.50 -22.57 -10.54
C GLU B 256 23.73 -21.70 -10.45
N ILE B 257 24.04 -20.97 -11.51
CA ILE B 257 25.23 -20.09 -11.60
C ILE B 257 25.13 -18.98 -10.53
N VAL B 258 23.94 -18.40 -10.37
CA VAL B 258 23.77 -17.30 -9.40
C VAL B 258 24.02 -17.82 -8.00
N PHE B 259 23.44 -18.97 -7.63
CA PHE B 259 23.68 -19.45 -6.26
C PHE B 259 25.05 -20.01 -6.04
N ARG B 260 25.65 -20.56 -7.09
CA ARG B 260 27.07 -20.91 -7.00
C ARG B 260 27.98 -19.70 -6.71
N THR B 261 27.78 -18.62 -7.46
CA THR B 261 28.51 -17.41 -7.21
C THR B 261 28.30 -16.94 -5.77
N LEU B 262 27.03 -16.87 -5.35
CA LEU B 262 26.68 -16.32 -4.05
C LEU B 262 27.26 -17.19 -2.92
N SER B 263 27.50 -18.49 -3.16
CA SER B 263 28.04 -19.34 -2.09
C SER B 263 29.45 -18.89 -1.59
N TYR B 264 30.19 -18.18 -2.41
CA TYR B 264 31.53 -17.74 -2.06
C TYR B 264 31.49 -16.51 -1.15
N PHE B 265 30.30 -15.91 -0.96
CA PHE B 265 30.14 -14.64 -0.25
C PHE B 265 29.16 -14.75 0.92
N ASP B 266 28.73 -15.96 1.20
CA ASP B 266 27.66 -16.23 2.13
C ASP B 266 28.23 -16.25 3.54
N GLY B 267 27.71 -15.35 4.37
CA GLY B 267 28.08 -15.23 5.78
C GLY B 267 28.08 -16.55 6.56
N VAL B 268 27.22 -17.47 6.20
CA VAL B 268 27.13 -18.78 6.86
C VAL B 268 28.45 -19.57 6.63
N ASN B 269 28.98 -19.44 5.43
CA ASN B 269 30.20 -20.11 5.05
C ASN B 269 31.46 -19.52 5.69
N PHE B 270 31.45 -18.20 5.90
CA PHE B 270 32.48 -17.50 6.63
C PHE B 270 32.36 -17.83 8.11
N ALA B 271 31.12 -17.81 8.61
CA ALA B 271 30.87 -18.06 10.07
C ALA B 271 31.57 -19.39 10.50
N ALA B 272 31.42 -20.43 9.67
CA ALA B 272 31.98 -21.77 10.00
C ALA B 272 33.52 -21.73 10.10
N ARG B 273 34.17 -20.73 9.52
CA ARG B 273 35.62 -20.59 9.60
C ARG B 273 36.15 -19.55 10.56
N ALA B 274 35.29 -18.80 11.22
CA ALA B 274 35.79 -17.65 11.98
C ALA B 274 36.12 -18.13 13.43
N LYS B 275 37.13 -17.55 14.07
CA LYS B 275 37.63 -18.09 15.38
C LYS B 275 37.60 -17.09 16.46
N ILE B 276 37.39 -15.84 16.11
CA ILE B 276 37.43 -14.76 17.08
C ILE B 276 36.11 -14.67 17.88
N PRO B 277 36.16 -14.15 19.13
CA PRO B 277 34.99 -14.01 19.97
C PRO B 277 34.00 -13.04 19.24
N ALA B 278 32.72 -13.32 19.34
CA ALA B 278 31.69 -12.50 18.66
C ALA B 278 30.45 -12.27 19.55
N LEU B 279 29.84 -11.10 19.34
CA LEU B 279 28.53 -10.76 19.88
C LEU B 279 27.59 -10.48 18.68
N PHE B 280 26.56 -11.30 18.54
CA PHE B 280 25.56 -11.15 17.52
C PHE B 280 24.29 -10.51 18.11
N SER B 281 23.46 -10.00 17.21
CA SER B 281 22.10 -9.60 17.57
C SER B 281 21.18 -9.90 16.43
N VAL B 282 19.90 -10.08 16.75
CA VAL B 282 18.88 -10.50 15.83
C VAL B 282 17.56 -9.88 16.26
N GLY B 283 16.77 -9.44 15.26
CA GLY B 283 15.40 -9.04 15.46
C GLY B 283 14.49 -10.14 14.97
N LEU B 284 13.62 -10.65 15.82
CA LEU B 284 12.74 -11.70 15.38
C LEU B 284 11.63 -11.32 14.43
N MET B 285 11.37 -10.03 14.28
CA MET B 285 10.42 -9.62 13.30
C MET B 285 11.12 -8.87 12.15
N ASP B 286 12.42 -9.05 12.00
CA ASP B 286 13.16 -8.37 10.90
C ASP B 286 12.84 -9.05 9.58
N ASN B 287 12.24 -8.31 8.66
CA ASN B 287 11.89 -8.88 7.34
C ASN B 287 12.83 -8.42 6.23
N ILE B 288 13.91 -7.73 6.59
CA ILE B 288 15.02 -7.45 5.67
C ILE B 288 16.05 -8.59 5.74
N CYS B 289 16.41 -8.92 6.97
CA CYS B 289 17.31 -10.03 7.29
C CYS B 289 16.56 -11.05 8.13
N PRO B 290 15.98 -12.06 7.48
CA PRO B 290 15.05 -12.93 8.23
C PRO B 290 15.77 -13.68 9.33
N PRO B 291 15.13 -13.92 10.46
CA PRO B 291 15.84 -14.56 11.57
C PRO B 291 16.48 -15.93 11.25
N SER B 292 15.89 -16.69 10.36
CA SER B 292 16.49 -17.99 10.02
C SER B 292 17.87 -17.78 9.33
N THR B 293 18.04 -16.68 8.56
CA THR B 293 19.31 -16.42 7.89
C THR B 293 20.34 -16.04 8.90
N VAL B 294 19.92 -15.27 9.90
CA VAL B 294 20.80 -14.81 10.93
C VAL B 294 21.22 -15.92 11.90
N PHE B 295 20.27 -16.79 12.26
CA PHE B 295 20.61 -17.92 13.12
C PHE B 295 21.42 -18.96 12.38
N ALA B 296 21.19 -19.12 11.09
CA ALA B 296 22.03 -20.07 10.34
C ALA B 296 23.50 -19.66 10.49
N ALA B 297 23.77 -18.38 10.26
CA ALA B 297 25.07 -17.84 10.46
C ALA B 297 25.59 -17.95 11.91
N TYR B 298 24.80 -17.50 12.87
CA TYR B 298 25.19 -17.59 14.25
C TYR B 298 25.51 -19.02 14.72
N ASN B 299 24.68 -19.95 14.32
CA ASN B 299 24.79 -21.33 14.76
C ASN B 299 26.01 -22.01 14.14
N TYR B 300 26.41 -21.64 12.92
CA TYR B 300 27.68 -22.12 12.39
C TYR B 300 28.91 -21.38 12.90
N TYR B 301 28.76 -20.20 13.51
CA TYR B 301 29.89 -19.39 13.91
C TYR B 301 30.78 -20.22 14.87
N ALA B 302 32.10 -20.27 14.57
CA ALA B 302 33.01 -21.24 15.23
C ALA B 302 33.84 -20.65 16.37
N GLY B 303 33.80 -19.35 16.56
CA GLY B 303 34.47 -18.73 17.70
C GLY B 303 33.56 -18.69 18.91
N PRO B 304 34.13 -18.32 20.06
CA PRO B 304 33.32 -18.05 21.26
C PRO B 304 32.24 -16.99 20.95
N LYS B 305 31.00 -17.21 21.30
CA LYS B 305 29.92 -16.37 20.76
C LYS B 305 28.78 -16.20 21.71
N GLU B 306 28.11 -15.06 21.62
CA GLU B 306 26.83 -14.82 22.35
C GLU B 306 25.89 -14.11 21.36
N ILE B 307 24.57 -14.19 21.58
CA ILE B 307 23.62 -13.52 20.67
C ILE B 307 22.57 -12.84 21.53
N ARG B 308 22.24 -11.61 21.22
CA ARG B 308 21.14 -10.93 21.91
C ARG B 308 19.92 -10.99 21.01
N ILE B 309 18.78 -11.45 21.56
CA ILE B 309 17.60 -11.80 20.77
C ILE B 309 16.53 -10.76 21.11
N TYR B 310 16.07 -10.03 20.09
CA TYR B 310 15.09 -8.98 20.31
C TYR B 310 13.78 -9.45 19.63
N PRO B 311 12.87 -10.08 20.38
CA PRO B 311 11.68 -10.69 19.78
C PRO B 311 10.65 -9.81 19.11
N TYR B 312 10.55 -8.56 19.50
CA TYR B 312 9.56 -7.66 18.94
C TYR B 312 10.17 -6.66 17.97
N ASN B 313 11.47 -6.63 17.83
CA ASN B 313 12.09 -5.73 16.87
C ASN B 313 12.20 -6.21 15.43
N ASN B 314 12.06 -5.25 14.51
CA ASN B 314 12.24 -5.47 13.11
C ASN B 314 13.76 -5.25 12.88
N HIS B 315 14.11 -4.66 11.72
CA HIS B 315 15.50 -4.55 11.29
C HIS B 315 16.35 -3.63 12.13
N GLU B 316 15.72 -2.76 12.91
CA GLU B 316 16.43 -1.91 13.85
C GLU B 316 17.13 -2.73 14.96
N GLY B 317 16.72 -3.98 15.14
CA GLY B 317 17.28 -4.86 16.13
C GLY B 317 17.16 -4.29 17.53
N GLY B 318 18.28 -4.37 18.26
CA GLY B 318 18.34 -3.84 19.61
C GLY B 318 18.64 -2.38 19.72
N GLY B 319 18.99 -1.71 18.63
CA GLY B 319 19.25 -0.31 18.64
C GLY B 319 20.21 0.10 19.75
N SER B 320 19.84 1.10 20.51
CA SER B 320 20.71 1.69 21.52
C SER B 320 20.95 0.74 22.70
N PHE B 321 19.99 -0.15 22.96
CA PHE B 321 20.16 -1.21 23.97
C PHE B 321 21.30 -2.12 23.60
N GLN B 322 21.38 -2.50 22.32
CA GLN B 322 22.50 -3.35 21.82
C GLN B 322 23.86 -2.69 21.88
N ALA B 323 23.89 -1.39 21.61
CA ALA B 323 25.10 -0.62 21.72
C ALA B 323 25.69 -0.77 23.19
N VAL B 324 24.83 -0.70 24.19
CA VAL B 324 25.29 -0.91 25.57
C VAL B 324 25.80 -2.33 25.81
N GLU B 325 25.12 -3.31 25.22
CA GLU B 325 25.58 -4.70 25.30
C GLU B 325 26.96 -4.89 24.69
N GLN B 326 27.20 -4.21 23.57
CA GLN B 326 28.50 -4.31 22.87
C GLN B 326 29.61 -3.75 23.76
N VAL B 327 29.37 -2.56 24.32
CA VAL B 327 30.33 -1.96 25.21
C VAL B 327 30.72 -2.92 26.35
N LYS B 328 29.73 -3.54 26.95
CA LYS B 328 29.96 -4.43 28.09
C LYS B 328 30.69 -5.67 27.66
N PHE B 329 30.27 -6.25 26.56
CA PHE B 329 30.88 -7.43 26.00
C PHE B 329 32.40 -7.22 25.77
N LEU B 330 32.77 -6.09 25.18
CA LEU B 330 34.17 -5.84 24.86
C LEU B 330 34.95 -5.57 26.18
N LYS B 331 34.36 -4.85 27.11
CA LYS B 331 35.04 -4.56 28.38
C LYS B 331 35.45 -5.86 29.01
N LYS B 332 34.48 -6.80 29.17
CA LYS B 332 34.76 -8.11 29.74
C LYS B 332 35.77 -8.88 28.91
N LEU B 333 35.64 -8.86 27.57
CA LEU B 333 36.58 -9.56 26.73
C LEU B 333 38.03 -9.08 26.92
N PHE B 334 38.23 -7.80 26.90
CA PHE B 334 39.55 -7.27 26.86
C PHE B 334 40.16 -7.05 28.26
N GLU B 335 39.48 -7.53 29.31
CA GLU B 335 39.96 -7.60 30.73
C GLU B 335 39.52 -6.34 31.40
N PHE C 16 5.19 -18.66 -0.20
CA PHE C 16 3.92 -18.56 0.58
C PHE C 16 3.05 -19.84 0.58
N ASP C 17 3.32 -20.83 -0.29
CA ASP C 17 2.43 -22.02 -0.44
C ASP C 17 3.22 -23.22 0.09
N LEU C 18 2.68 -24.42 -0.05
CA LEU C 18 3.47 -25.63 0.21
C LEU C 18 4.88 -25.59 -0.45
N PRO C 19 5.90 -26.16 0.22
CA PRO C 19 7.19 -26.45 -0.43
C PRO C 19 7.04 -27.39 -1.63
N LEU C 20 7.98 -27.30 -2.58
CA LEU C 20 7.84 -27.96 -3.85
C LEU C 20 7.72 -29.47 -3.68
N GLU C 21 8.48 -30.03 -2.73
CA GLU C 21 8.49 -31.50 -2.53
C GLU C 21 7.09 -31.92 -2.13
N GLU C 22 6.38 -31.07 -1.39
CA GLU C 22 4.99 -31.34 -1.02
C GLU C 22 4.01 -31.00 -2.15
N LEU C 23 4.31 -29.93 -2.92
CA LEU C 23 3.46 -29.64 -4.10
C LEU C 23 3.44 -30.81 -5.07
N LYS C 24 4.60 -31.45 -5.27
CA LYS C 24 4.68 -32.53 -6.18
C LYS C 24 3.90 -33.76 -5.75
N LYS C 25 3.54 -33.88 -4.48
CA LYS C 25 2.74 -34.99 -4.01
C LYS C 25 1.31 -34.57 -3.67
N TYR C 26 0.93 -33.30 -3.90
CA TYR C 26 -0.31 -32.79 -3.36
C TYR C 26 -1.45 -33.31 -4.27
N ARG C 27 -2.26 -34.21 -3.73
CA ARG C 27 -3.38 -34.77 -4.43
C ARG C 27 -4.55 -34.74 -3.42
N PRO C 28 -5.21 -33.58 -3.24
CA PRO C 28 -6.30 -33.45 -2.30
C PRO C 28 -7.52 -34.24 -2.80
N GLU C 29 -8.38 -34.69 -1.86
CA GLU C 29 -9.64 -35.41 -2.22
C GLU C 29 -10.45 -34.51 -3.12
N ARG C 30 -10.85 -35.05 -4.26
CA ARG C 30 -11.66 -34.26 -5.18
C ARG C 30 -13.08 -34.21 -4.74
N TYR C 31 -13.76 -33.15 -5.14
CA TYR C 31 -15.18 -32.98 -4.84
C TYR C 31 -15.88 -32.72 -6.14
N GLU C 32 -16.77 -33.63 -6.50
CA GLU C 32 -17.65 -33.42 -7.62
C GLU C 32 -18.98 -34.09 -7.37
N GLU C 33 -20.04 -33.65 -8.03
CA GLU C 33 -21.36 -34.24 -7.91
C GLU C 33 -21.43 -35.44 -8.82
N LYS C 34 -22.36 -36.33 -8.48
CA LYS C 34 -22.52 -37.59 -9.15
C LYS C 34 -22.87 -37.39 -10.60
N ASP C 35 -23.53 -36.28 -10.95
CA ASP C 35 -23.98 -36.01 -12.29
C ASP C 35 -23.05 -35.06 -13.17
N PHE C 36 -21.80 -35.00 -12.81
CA PHE C 36 -20.81 -34.12 -13.50
C PHE C 36 -20.79 -34.43 -15.00
N ASP C 37 -20.58 -35.69 -15.35
CA ASP C 37 -20.49 -36.00 -16.78
C ASP C 37 -21.78 -35.76 -17.52
N GLU C 38 -22.89 -36.05 -16.85
CA GLU C 38 -24.18 -35.94 -17.50
C GLU C 38 -24.49 -34.50 -17.74
N PHE C 39 -24.18 -33.67 -16.74
CA PHE C 39 -24.27 -32.21 -16.92
C PHE C 39 -23.55 -31.76 -18.20
N TRP C 40 -22.32 -32.21 -18.39
CA TRP C 40 -21.54 -31.78 -19.57
C TRP C 40 -22.03 -32.44 -20.87
N GLU C 41 -22.35 -33.76 -20.84
CA GLU C 41 -23.00 -34.37 -22.05
C GLU C 41 -24.22 -33.62 -22.56
N GLU C 42 -25.16 -33.31 -21.67
CA GLU C 42 -26.40 -32.61 -21.98
C GLU C 42 -26.10 -31.19 -22.47
N THR C 43 -25.17 -30.50 -21.80
CA THR C 43 -24.74 -29.16 -22.28
C THR C 43 -24.23 -29.15 -23.74
N LEU C 44 -23.25 -30.00 -24.01
CA LEU C 44 -22.62 -30.04 -25.32
C LEU C 44 -23.62 -30.51 -26.37
N ALA C 45 -24.46 -31.47 -26.00
CA ALA C 45 -25.51 -31.97 -26.91
C ALA C 45 -26.51 -30.90 -27.32
N GLU C 46 -26.99 -30.12 -26.33
CA GLU C 46 -27.90 -29.04 -26.60
C GLU C 46 -27.24 -28.02 -27.58
N SER C 47 -25.99 -27.69 -27.36
CA SER C 47 -25.32 -26.71 -28.26
C SER C 47 -25.03 -27.25 -29.68
N GLU C 48 -24.87 -28.57 -29.79
CA GLU C 48 -24.60 -29.20 -31.07
C GLU C 48 -25.84 -29.22 -31.95
N LYS C 49 -27.01 -28.90 -31.40
CA LYS C 49 -28.24 -28.74 -32.21
C LYS C 49 -28.26 -27.53 -33.18
N PHE C 50 -27.39 -26.57 -32.96
CA PHE C 50 -27.26 -25.44 -33.83
C PHE C 50 -26.12 -25.69 -34.79
N PRO C 51 -26.28 -25.27 -36.04
CA PRO C 51 -25.11 -25.43 -36.89
C PRO C 51 -23.96 -24.49 -36.48
N LEU C 52 -22.76 -25.05 -36.57
CA LEU C 52 -21.54 -24.37 -36.22
C LEU C 52 -21.38 -23.12 -37.09
N ASP C 53 -21.67 -23.29 -38.40
CA ASP C 53 -21.61 -22.25 -39.37
C ASP C 53 -20.35 -21.34 -39.20
N PRO C 54 -19.16 -21.93 -39.32
CA PRO C 54 -17.96 -21.17 -39.15
C PRO C 54 -17.76 -20.28 -40.35
N VAL C 55 -17.54 -18.98 -40.12
CA VAL C 55 -17.18 -17.98 -41.15
C VAL C 55 -15.74 -17.48 -40.99
N PHE C 56 -14.98 -17.48 -42.10
CA PHE C 56 -13.61 -17.03 -42.13
C PHE C 56 -13.49 -15.93 -43.18
N GLU C 57 -13.60 -14.68 -42.75
CA GLU C 57 -13.59 -13.54 -43.64
C GLU C 57 -12.27 -12.77 -43.51
N ARG C 58 -11.54 -12.63 -44.62
CA ARG C 58 -10.22 -11.98 -44.59
C ARG C 58 -10.41 -10.54 -44.12
N MET C 59 -9.55 -10.11 -43.21
CA MET C 59 -9.59 -8.83 -42.53
C MET C 59 -8.41 -8.08 -43.14
N GLU C 60 -8.67 -6.91 -43.73
CA GLU C 60 -7.59 -6.02 -44.24
C GLU C 60 -6.89 -5.68 -42.97
N SER C 61 -5.75 -6.28 -42.77
CA SER C 61 -4.83 -5.78 -41.82
C SER C 61 -3.69 -5.39 -42.78
N HIS C 62 -2.65 -4.97 -42.13
CA HIS C 62 -1.46 -4.59 -42.75
C HIS C 62 -0.46 -5.72 -42.65
N LEU C 63 -0.87 -6.89 -42.16
CA LEU C 63 0.07 -8.00 -42.00
C LEU C 63 0.53 -8.54 -43.34
N LYS C 64 1.80 -8.90 -43.43
CA LYS C 64 2.43 -9.39 -44.61
C LYS C 64 2.90 -10.81 -44.53
N THR C 65 3.26 -11.31 -43.35
CA THR C 65 3.69 -12.71 -43.23
C THR C 65 2.59 -13.63 -42.70
N VAL C 66 1.39 -13.07 -42.51
CA VAL C 66 0.27 -13.71 -41.92
C VAL C 66 -0.95 -13.19 -42.66
N GLU C 67 -1.92 -14.05 -42.88
CA GLU C 67 -3.22 -13.64 -43.34
C GLU C 67 -4.19 -13.80 -42.21
N ALA C 68 -4.96 -12.75 -41.93
CA ALA C 68 -5.86 -12.78 -40.74
C ALA C 68 -7.29 -12.83 -41.20
N TYR C 69 -8.06 -13.75 -40.62
CA TYR C 69 -9.47 -13.88 -40.86
C TYR C 69 -10.24 -13.47 -39.63
N ASP C 70 -11.28 -12.67 -39.83
CA ASP C 70 -12.34 -12.44 -38.85
C ASP C 70 -13.16 -13.67 -38.75
N VAL C 71 -13.20 -14.30 -37.58
CA VAL C 71 -13.94 -15.56 -37.40
C VAL C 71 -15.26 -15.27 -36.72
N THR C 72 -16.30 -16.00 -37.15
CA THR C 72 -17.55 -16.13 -36.41
C THR C 72 -17.97 -17.63 -36.38
N PHE C 73 -18.41 -18.13 -35.22
CA PHE C 73 -18.86 -19.50 -35.08
C PHE C 73 -19.89 -19.61 -33.98
N SER C 74 -20.68 -20.68 -34.01
CA SER C 74 -21.77 -20.88 -33.04
C SER C 74 -21.24 -21.63 -31.83
N GLY C 75 -21.33 -21.01 -30.65
CA GLY C 75 -20.83 -21.62 -29.40
C GLY C 75 -22.03 -22.10 -28.56
N TYR C 76 -22.15 -21.57 -27.36
CA TYR C 76 -23.20 -21.94 -26.46
C TYR C 76 -24.56 -21.54 -27.00
N ARG C 77 -25.44 -22.54 -27.14
CA ARG C 77 -26.81 -22.39 -27.58
C ARG C 77 -26.93 -21.59 -28.90
N GLY C 78 -26.02 -21.81 -29.81
CA GLY C 78 -26.00 -21.14 -31.10
C GLY C 78 -25.54 -19.72 -31.11
N GLN C 79 -25.09 -19.21 -29.95
CA GLN C 79 -24.66 -17.83 -29.88
C GLN C 79 -23.38 -17.63 -30.67
N ARG C 80 -23.34 -16.52 -31.45
CA ARG C 80 -22.29 -16.26 -32.40
C ARG C 80 -21.08 -15.67 -31.72
N ILE C 81 -19.96 -16.42 -31.75
CA ILE C 81 -18.76 -16.04 -31.03
C ILE C 81 -17.75 -15.57 -32.02
N LYS C 82 -17.05 -14.46 -31.68
CA LYS C 82 -15.99 -13.93 -32.54
C LYS C 82 -14.66 -14.59 -32.31
N GLY C 83 -13.78 -14.48 -33.27
CA GLY C 83 -12.39 -14.85 -33.12
C GLY C 83 -11.48 -14.34 -34.20
N TRP C 84 -10.20 -14.70 -34.12
CA TRP C 84 -9.26 -14.52 -35.23
C TRP C 84 -8.71 -15.85 -35.69
N LEU C 85 -8.47 -15.94 -36.99
CA LEU C 85 -7.71 -17.05 -37.51
C LEU C 85 -6.51 -16.45 -38.25
N LEU C 86 -5.30 -16.74 -37.76
CA LEU C 86 -4.09 -16.28 -38.38
C LEU C 86 -3.39 -17.45 -39.09
N VAL C 87 -3.14 -17.32 -40.40
CA VAL C 87 -2.43 -18.30 -41.21
C VAL C 87 -1.08 -17.79 -41.65
N PRO C 88 -0.02 -18.49 -41.25
CA PRO C 88 1.28 -18.01 -41.71
C PRO C 88 1.43 -18.23 -43.23
N LYS C 89 2.28 -17.44 -43.88
CA LYS C 89 2.45 -17.44 -45.34
C LYS C 89 3.42 -18.57 -45.67
N LEU C 90 2.91 -19.79 -45.72
CA LEU C 90 3.71 -20.97 -46.03
C LEU C 90 2.86 -21.85 -46.96
N GLU C 91 3.49 -22.53 -47.90
CA GLU C 91 2.73 -23.41 -48.82
C GLU C 91 1.97 -24.64 -48.21
N GLU C 92 2.53 -25.25 -47.17
CA GLU C 92 2.06 -26.57 -46.75
C GLU C 92 0.52 -26.70 -46.62
N GLU C 93 -0.03 -27.58 -47.46
CA GLU C 93 -1.49 -27.70 -47.62
C GLU C 93 -2.20 -27.90 -46.30
N LYS C 94 -1.51 -28.52 -45.29
CA LYS C 94 -2.11 -28.75 -44.01
C LYS C 94 -1.13 -28.35 -42.92
N LEU C 95 -1.47 -27.35 -42.10
CA LEU C 95 -0.58 -26.82 -41.06
C LEU C 95 -1.14 -27.20 -39.67
N PRO C 96 -0.27 -27.35 -38.68
CA PRO C 96 -0.70 -27.55 -37.33
C PRO C 96 -1.37 -26.23 -36.85
N CYS C 97 -2.16 -26.36 -35.81
CA CYS C 97 -3.05 -25.31 -35.39
C CYS C 97 -2.99 -25.19 -33.86
N VAL C 98 -2.86 -23.97 -33.34
CA VAL C 98 -3.06 -23.69 -31.93
C VAL C 98 -4.32 -22.91 -31.72
N VAL C 99 -5.23 -23.43 -30.89
CA VAL C 99 -6.43 -22.75 -30.52
C VAL C 99 -6.10 -22.09 -29.14
N GLN C 100 -6.21 -20.78 -29.12
CA GLN C 100 -5.73 -19.92 -28.04
C GLN C 100 -6.94 -19.34 -27.29
N TYR C 101 -6.97 -19.57 -25.99
CA TYR C 101 -7.98 -18.97 -25.14
C TYR C 101 -7.31 -17.87 -24.28
N ILE C 102 -8.11 -16.94 -23.80
CA ILE C 102 -7.62 -15.61 -23.37
C ILE C 102 -7.80 -15.44 -21.84
N GLY C 103 -6.80 -14.75 -21.26
CA GLY C 103 -6.84 -14.36 -19.85
C GLY C 103 -8.02 -13.48 -19.43
N TYR C 104 -8.30 -13.49 -18.16
CA TYR C 104 -9.44 -12.80 -17.55
C TYR C 104 -9.40 -11.28 -17.88
N ASN C 105 -10.57 -10.78 -18.25
CA ASN C 105 -10.78 -9.37 -18.65
C ASN C 105 -10.22 -9.04 -20.00
N GLY C 106 -9.76 -10.07 -20.72
CA GLY C 106 -9.26 -9.89 -22.05
C GLY C 106 -10.28 -10.22 -23.11
N GLY C 107 -9.91 -10.01 -24.37
CA GLY C 107 -10.76 -10.41 -25.52
C GLY C 107 -9.80 -10.50 -26.72
N ARG C 108 -10.37 -10.74 -27.88
CA ARG C 108 -9.58 -11.10 -29.06
C ARG C 108 -8.64 -10.03 -29.56
N GLY C 109 -8.89 -8.79 -29.14
CA GLY C 109 -7.99 -7.69 -29.52
C GLY C 109 -7.88 -7.54 -31.03
N PHE C 110 -6.65 -7.29 -31.48
CA PHE C 110 -6.33 -7.13 -32.91
C PHE C 110 -5.62 -8.37 -33.39
N PRO C 111 -5.67 -8.64 -34.68
CA PRO C 111 -4.88 -9.81 -35.18
C PRO C 111 -3.40 -9.78 -34.84
N HIS C 112 -2.81 -8.57 -34.86
CA HIS C 112 -1.40 -8.47 -34.49
C HIS C 112 -1.03 -8.73 -33.05
N ASP C 113 -2.02 -8.91 -32.19
CA ASP C 113 -1.74 -9.27 -30.82
C ASP C 113 -1.35 -10.73 -30.63
N TRP C 114 -1.41 -11.55 -31.68
CA TRP C 114 -1.29 -13.04 -31.56
C TRP C 114 -0.31 -13.58 -32.62
N LEU C 115 0.82 -12.96 -32.80
CA LEU C 115 1.73 -13.30 -33.89
C LEU C 115 2.66 -14.45 -33.55
N PHE C 116 2.77 -14.85 -32.28
CA PHE C 116 3.74 -15.88 -31.93
C PHE C 116 3.53 -17.21 -32.67
N TRP C 117 2.36 -17.82 -32.55
CA TRP C 117 2.24 -19.16 -33.12
C TRP C 117 2.32 -19.19 -34.68
N PRO C 118 1.68 -18.24 -35.37
CA PRO C 118 1.89 -18.08 -36.85
C PRO C 118 3.35 -17.92 -37.22
N SER C 119 4.13 -17.14 -36.48
CA SER C 119 5.52 -16.97 -36.75
C SER C 119 6.35 -18.28 -36.61
N MET C 120 5.82 -19.17 -35.78
CA MET C 120 6.39 -20.52 -35.53
C MET C 120 5.86 -21.61 -36.49
N GLY C 121 5.03 -21.21 -37.42
CA GLY C 121 4.55 -22.10 -38.47
C GLY C 121 3.18 -22.71 -38.19
N TYR C 122 2.46 -22.21 -37.17
CA TYR C 122 1.15 -22.72 -36.82
C TYR C 122 0.02 -21.79 -37.16
N ILE C 123 -1.05 -22.32 -37.71
CA ILE C 123 -2.25 -21.53 -37.85
C ILE C 123 -2.72 -21.25 -36.37
N CYS C 124 -3.24 -20.09 -36.08
CA CYS C 124 -3.64 -19.78 -34.67
C CYS C 124 -5.08 -19.31 -34.72
N PHE C 125 -5.96 -19.98 -33.98
CA PHE C 125 -7.36 -19.65 -33.83
C PHE C 125 -7.49 -19.03 -32.44
N VAL C 126 -7.87 -17.78 -32.39
CA VAL C 126 -7.94 -17.04 -31.12
C VAL C 126 -9.42 -16.88 -30.82
N MET C 127 -9.93 -17.44 -29.71
CA MET C 127 -11.33 -17.34 -29.38
C MET C 127 -11.61 -16.14 -28.50
N ASP C 128 -12.56 -15.28 -28.93
CA ASP C 128 -12.95 -14.11 -28.12
C ASP C 128 -13.71 -14.66 -26.93
N THR C 129 -13.68 -13.90 -25.81
CA THR C 129 -14.33 -14.30 -24.58
C THR C 129 -15.60 -13.51 -24.32
N ARG C 130 -16.75 -14.17 -24.42
CA ARG C 130 -18.06 -13.56 -24.16
C ARG C 130 -18.12 -12.65 -22.94
N GLY C 131 -18.53 -11.41 -23.19
CA GLY C 131 -18.85 -10.47 -22.14
C GLY C 131 -17.67 -9.75 -21.51
N GLN C 132 -16.43 -10.19 -21.79
CA GLN C 132 -15.25 -9.67 -21.10
C GLN C 132 -14.64 -8.48 -21.90
N GLY C 133 -13.39 -8.60 -22.30
CA GLY C 133 -12.76 -7.67 -23.30
C GLY C 133 -12.71 -6.23 -22.95
N SER C 134 -12.60 -5.94 -21.67
CA SER C 134 -12.71 -4.60 -21.17
C SER C 134 -11.65 -4.22 -20.12
N GLY C 135 -10.71 -5.10 -19.84
CA GLY C 135 -9.75 -4.85 -18.80
C GLY C 135 -8.39 -4.58 -19.37
N TRP C 136 -7.87 -5.43 -20.21
CA TRP C 136 -6.52 -5.14 -20.73
C TRP C 136 -6.41 -5.28 -22.23
N LEU C 137 -7.38 -5.92 -22.86
CA LEU C 137 -7.39 -6.08 -24.33
C LEU C 137 -8.80 -6.17 -24.75
N LYS C 138 -9.18 -5.42 -25.76
CA LYS C 138 -10.59 -5.32 -26.12
C LYS C 138 -11.19 -6.60 -26.68
N GLY C 139 -12.48 -6.73 -26.54
CA GLY C 139 -13.22 -7.87 -27.08
C GLY C 139 -14.50 -7.41 -27.71
N ASP C 140 -15.10 -8.30 -28.46
CA ASP C 140 -16.20 -7.97 -29.40
C ASP C 140 -17.41 -8.84 -29.24
N THR C 141 -17.43 -9.72 -28.26
CA THR C 141 -18.47 -10.76 -28.19
C THR C 141 -19.28 -10.54 -26.90
N PRO C 142 -20.61 -10.43 -27.02
CA PRO C 142 -21.46 -10.32 -25.81
C PRO C 142 -21.71 -11.64 -25.16
N ASP C 143 -22.12 -11.58 -23.88
CA ASP C 143 -22.69 -12.71 -23.20
C ASP C 143 -24.21 -12.65 -23.38
N TYR C 144 -24.89 -13.76 -23.04
CA TYR C 144 -26.33 -13.85 -23.01
C TYR C 144 -26.68 -14.64 -21.76
N PRO C 145 -27.43 -14.06 -20.86
CA PRO C 145 -27.78 -14.87 -19.64
C PRO C 145 -28.86 -15.97 -19.93
N GLU C 146 -28.93 -17.02 -19.09
CA GLU C 146 -30.13 -17.88 -18.97
C GLU C 146 -31.06 -17.10 -18.06
N GLY C 147 -31.89 -16.29 -18.70
CA GLY C 147 -32.95 -15.52 -18.01
C GLY C 147 -32.48 -14.40 -17.07
N PRO C 148 -32.89 -14.49 -15.77
CA PRO C 148 -32.56 -13.36 -14.90
C PRO C 148 -31.10 -13.37 -14.57
N VAL C 149 -30.55 -12.18 -14.40
CA VAL C 149 -29.16 -12.01 -14.02
C VAL C 149 -29.17 -11.82 -12.54
N ASP C 150 -29.01 -12.93 -11.80
CA ASP C 150 -29.00 -12.94 -10.34
C ASP C 150 -28.08 -11.88 -9.71
N PRO C 151 -28.43 -11.42 -8.49
CA PRO C 151 -27.43 -10.72 -7.67
C PRO C 151 -26.04 -11.34 -7.76
N GLN C 152 -25.04 -10.50 -7.96
CA GLN C 152 -23.64 -10.97 -8.09
C GLN C 152 -22.69 -9.86 -7.65
N TYR C 153 -21.46 -10.28 -7.38
CA TYR C 153 -20.36 -9.41 -7.12
C TYR C 153 -19.77 -9.02 -8.48
N PRO C 154 -19.28 -7.79 -8.60
CA PRO C 154 -18.65 -7.33 -9.85
C PRO C 154 -17.68 -8.37 -10.46
N GLY C 155 -17.96 -8.73 -11.73
CA GLY C 155 -17.12 -9.52 -12.54
C GLY C 155 -17.85 -10.72 -13.08
N PHE C 156 -17.05 -11.74 -13.39
CA PHE C 156 -17.53 -12.94 -14.08
C PHE C 156 -17.57 -14.14 -13.18
N MET C 157 -16.78 -14.14 -12.09
CA MET C 157 -16.62 -15.28 -11.24
C MET C 157 -17.91 -15.75 -10.54
N THR C 158 -18.81 -14.82 -10.22
CA THR C 158 -20.04 -15.08 -9.53
C THR C 158 -21.31 -14.88 -10.36
N ARG C 159 -21.15 -14.59 -11.65
CA ARG C 159 -22.25 -14.43 -12.60
C ARG C 159 -23.01 -15.78 -12.82
N GLY C 160 -24.22 -15.84 -12.27
CA GLY C 160 -24.98 -17.08 -12.31
C GLY C 160 -24.53 -18.21 -11.41
N ILE C 161 -23.75 -17.88 -10.37
CA ILE C 161 -23.12 -18.91 -9.56
C ILE C 161 -24.06 -19.79 -8.72
N LEU C 162 -25.31 -19.40 -8.58
CA LEU C 162 -26.19 -20.17 -7.70
C LEU C 162 -26.72 -21.43 -8.36
N ASP C 163 -26.35 -21.67 -9.63
CA ASP C 163 -26.82 -22.90 -10.31
C ASP C 163 -25.83 -23.18 -11.43
N PRO C 164 -25.32 -24.41 -11.53
CA PRO C 164 -24.44 -24.67 -12.68
C PRO C 164 -25.05 -24.39 -14.06
N ARG C 165 -26.38 -24.59 -14.22
CA ARG C 165 -27.07 -24.34 -15.50
C ARG C 165 -26.98 -22.86 -15.89
N THR C 166 -26.93 -21.98 -14.90
CA THR C 166 -26.86 -20.53 -15.13
C THR C 166 -25.43 -19.93 -15.07
N TYR C 167 -24.44 -20.74 -14.71
CA TYR C 167 -23.14 -20.19 -14.41
C TYR C 167 -22.43 -19.79 -15.69
N TYR C 168 -21.89 -18.56 -15.64
CA TYR C 168 -21.09 -17.99 -16.74
C TYR C 168 -20.13 -18.97 -17.42
N TYR C 169 -19.31 -19.68 -16.69
CA TYR C 169 -18.33 -20.59 -17.33
C TYR C 169 -18.92 -21.81 -18.06
N ARG C 170 -20.20 -22.12 -17.83
CA ARG C 170 -20.92 -23.09 -18.68
C ARG C 170 -20.89 -22.66 -20.12
N ARG C 171 -21.12 -21.37 -20.31
CA ARG C 171 -21.23 -20.78 -21.62
C ARG C 171 -19.84 -20.65 -22.26
N VAL C 172 -18.84 -20.19 -21.48
CA VAL C 172 -17.49 -19.99 -21.99
C VAL C 172 -16.90 -21.36 -22.41
N PHE C 173 -17.03 -22.36 -21.54
CA PHE C 173 -16.48 -23.67 -21.81
C PHE C 173 -17.10 -24.33 -23.07
N THR C 174 -18.42 -24.19 -23.22
CA THR C 174 -19.11 -24.66 -24.44
C THR C 174 -18.60 -23.95 -25.69
N ASP C 175 -18.53 -22.62 -25.64
CA ASP C 175 -17.88 -21.83 -26.70
C ASP C 175 -16.56 -22.42 -27.01
N ALA C 176 -15.74 -22.71 -26.00
CA ALA C 176 -14.41 -23.16 -26.21
C ALA C 176 -14.28 -24.53 -26.88
N VAL C 177 -15.15 -25.46 -26.49
CA VAL C 177 -15.19 -26.75 -27.16
C VAL C 177 -15.56 -26.54 -28.63
N ARG C 178 -16.53 -25.69 -28.91
CA ARG C 178 -17.00 -25.45 -30.25
C ARG C 178 -15.94 -24.73 -31.12
N ALA C 179 -15.11 -23.93 -30.47
CA ALA C 179 -13.97 -23.28 -31.11
C ALA C 179 -13.00 -24.28 -31.75
N VAL C 180 -12.76 -25.40 -31.10
CA VAL C 180 -11.95 -26.44 -31.67
C VAL C 180 -12.57 -26.97 -33.00
N GLU C 181 -13.86 -27.21 -32.98
CA GLU C 181 -14.62 -27.62 -34.17
C GLU C 181 -14.51 -26.58 -35.26
N ALA C 182 -14.64 -25.31 -34.90
CA ALA C 182 -14.45 -24.22 -35.88
C ALA C 182 -13.05 -24.21 -36.51
N ALA C 183 -12.01 -24.33 -35.69
CA ALA C 183 -10.66 -24.38 -36.19
C ALA C 183 -10.50 -25.59 -37.12
N ALA C 184 -11.09 -26.73 -36.74
CA ALA C 184 -10.96 -27.95 -37.54
C ALA C 184 -11.63 -27.82 -38.91
N SER C 185 -12.60 -26.89 -39.04
CA SER C 185 -13.30 -26.60 -40.26
C SER C 185 -12.49 -25.84 -41.27
N PHE C 186 -11.43 -25.20 -40.85
CA PHE C 186 -10.61 -24.41 -41.77
C PHE C 186 -9.76 -25.35 -42.68
N PRO C 187 -9.93 -25.21 -44.04
CA PRO C 187 -9.32 -26.27 -44.91
C PRO C 187 -7.83 -26.50 -44.69
N GLN C 188 -7.06 -25.43 -44.39
CA GLN C 188 -5.62 -25.62 -44.21
C GLN C 188 -5.18 -26.19 -42.86
N VAL C 189 -6.09 -26.42 -41.94
CA VAL C 189 -5.72 -26.94 -40.64
C VAL C 189 -5.61 -28.47 -40.72
N ASP C 190 -4.49 -28.97 -40.23
CA ASP C 190 -4.26 -30.38 -40.04
C ASP C 190 -5.06 -30.83 -38.82
N GLN C 191 -6.14 -31.53 -39.08
CA GLN C 191 -7.04 -32.01 -38.05
C GLN C 191 -6.37 -32.92 -37.00
N GLU C 192 -5.23 -33.49 -37.30
CA GLU C 192 -4.54 -34.29 -36.27
C GLU C 192 -3.44 -33.54 -35.50
N ARG C 193 -3.32 -32.22 -35.71
CA ARG C 193 -2.28 -31.44 -35.03
C ARG C 193 -2.91 -30.12 -34.49
N ILE C 194 -4.05 -30.26 -33.82
CA ILE C 194 -4.79 -29.17 -33.20
C ILE C 194 -4.46 -29.11 -31.71
N VAL C 195 -3.76 -28.05 -31.31
CA VAL C 195 -3.33 -27.89 -29.92
C VAL C 195 -4.28 -26.94 -29.27
N ILE C 196 -4.57 -27.09 -27.98
CA ILE C 196 -5.36 -26.10 -27.22
C ILE C 196 -4.46 -25.49 -26.16
N ALA C 197 -4.58 -24.16 -25.93
CA ALA C 197 -3.57 -23.48 -25.15
C ALA C 197 -4.18 -22.28 -24.46
N GLY C 198 -3.67 -22.03 -23.28
CA GLY C 198 -3.92 -20.71 -22.67
C GLY C 198 -3.20 -20.62 -21.37
N GLY C 199 -3.18 -19.38 -20.88
CA GLY C 199 -2.57 -19.02 -19.60
C GLY C 199 -3.65 -18.40 -18.69
N SER C 200 -3.60 -18.77 -17.42
CA SER C 200 -4.50 -18.29 -16.37
C SER C 200 -5.93 -18.63 -16.73
N GLN C 201 -6.85 -17.68 -16.89
CA GLN C 201 -8.21 -18.07 -17.33
C GLN C 201 -8.12 -18.92 -18.61
N GLY C 202 -7.18 -18.55 -19.50
CA GLY C 202 -7.01 -19.28 -20.76
C GLY C 202 -6.62 -20.70 -20.48
N GLY C 203 -5.79 -20.89 -19.44
CA GLY C 203 -5.34 -22.22 -19.00
C GLY C 203 -6.47 -23.08 -18.47
N GLY C 204 -7.32 -22.46 -17.69
CA GLY C 204 -8.46 -23.13 -17.18
C GLY C 204 -9.48 -23.55 -18.21
N ILE C 205 -9.74 -22.67 -19.17
CA ILE C 205 -10.65 -22.97 -20.24
C ILE C 205 -10.00 -24.14 -21.05
N ALA C 206 -8.68 -24.09 -21.26
CA ALA C 206 -8.02 -25.14 -22.10
C ALA C 206 -8.09 -26.49 -21.42
N LEU C 207 -7.98 -26.45 -20.11
CA LEU C 207 -8.04 -27.66 -19.35
C LEU C 207 -9.41 -28.26 -19.40
N ALA C 208 -10.46 -27.43 -19.33
CA ALA C 208 -11.83 -27.92 -19.52
C ALA C 208 -12.00 -28.58 -20.90
N VAL C 209 -11.52 -27.88 -21.92
CA VAL C 209 -11.57 -28.38 -23.26
C VAL C 209 -10.78 -29.69 -23.38
N SER C 210 -9.66 -29.83 -22.67
CA SER C 210 -8.86 -31.04 -22.80
C SER C 210 -9.62 -32.29 -22.35
N ALA C 211 -10.61 -32.12 -21.48
CA ALA C 211 -11.50 -33.23 -21.07
C ALA C 211 -12.70 -33.36 -21.96
N LEU C 212 -13.25 -32.25 -22.38
CA LEU C 212 -14.54 -32.19 -23.13
C LEU C 212 -14.50 -32.38 -24.64
N SER C 213 -13.42 -32.04 -25.30
CA SER C 213 -13.38 -32.10 -26.73
C SER C 213 -12.87 -33.48 -27.12
N LYS C 214 -13.29 -33.97 -28.27
CA LYS C 214 -12.70 -35.19 -28.85
C LYS C 214 -11.68 -34.87 -29.96
N LYS C 215 -11.48 -33.58 -30.28
CA LYS C 215 -10.76 -33.13 -31.49
C LYS C 215 -9.36 -32.53 -31.22
N ALA C 216 -9.04 -32.21 -29.96
CA ALA C 216 -7.72 -31.70 -29.55
C ALA C 216 -6.63 -32.77 -29.45
N LYS C 217 -5.46 -32.50 -29.97
CA LYS C 217 -4.34 -33.40 -29.99
C LYS C 217 -3.37 -33.20 -28.81
N ALA C 218 -3.16 -31.97 -28.34
CA ALA C 218 -2.26 -31.70 -27.19
C ALA C 218 -2.75 -30.44 -26.42
N LEU C 219 -2.39 -30.35 -25.15
CA LEU C 219 -2.70 -29.20 -24.26
C LEU C 219 -1.46 -28.43 -23.80
N LEU C 220 -1.48 -27.10 -23.97
CA LEU C 220 -0.54 -26.18 -23.30
C LEU C 220 -1.27 -25.39 -22.25
N CYS C 221 -0.95 -25.64 -20.97
CA CYS C 221 -1.74 -25.14 -19.86
C CYS C 221 -0.82 -24.36 -18.92
N ASP C 222 -0.82 -23.02 -19.03
CA ASP C 222 0.11 -22.13 -18.29
C ASP C 222 -0.58 -21.50 -17.07
N VAL C 223 0.09 -21.56 -15.92
CA VAL C 223 -0.36 -20.91 -14.71
C VAL C 223 -1.89 -20.94 -14.55
N PRO C 224 -2.48 -22.16 -14.56
CA PRO C 224 -3.90 -22.18 -14.74
C PRO C 224 -4.76 -21.62 -13.63
N PHE C 225 -5.80 -20.89 -14.04
CA PHE C 225 -6.88 -20.36 -13.20
C PHE C 225 -8.03 -21.35 -13.28
N LEU C 226 -9.08 -21.12 -12.48
CA LEU C 226 -10.30 -21.91 -12.44
C LEU C 226 -10.01 -23.30 -11.93
N CYS C 227 -9.08 -23.39 -10.99
CA CYS C 227 -8.64 -24.71 -10.44
C CYS C 227 -8.70 -24.68 -8.93
N HIS C 228 -9.37 -25.67 -8.35
CA HIS C 228 -9.29 -25.90 -6.93
C HIS C 228 -9.79 -24.67 -6.11
N PHE C 229 -10.94 -24.15 -6.55
CA PHE C 229 -11.57 -22.88 -6.00
C PHE C 229 -11.59 -22.83 -4.47
N ARG C 230 -12.04 -23.93 -3.86
CA ARG C 230 -12.25 -23.97 -2.42
C ARG C 230 -10.97 -23.76 -1.66
N ARG C 231 -9.87 -24.25 -2.18
CA ARG C 231 -8.57 -23.99 -1.55
C ARG C 231 -8.02 -22.58 -1.97
N ALA C 232 -8.19 -22.19 -3.24
CA ALA C 232 -7.64 -20.90 -3.78
C ALA C 232 -7.98 -19.73 -2.88
N VAL C 233 -9.23 -19.70 -2.50
CA VAL C 233 -9.76 -18.60 -1.65
C VAL C 233 -9.27 -18.63 -0.19
N GLN C 234 -8.80 -19.78 0.29
CA GLN C 234 -8.09 -19.83 1.55
C GLN C 234 -6.68 -19.28 1.46
N LEU C 235 -6.07 -19.36 0.30
CA LEU C 235 -4.62 -19.13 0.20
C LEU C 235 -4.28 -17.69 -0.13
N VAL C 236 -5.05 -17.08 -1.02
CA VAL C 236 -4.78 -15.73 -1.49
C VAL C 236 -6.00 -14.86 -1.42
N ASP C 237 -5.80 -13.56 -1.34
CA ASP C 237 -6.91 -12.60 -1.36
C ASP C 237 -6.92 -11.69 -2.60
N THR C 238 -6.24 -12.12 -3.63
CA THR C 238 -6.17 -11.42 -4.88
C THR C 238 -7.41 -11.70 -5.72
N HIS C 239 -7.63 -10.83 -6.68
CA HIS C 239 -8.58 -11.07 -7.75
C HIS C 239 -7.92 -11.87 -8.86
N PRO C 240 -8.69 -12.71 -9.60
CA PRO C 240 -10.16 -12.67 -9.52
C PRO C 240 -10.75 -13.71 -8.52
N TYR C 241 -9.94 -14.56 -7.85
CA TYR C 241 -10.57 -15.50 -6.91
C TYR C 241 -11.33 -14.79 -5.81
N ALA C 242 -10.83 -13.62 -5.44
CA ALA C 242 -11.49 -12.83 -4.38
C ALA C 242 -12.91 -12.46 -4.69
N GLU C 243 -13.34 -12.47 -5.97
CA GLU C 243 -14.76 -12.21 -6.27
C GLU C 243 -15.66 -13.25 -5.56
N ILE C 244 -15.15 -14.49 -5.52
CA ILE C 244 -15.97 -15.51 -4.89
C ILE C 244 -16.03 -15.31 -3.38
N THR C 245 -14.87 -15.06 -2.79
CA THR C 245 -14.81 -14.74 -1.34
C THR C 245 -15.76 -13.61 -0.96
N ASN C 246 -15.76 -12.56 -1.76
CA ASN C 246 -16.49 -11.34 -1.49
C ASN C 246 -17.99 -11.58 -1.64
N PHE C 247 -18.39 -12.43 -2.56
CA PHE C 247 -19.76 -12.87 -2.70
C PHE C 247 -20.23 -13.58 -1.42
N LEU C 248 -19.42 -14.55 -0.99
CA LEU C 248 -19.66 -15.30 0.24
C LEU C 248 -19.64 -14.46 1.53
N LYS C 249 -18.81 -13.44 1.56
CA LYS C 249 -18.72 -12.49 2.68
C LYS C 249 -20.09 -11.82 2.92
N THR C 250 -20.82 -11.63 1.82
CA THR C 250 -22.22 -11.12 1.89
C THR C 250 -23.32 -12.23 1.98
N HIS C 251 -23.28 -13.19 1.06
CA HIS C 251 -24.24 -14.25 0.96
C HIS C 251 -23.75 -15.41 1.82
N ARG C 252 -23.84 -15.17 3.11
CA ARG C 252 -23.16 -16.02 4.11
C ARG C 252 -23.81 -17.37 4.23
N ASP C 253 -25.03 -17.48 3.73
CA ASP C 253 -25.77 -18.72 3.72
C ASP C 253 -25.55 -19.57 2.46
N LYS C 254 -24.62 -19.19 1.58
CA LYS C 254 -24.57 -19.85 0.27
C LYS C 254 -23.31 -20.61 0.02
N GLU C 255 -22.52 -20.93 1.05
CA GLU C 255 -21.24 -21.60 0.86
C GLU C 255 -21.42 -22.90 0.11
N GLU C 256 -22.36 -23.73 0.56
CA GLU C 256 -22.49 -25.06 -0.01
C GLU C 256 -22.93 -24.95 -1.44
N ILE C 257 -23.95 -24.13 -1.73
CA ILE C 257 -24.45 -23.95 -3.10
C ILE C 257 -23.31 -23.43 -4.02
N VAL C 258 -22.59 -22.42 -3.54
CA VAL C 258 -21.52 -21.82 -4.37
C VAL C 258 -20.47 -22.88 -4.77
N PHE C 259 -19.97 -23.64 -3.81
CA PHE C 259 -18.96 -24.67 -4.12
C PHE C 259 -19.47 -25.89 -4.87
N ARG C 260 -20.75 -26.20 -4.69
CA ARG C 260 -21.37 -27.24 -5.53
C ARG C 260 -21.43 -26.78 -6.98
N THR C 261 -21.86 -25.54 -7.19
CA THR C 261 -21.84 -24.98 -8.55
C THR C 261 -20.39 -25.03 -9.12
N LEU C 262 -19.42 -24.51 -8.38
CA LEU C 262 -18.03 -24.41 -8.87
C LEU C 262 -17.44 -25.76 -9.18
N SER C 263 -17.92 -26.83 -8.50
CA SER C 263 -17.37 -28.18 -8.71
C SER C 263 -17.48 -28.65 -10.19
N TYR C 264 -18.55 -28.27 -10.87
CA TYR C 264 -18.72 -28.60 -12.26
C TYR C 264 -17.76 -27.88 -13.25
N PHE C 265 -17.02 -26.90 -12.78
CA PHE C 265 -16.14 -26.08 -13.61
C PHE C 265 -14.69 -26.08 -13.16
N ASP C 266 -14.33 -26.96 -12.23
CA ASP C 266 -13.08 -27.00 -11.57
C ASP C 266 -12.11 -27.80 -12.39
N GLY C 267 -11.03 -27.12 -12.79
CA GLY C 267 -9.94 -27.73 -13.53
C GLY C 267 -9.34 -29.04 -12.96
N VAL C 268 -9.41 -29.22 -11.64
CA VAL C 268 -8.97 -30.51 -11.06
C VAL C 268 -9.84 -31.68 -11.55
N ASN C 269 -11.15 -31.46 -11.63
CA ASN C 269 -12.09 -32.51 -12.04
C ASN C 269 -12.03 -32.79 -13.56
N PHE C 270 -11.77 -31.76 -14.35
CA PHE C 270 -11.46 -31.96 -15.74
C PHE C 270 -10.12 -32.69 -15.91
N ALA C 271 -9.06 -32.33 -15.15
CA ALA C 271 -7.70 -32.90 -15.30
C ALA C 271 -7.79 -34.44 -15.23
N ALA C 272 -8.52 -34.86 -14.19
CA ALA C 272 -8.84 -36.27 -13.92
C ALA C 272 -9.40 -37.01 -15.11
N ARG C 273 -10.11 -36.34 -16.00
CA ARG C 273 -10.67 -36.94 -17.19
C ARG C 273 -9.88 -36.79 -18.47
N ALA C 274 -8.83 -35.97 -18.51
CA ALA C 274 -8.20 -35.63 -19.76
C ALA C 274 -7.15 -36.66 -20.15
N LYS C 275 -7.10 -37.06 -21.42
CA LYS C 275 -6.11 -38.07 -21.80
C LYS C 275 -5.02 -37.64 -22.82
N ILE C 276 -5.05 -36.39 -23.30
CA ILE C 276 -4.14 -35.96 -24.35
C ILE C 276 -2.85 -35.46 -23.74
N PRO C 277 -1.73 -35.52 -24.49
CA PRO C 277 -0.48 -35.04 -23.93
C PRO C 277 -0.55 -33.57 -23.52
N ALA C 278 0.15 -33.18 -22.45
CA ALA C 278 0.09 -31.77 -21.94
C ALA C 278 1.41 -31.32 -21.42
N LEU C 279 1.68 -30.02 -21.62
CA LEU C 279 2.78 -29.31 -21.07
C LEU C 279 2.19 -28.20 -20.15
N PHE C 280 2.43 -28.33 -18.84
CA PHE C 280 2.01 -27.34 -17.87
C PHE C 280 3.17 -26.37 -17.53
N SER C 281 2.83 -25.21 -16.98
CA SER C 281 3.81 -24.37 -16.31
C SER C 281 3.21 -23.72 -15.08
N VAL C 282 4.08 -23.40 -14.12
CA VAL C 282 3.75 -22.91 -12.81
C VAL C 282 4.81 -21.95 -12.33
N GLY C 283 4.41 -20.82 -11.77
CA GLY C 283 5.28 -19.94 -11.01
C GLY C 283 5.08 -20.14 -9.50
N LEU C 284 6.14 -20.51 -8.81
CA LEU C 284 6.01 -20.83 -7.39
C LEU C 284 5.74 -19.63 -6.54
N MET C 285 5.88 -18.40 -7.08
CA MET C 285 5.52 -17.21 -6.32
C MET C 285 4.24 -16.55 -6.87
N ASP C 286 3.43 -17.29 -7.63
CA ASP C 286 2.24 -16.77 -8.26
C ASP C 286 1.18 -16.64 -7.19
N ASN C 287 0.78 -15.42 -6.86
CA ASN C 287 -0.32 -15.26 -5.94
C ASN C 287 -1.69 -14.99 -6.55
N ILE C 288 -1.81 -15.09 -7.88
CA ILE C 288 -3.10 -15.04 -8.50
C ILE C 288 -3.66 -16.49 -8.66
N CYS C 289 -2.80 -17.39 -9.16
CA CYS C 289 -3.08 -18.81 -9.29
C CYS C 289 -2.10 -19.55 -8.38
N PRO C 290 -2.52 -19.83 -7.15
CA PRO C 290 -1.53 -20.34 -6.17
C PRO C 290 -0.97 -21.70 -6.58
N PRO C 291 0.34 -21.95 -6.30
CA PRO C 291 0.97 -23.23 -6.65
C PRO C 291 0.16 -24.48 -6.29
N SER C 292 -0.45 -24.51 -5.10
CA SER C 292 -1.26 -25.67 -4.70
C SER C 292 -2.44 -25.96 -5.65
N THR C 293 -3.08 -24.92 -6.16
CA THR C 293 -4.16 -25.05 -7.11
C THR C 293 -3.69 -25.56 -8.47
N VAL C 294 -2.55 -25.06 -8.97
CA VAL C 294 -1.99 -25.57 -10.22
C VAL C 294 -1.52 -27.00 -10.07
N PHE C 295 -0.78 -27.28 -8.98
CA PHE C 295 -0.32 -28.69 -8.75
C PHE C 295 -1.46 -29.71 -8.51
N ALA C 296 -2.58 -29.31 -7.91
CA ALA C 296 -3.71 -30.26 -7.76
C ALA C 296 -4.22 -30.70 -9.13
N ALA C 297 -4.37 -29.71 -10.02
CA ALA C 297 -4.76 -29.98 -11.39
C ALA C 297 -3.73 -30.79 -12.10
N TYR C 298 -2.46 -30.41 -12.04
CA TYR C 298 -1.44 -31.13 -12.74
C TYR C 298 -1.34 -32.60 -12.24
N ASN C 299 -1.39 -32.78 -10.94
CA ASN C 299 -1.17 -34.13 -10.37
C ASN C 299 -2.30 -35.08 -10.71
N TYR C 300 -3.52 -34.55 -10.88
CA TYR C 300 -4.66 -35.36 -11.30
C TYR C 300 -4.72 -35.56 -12.79
N TYR C 301 -4.00 -34.74 -13.56
CA TYR C 301 -4.08 -34.77 -15.01
C TYR C 301 -3.71 -36.18 -15.52
N ALA C 302 -4.64 -36.77 -16.29
CA ALA C 302 -4.58 -38.24 -16.63
C ALA C 302 -3.87 -38.57 -17.91
N GLY C 303 -3.46 -37.55 -18.66
CA GLY C 303 -2.68 -37.78 -19.86
C GLY C 303 -1.19 -37.73 -19.64
N PRO C 304 -0.40 -38.14 -20.63
CA PRO C 304 1.05 -37.94 -20.60
C PRO C 304 1.29 -36.44 -20.35
N LYS C 305 2.24 -36.12 -19.49
CA LYS C 305 2.34 -34.73 -18.98
C LYS C 305 3.72 -34.37 -18.49
N GLU C 306 4.06 -33.07 -18.54
CA GLU C 306 5.31 -32.57 -18.05
C GLU C 306 4.93 -31.18 -17.51
N ILE C 307 5.71 -30.65 -16.55
CA ILE C 307 5.47 -29.35 -15.98
C ILE C 307 6.80 -28.62 -15.90
N ARG C 308 6.80 -27.38 -16.34
CA ARG C 308 7.97 -26.50 -16.22
C ARG C 308 7.72 -25.64 -14.98
N ILE C 309 8.64 -25.68 -14.05
CA ILE C 309 8.47 -25.04 -12.78
C ILE C 309 9.38 -23.84 -12.76
N TYR C 310 8.80 -22.70 -12.44
CA TYR C 310 9.55 -21.41 -12.38
C TYR C 310 9.59 -20.93 -10.95
N PRO C 311 10.67 -21.22 -10.21
CA PRO C 311 10.57 -20.97 -8.73
C PRO C 311 10.50 -19.54 -8.28
N TYR C 312 11.09 -18.64 -9.08
CA TYR C 312 11.21 -17.22 -8.75
C TYR C 312 10.17 -16.35 -9.45
N ASN C 313 9.37 -16.90 -10.32
CA ASN C 313 8.38 -16.14 -10.99
C ASN C 313 7.03 -16.13 -10.29
N ASN C 314 6.36 -15.00 -10.43
CA ASN C 314 4.97 -14.81 -10.02
CA ASN C 314 4.99 -14.82 -10.03
C ASN C 314 4.10 -15.24 -11.23
N HIS C 315 2.92 -14.61 -11.41
CA HIS C 315 1.93 -14.99 -12.38
C HIS C 315 2.36 -14.87 -13.84
N GLU C 316 3.46 -14.19 -14.11
CA GLU C 316 4.06 -14.23 -15.42
C GLU C 316 4.62 -15.58 -15.78
N GLY C 317 4.86 -16.44 -14.80
CA GLY C 317 5.35 -17.81 -15.05
C GLY C 317 6.63 -17.72 -15.84
N GLY C 318 6.78 -18.58 -16.85
CA GLY C 318 8.00 -18.70 -17.58
C GLY C 318 8.10 -17.70 -18.71
N GLY C 319 7.10 -16.87 -18.93
CA GLY C 319 7.19 -15.88 -20.04
C GLY C 319 7.74 -16.38 -21.38
N SER C 320 8.68 -15.65 -21.94
CA SER C 320 9.20 -16.00 -23.23
C SER C 320 10.00 -17.28 -23.24
N PHE C 321 10.55 -17.64 -22.08
CA PHE C 321 11.21 -18.92 -21.92
C PHE C 321 10.24 -20.07 -22.06
N GLN C 322 9.06 -19.97 -21.48
CA GLN C 322 8.06 -21.04 -21.57
C GLN C 322 7.55 -21.19 -23.02
N ALA C 323 7.47 -20.07 -23.75
CA ALA C 323 6.99 -20.11 -25.11
C ALA C 323 7.95 -21.02 -25.90
N VAL C 324 9.24 -20.85 -25.70
CA VAL C 324 10.22 -21.72 -26.39
C VAL C 324 10.06 -23.21 -25.93
N GLU C 325 9.84 -23.44 -24.63
CA GLU C 325 9.57 -24.80 -24.14
C GLU C 325 8.38 -25.44 -24.86
N GLN C 326 7.36 -24.64 -25.14
CA GLN C 326 6.18 -25.08 -25.87
C GLN C 326 6.48 -25.47 -27.31
N VAL C 327 7.28 -24.67 -27.97
CA VAL C 327 7.61 -24.97 -29.35
C VAL C 327 8.39 -26.25 -29.42
N LYS C 328 9.37 -26.40 -28.52
CA LYS C 328 10.15 -27.65 -28.48
C LYS C 328 9.30 -28.91 -28.15
N PHE C 329 8.36 -28.77 -27.21
CA PHE C 329 7.48 -29.85 -26.80
C PHE C 329 6.60 -30.35 -27.95
N LEU C 330 6.02 -29.41 -28.70
CA LEU C 330 5.14 -29.76 -29.80
C LEU C 330 5.96 -30.38 -30.95
N LYS C 331 7.15 -29.85 -31.16
CA LYS C 331 7.97 -30.37 -32.27
C LYS C 331 8.26 -31.85 -31.99
N LYS C 332 8.66 -32.14 -30.76
CA LYS C 332 8.96 -33.53 -30.28
C LYS C 332 7.76 -34.40 -30.37
N LEU C 333 6.64 -33.92 -29.86
CA LEU C 333 5.41 -34.63 -29.95
C LEU C 333 5.01 -34.96 -31.37
N PHE C 334 5.07 -34.01 -32.29
CA PHE C 334 4.58 -34.24 -33.64
C PHE C 334 5.56 -34.97 -34.54
N GLU C 335 6.84 -35.07 -34.19
CA GLU C 335 7.79 -35.93 -34.94
C GLU C 335 7.43 -37.43 -34.97
N PHE D 16 4.48 18.85 -3.86
CA PHE D 16 3.02 18.83 -3.49
C PHE D 16 2.47 20.11 -2.83
N ASP D 17 3.33 20.95 -2.26
CA ASP D 17 2.87 22.18 -1.56
C ASP D 17 3.05 23.39 -2.50
N LEU D 18 2.85 24.59 -1.99
CA LEU D 18 3.26 25.76 -2.75
C LEU D 18 4.69 25.66 -3.32
N PRO D 19 4.88 26.14 -4.57
CA PRO D 19 6.22 26.32 -5.10
C PRO D 19 7.04 27.26 -4.23
N LEU D 20 8.35 27.15 -4.33
CA LEU D 20 9.26 27.81 -3.38
C LEU D 20 9.15 29.33 -3.40
N GLU D 21 8.96 29.94 -4.60
CA GLU D 21 8.86 31.40 -4.67
C GLU D 21 7.63 31.91 -3.88
N GLU D 22 6.54 31.13 -3.86
CA GLU D 22 5.37 31.45 -3.08
C GLU D 22 5.55 31.14 -1.59
N LEU D 23 6.27 30.04 -1.25
CA LEU D 23 6.53 29.72 0.15
C LEU D 23 7.28 30.87 0.80
N LYS D 24 8.29 31.38 0.09
CA LYS D 24 9.09 32.51 0.59
C LYS D 24 8.24 33.74 0.90
N LYS D 25 7.09 33.89 0.24
CA LYS D 25 6.19 35.00 0.50
C LYS D 25 4.97 34.62 1.30
N TYR D 26 4.89 33.37 1.80
CA TYR D 26 3.64 32.88 2.43
C TYR D 26 3.50 33.44 3.87
N ARG D 27 2.53 34.32 4.09
CA ARG D 27 2.36 35.04 5.36
C ARG D 27 0.89 35.08 5.59
N PRO D 28 0.30 33.91 5.90
CA PRO D 28 -1.13 33.87 6.13
C PRO D 28 -1.57 34.66 7.34
N GLU D 29 -2.82 35.15 7.32
CA GLU D 29 -3.41 35.87 8.46
C GLU D 29 -3.30 34.96 9.66
N ARG D 30 -2.78 35.46 10.74
CA ARG D 30 -2.69 34.62 11.95
C ARG D 30 -4.01 34.59 12.69
N TYR D 31 -4.22 33.53 13.46
CA TYR D 31 -5.38 33.41 14.30
C TYR D 31 -4.87 33.12 15.70
N GLU D 32 -5.21 33.98 16.65
CA GLU D 32 -5.00 33.75 18.07
C GLU D 32 -6.07 34.48 18.86
N GLU D 33 -6.32 34.02 20.07
CA GLU D 33 -7.30 34.66 20.94
C GLU D 33 -6.69 35.92 21.58
N LYS D 34 -7.55 36.81 22.06
CA LYS D 34 -7.12 38.10 22.67
C LYS D 34 -6.24 37.87 23.90
N ASP D 35 -6.46 36.76 24.58
CA ASP D 35 -5.78 36.41 25.80
C ASP D 35 -4.59 35.42 25.65
N PHE D 36 -4.07 35.28 24.44
CA PHE D 36 -2.84 34.46 24.19
C PHE D 36 -1.71 34.75 25.20
N ASP D 37 -1.30 36.01 25.32
CA ASP D 37 -0.16 36.33 26.18
C ASP D 37 -0.51 36.13 27.63
N GLU D 38 -1.72 36.48 28.00
CA GLU D 38 -2.15 36.32 29.36
C GLU D 38 -2.22 34.83 29.78
N PHE D 39 -2.70 34.00 28.87
CA PHE D 39 -2.75 32.55 29.14
C PHE D 39 -1.34 32.07 29.49
N TRP D 40 -0.34 32.52 28.73
CA TRP D 40 1.07 32.00 28.88
C TRP D 40 1.72 32.61 30.13
N GLU D 41 1.42 33.88 30.41
CA GLU D 41 1.92 34.53 31.65
C GLU D 41 1.35 33.87 32.89
N GLU D 42 0.06 33.63 32.94
CA GLU D 42 -0.50 32.91 34.06
C GLU D 42 0.00 31.49 34.19
N THR D 43 0.05 30.76 33.05
CA THR D 43 0.60 29.40 33.06
C THR D 43 2.02 29.40 33.68
N LEU D 44 2.87 30.28 33.19
CA LEU D 44 4.26 30.29 33.63
C LEU D 44 4.43 30.74 35.13
N ALA D 45 3.68 31.78 35.52
CA ALA D 45 3.61 32.23 36.95
C ALA D 45 3.12 31.11 37.86
N GLU D 46 2.06 30.42 37.46
CA GLU D 46 1.62 29.28 38.30
C GLU D 46 2.71 28.20 38.51
N SER D 47 3.44 27.83 37.44
CA SER D 47 4.48 26.82 37.57
C SER D 47 5.75 27.31 38.29
N GLU D 48 6.04 28.59 38.23
CA GLU D 48 7.13 29.23 39.01
C GLU D 48 6.88 29.22 40.52
N LYS D 49 5.67 29.01 40.98
CA LYS D 49 5.41 28.86 42.40
C LYS D 49 5.97 27.59 43.01
N PHE D 50 6.36 26.62 42.17
CA PHE D 50 7.00 25.43 42.62
C PHE D 50 8.51 25.61 42.45
N PRO D 51 9.31 25.11 43.44
CA PRO D 51 10.76 25.25 43.25
C PRO D 51 11.27 24.40 42.07
N LEU D 52 12.16 24.97 41.26
CA LEU D 52 12.83 24.22 40.19
C LEU D 52 13.51 22.94 40.65
N ASP D 53 14.26 23.06 41.74
CA ASP D 53 14.99 21.94 42.33
C ASP D 53 15.65 21.09 41.25
N PRO D 54 16.52 21.73 40.48
CA PRO D 54 17.31 20.91 39.54
C PRO D 54 18.24 19.93 40.27
N VAL D 55 18.26 18.65 39.90
CA VAL D 55 19.04 17.60 40.51
C VAL D 55 19.91 17.02 39.40
N PHE D 56 21.23 16.97 39.62
CA PHE D 56 22.17 16.44 38.61
C PHE D 56 22.91 15.38 39.31
N GLU D 57 22.62 14.12 39.02
CA GLU D 57 23.25 13.06 39.76
C GLU D 57 24.22 12.42 38.81
N ARG D 58 25.50 12.46 39.18
CA ARG D 58 26.55 12.00 38.31
C ARG D 58 26.33 10.51 38.16
N MET D 59 26.46 10.01 36.94
CA MET D 59 26.23 8.59 36.69
C MET D 59 27.50 7.82 36.40
N GLU D 60 27.53 6.59 36.87
CA GLU D 60 28.51 5.61 36.37
C GLU D 60 28.21 5.36 34.88
N SER D 61 29.24 5.47 34.05
CA SER D 61 29.05 5.50 32.61
C SER D 61 30.22 4.80 31.96
N HIS D 62 29.99 4.12 30.81
CA HIS D 62 31.10 3.67 29.98
C HIS D 62 31.67 4.79 29.14
N LEU D 63 30.96 5.90 29.04
CA LEU D 63 31.48 7.01 28.27
C LEU D 63 32.83 7.52 28.82
N LYS D 64 33.74 7.84 27.92
CA LYS D 64 35.10 8.22 28.29
C LYS D 64 35.36 9.64 27.92
N THR D 65 34.77 10.20 26.86
CA THR D 65 35.02 11.63 26.54
C THR D 65 33.99 12.64 27.14
N VAL D 66 32.99 12.13 27.87
CA VAL D 66 31.83 12.91 28.32
C VAL D 66 31.49 12.47 29.71
N GLU D 67 31.06 13.40 30.54
CA GLU D 67 30.51 13.11 31.87
C GLU D 67 28.97 13.15 31.76
N ALA D 68 28.32 12.10 32.18
CA ALA D 68 26.86 12.04 32.12
C ALA D 68 26.21 12.20 33.52
N TYR D 69 25.16 13.02 33.55
CA TYR D 69 24.34 13.20 34.75
C TYR D 69 22.89 12.79 34.50
N ASP D 70 22.28 12.16 35.49
CA ASP D 70 20.87 11.91 35.52
C ASP D 70 20.22 13.20 36.03
N VAL D 71 19.33 13.80 35.24
CA VAL D 71 18.72 15.09 35.57
C VAL D 71 17.27 14.88 36.00
N THR D 72 16.85 15.67 36.99
CA THR D 72 15.46 15.84 37.34
C THR D 72 15.23 17.31 37.62
N PHE D 73 14.12 17.87 37.14
CA PHE D 73 13.74 19.23 37.44
C PHE D 73 12.24 19.35 37.44
N SER D 74 11.73 20.42 37.99
CA SER D 74 10.30 20.66 38.07
C SER D 74 9.88 21.50 36.86
N GLY D 75 8.96 20.90 36.07
CA GLY D 75 8.38 21.53 34.93
C GLY D 75 7.00 22.14 35.22
N TYR D 76 5.98 21.65 34.53
CA TYR D 76 4.62 22.13 34.72
C TYR D 76 4.20 21.75 36.16
N ARG D 77 3.75 22.73 36.92
CA ARG D 77 3.21 22.57 38.29
C ARG D 77 3.95 21.64 39.22
N GLY D 78 5.25 21.84 39.27
CA GLY D 78 6.12 21.06 40.16
C GLY D 78 6.32 19.64 39.75
N GLN D 79 5.84 19.23 38.58
CA GLN D 79 5.97 17.82 38.24
C GLN D 79 7.40 17.48 37.85
N ARG D 80 7.88 16.29 38.22
CA ARG D 80 9.29 16.02 38.07
C ARG D 80 9.53 15.40 36.68
N ILE D 81 10.37 16.10 35.93
CA ILE D 81 10.73 15.73 34.57
C ILE D 81 12.17 15.23 34.51
N LYS D 82 12.39 14.11 33.84
CA LYS D 82 13.72 13.56 33.63
C LYS D 82 14.46 14.22 32.51
N GLY D 83 15.78 14.01 32.53
CA GLY D 83 16.68 14.48 31.45
C GLY D 83 18.05 13.84 31.58
N TRP D 84 18.94 14.18 30.63
CA TRP D 84 20.38 13.86 30.71
C TRP D 84 21.13 15.17 30.60
N LEU D 85 22.29 15.25 31.27
CA LEU D 85 23.25 16.36 31.05
C LEU D 85 24.54 15.68 30.66
N LEU D 86 25.07 16.03 29.48
CA LEU D 86 26.32 15.44 28.97
C LEU D 86 27.29 16.59 28.90
N VAL D 87 28.41 16.44 29.64
CA VAL D 87 29.42 17.47 29.74
C VAL D 87 30.67 16.90 29.08
N PRO D 88 31.11 17.53 28.00
CA PRO D 88 32.39 17.09 27.42
C PRO D 88 33.54 17.36 28.38
N LYS D 89 34.47 16.43 28.47
CA LYS D 89 35.64 16.61 29.31
C LYS D 89 36.61 17.55 28.63
N LEU D 90 36.50 18.84 28.93
CA LEU D 90 37.32 19.90 28.31
C LEU D 90 37.88 20.87 29.37
N GLU D 91 39.03 21.49 29.07
CA GLU D 91 39.74 22.37 30.02
C GLU D 91 38.92 23.64 30.32
N GLU D 92 38.29 24.24 29.30
CA GLU D 92 37.36 25.39 29.50
C GLU D 92 36.44 25.16 30.74
N GLU D 93 36.37 26.13 31.64
CA GLU D 93 35.60 26.07 32.90
C GLU D 93 34.10 26.50 32.77
N LYS D 94 33.79 27.29 31.75
CA LYS D 94 32.41 27.63 31.38
C LYS D 94 32.22 27.17 29.93
N LEU D 95 31.21 26.35 29.65
CA LEU D 95 30.98 25.87 28.25
C LEU D 95 29.64 26.29 27.75
N PRO D 96 29.50 26.45 26.41
CA PRO D 96 28.17 26.69 25.91
C PRO D 96 27.34 25.43 26.02
N CYS D 97 26.03 25.62 25.86
CA CYS D 97 25.03 24.59 26.15
C CYS D 97 23.89 24.57 25.13
N VAL D 98 23.48 23.37 24.77
CA VAL D 98 22.31 23.18 23.88
C VAL D 98 21.31 22.37 24.68
N VAL D 99 20.16 22.91 24.80
CA VAL D 99 19.03 22.24 25.40
C VAL D 99 18.26 21.62 24.22
N GLN D 100 18.16 20.32 24.26
CA GLN D 100 17.63 19.52 23.18
C GLN D 100 16.25 19.00 23.58
N TYR D 101 15.30 19.23 22.67
CA TYR D 101 13.93 18.70 22.78
C TYR D 101 13.76 17.57 21.73
N ILE D 102 12.86 16.63 22.01
CA ILE D 102 12.83 15.38 21.36
C ILE D 102 11.58 15.26 20.49
N GLY D 103 11.79 14.58 19.34
CA GLY D 103 10.71 14.28 18.42
C GLY D 103 9.55 13.42 18.98
N TYR D 104 8.43 13.46 18.25
CA TYR D 104 7.23 12.78 18.65
C TYR D 104 7.44 11.31 18.86
N ASN D 105 6.88 10.79 19.96
CA ASN D 105 7.00 9.40 20.40
C ASN D 105 8.41 9.02 20.83
N GLY D 106 9.31 10.00 20.96
CA GLY D 106 10.61 9.69 21.59
C GLY D 106 10.67 10.00 23.04
N GLY D 107 11.85 9.78 23.59
CA GLY D 107 12.16 10.23 24.97
C GLY D 107 13.65 10.23 25.13
N ARG D 108 14.10 10.49 26.36
CA ARG D 108 15.54 10.76 26.58
C ARG D 108 16.49 9.60 26.24
N GLY D 109 15.97 8.39 26.13
CA GLY D 109 16.80 7.27 25.72
C GLY D 109 17.95 7.04 26.70
N PHE D 110 19.11 6.75 26.12
CA PHE D 110 20.34 6.59 26.92
C PHE D 110 21.23 7.82 26.73
N PRO D 111 22.18 8.05 27.68
CA PRO D 111 23.08 9.17 27.43
C PRO D 111 23.87 9.12 26.11
N HIS D 112 24.24 7.93 25.66
CA HIS D 112 25.00 7.81 24.44
C HIS D 112 24.17 8.06 23.16
N ASP D 113 22.87 8.33 23.30
CA ASP D 113 22.04 8.77 22.16
C ASP D 113 22.24 10.17 21.81
N TRP D 114 23.01 10.94 22.60
CA TRP D 114 23.06 12.40 22.44
C TRP D 114 24.49 13.00 22.36
N LEU D 115 25.36 12.28 21.66
CA LEU D 115 26.82 12.60 21.69
C LEU D 115 27.23 13.77 20.77
N PHE D 116 26.36 14.23 19.86
CA PHE D 116 26.79 15.18 18.86
C PHE D 116 27.31 16.50 19.48
N TRP D 117 26.47 17.12 20.29
CA TRP D 117 26.74 18.48 20.78
C TRP D 117 27.92 18.42 21.77
N PRO D 118 27.96 17.41 22.66
CA PRO D 118 29.16 17.29 23.54
C PRO D 118 30.47 17.05 22.76
N SER D 119 30.43 16.29 21.65
CA SER D 119 31.61 16.13 20.81
C SER D 119 32.05 17.42 20.09
N MET D 120 31.13 18.31 19.85
CA MET D 120 31.38 19.66 19.32
C MET D 120 31.70 20.75 20.41
N GLY D 121 31.84 20.28 21.64
CA GLY D 121 32.28 21.05 22.80
C GLY D 121 31.17 21.77 23.53
N TYR D 122 29.93 21.30 23.33
CA TYR D 122 28.77 21.84 24.05
C TYR D 122 28.26 20.93 25.12
N ILE D 123 27.97 21.49 26.30
CA ILE D 123 27.15 20.77 27.25
C ILE D 123 25.79 20.55 26.58
N CYS D 124 25.19 19.36 26.71
CA CYS D 124 23.87 19.09 26.12
C CYS D 124 22.91 18.71 27.28
N PHE D 125 21.78 19.41 27.39
CA PHE D 125 20.72 19.06 28.34
C PHE D 125 19.64 18.48 27.49
N VAL D 126 19.30 17.21 27.70
CA VAL D 126 18.34 16.52 26.90
C VAL D 126 17.09 16.44 27.78
N MET D 127 16.01 17.04 27.33
CA MET D 127 14.72 17.02 28.12
C MET D 127 13.87 15.83 27.72
N ASP D 128 13.58 14.95 28.66
CA ASP D 128 12.65 13.90 28.44
C ASP D 128 11.22 14.49 28.19
N THR D 129 10.43 13.74 27.42
CA THR D 129 9.10 14.19 27.02
C THR D 129 8.01 13.42 27.71
N ARG D 130 7.29 14.16 28.53
CA ARG D 130 6.23 13.60 29.40
C ARG D 130 5.24 12.67 28.65
N GLY D 131 5.17 11.43 29.12
CA GLY D 131 4.14 10.52 28.68
C GLY D 131 4.38 9.84 27.36
N GLN D 132 5.46 10.22 26.68
CA GLN D 132 5.78 9.58 25.38
C GLN D 132 6.77 8.47 25.53
N GLY D 133 7.95 8.56 24.91
CA GLY D 133 9.02 7.55 25.18
C GLY D 133 8.78 6.13 24.80
N SER D 134 7.95 5.88 23.76
CA SER D 134 7.48 4.52 23.49
C SER D 134 7.41 4.14 22.02
N GLY D 135 7.79 5.03 21.10
CA GLY D 135 7.73 4.73 19.64
C GLY D 135 9.08 4.45 19.01
N TRP D 136 10.06 5.28 19.23
CA TRP D 136 11.38 5.01 18.57
C TRP D 136 12.56 5.12 19.53
N LEU D 137 12.33 5.75 20.68
CA LEU D 137 13.37 5.81 21.71
C LEU D 137 12.66 5.89 23.04
N LYS D 138 13.13 5.12 24.03
CA LYS D 138 12.46 5.06 25.30
C LYS D 138 12.53 6.34 26.11
N GLY D 139 11.54 6.47 26.99
CA GLY D 139 11.50 7.59 27.89
C GLY D 139 11.09 7.14 29.27
N ASP D 140 11.19 8.07 30.23
CA ASP D 140 11.06 7.70 31.63
C ASP D 140 10.16 8.61 32.41
N THR D 141 9.50 9.57 31.78
CA THR D 141 8.80 10.61 32.46
C THR D 141 7.33 10.50 32.17
N PRO D 142 6.46 10.47 33.25
CA PRO D 142 5.01 10.43 32.99
C PRO D 142 4.43 11.78 32.73
N ASP D 143 3.23 11.75 32.14
CA ASP D 143 2.34 12.89 32.09
C ASP D 143 1.55 12.93 33.41
N TYR D 144 1.03 14.08 33.77
CA TYR D 144 0.12 14.16 34.95
C TYR D 144 -1.00 15.16 34.61
N PRO D 145 -2.18 14.71 34.18
CA PRO D 145 -3.19 15.68 33.64
C PRO D 145 -3.88 16.72 34.58
N GLY D 147 -6.39 15.77 36.96
CA GLY D 147 -7.78 15.82 36.41
C GLY D 147 -8.28 14.72 35.43
N PRO D 148 -9.53 14.86 34.92
CA PRO D 148 -10.07 13.86 34.00
C PRO D 148 -9.29 13.92 32.66
N VAL D 149 -9.17 12.79 31.99
CA VAL D 149 -8.51 12.67 30.69
C VAL D 149 -9.63 12.43 29.67
N ASP D 150 -10.12 13.51 29.08
CA ASP D 150 -11.24 13.52 28.13
C ASP D 150 -11.11 12.46 26.99
N PRO D 151 -12.28 12.02 26.42
CA PRO D 151 -12.28 11.31 25.12
C PRO D 151 -11.27 11.94 24.17
N GLN D 152 -10.46 11.08 23.56
CA GLN D 152 -9.39 11.54 22.67
C GLN D 152 -9.11 10.48 21.64
N TYR D 153 -8.49 10.91 20.57
CA TYR D 153 -7.92 9.99 19.57
C TYR D 153 -6.55 9.48 20.12
N PRO D 154 -6.16 8.21 19.86
CA PRO D 154 -4.86 7.71 20.29
C PRO D 154 -3.74 8.67 19.97
N GLY D 155 -2.95 9.00 21.01
CA GLY D 155 -1.81 9.86 20.78
C GLY D 155 -1.86 11.06 21.69
N PHE D 156 -0.98 12.03 21.39
CA PHE D 156 -0.79 13.22 22.24
C PHE D 156 -1.43 14.46 21.72
N MET D 157 -1.70 14.47 20.42
CA MET D 157 -2.17 15.68 19.71
C MET D 157 -3.56 16.14 20.13
N THR D 158 -4.40 15.20 20.57
CA THR D 158 -5.75 15.51 21.00
C THR D 158 -6.01 15.38 22.49
N ARG D 159 -4.96 15.12 23.29
CA ARG D 159 -5.13 14.86 24.69
C ARG D 159 -5.43 16.21 25.39
N GLY D 160 -6.65 16.34 25.91
CA GLY D 160 -7.08 17.57 26.50
C GLY D 160 -7.38 18.74 25.59
N ILE D 161 -7.64 18.46 24.29
CA ILE D 161 -7.77 19.49 23.27
C ILE D 161 -9.03 20.37 23.38
N LEU D 162 -10.02 19.96 24.15
CA LEU D 162 -11.22 20.77 24.28
C LEU D 162 -11.06 22.01 25.18
N ASP D 163 -9.91 22.19 25.80
CA ASP D 163 -9.64 23.38 26.63
C ASP D 163 -8.10 23.67 26.68
N PRO D 164 -7.67 24.88 26.31
CA PRO D 164 -6.24 25.05 26.36
C PRO D 164 -5.65 24.80 27.78
N ARG D 165 -6.44 24.99 28.86
CA ARG D 165 -5.91 24.76 30.20
C ARG D 165 -5.61 23.27 30.43
N THR D 166 -6.29 22.37 29.71
CA THR D 166 -6.09 20.94 29.89
C THR D 166 -5.23 20.35 28.82
N TYR D 167 -4.79 21.13 27.87
CA TYR D 167 -4.17 20.55 26.68
C TYR D 167 -2.75 20.10 26.97
N TYR D 168 -2.43 18.95 26.45
CA TYR D 168 -1.15 18.27 26.70
C TYR D 168 0.06 19.16 26.48
N TYR D 169 0.04 19.91 25.39
CA TYR D 169 1.25 20.76 25.10
C TYR D 169 1.39 21.97 26.00
N ARG D 170 0.36 22.34 26.77
CA ARG D 170 0.53 23.34 27.80
C ARG D 170 1.60 22.84 28.78
N ARG D 171 1.55 21.58 29.10
CA ARG D 171 2.43 21.00 30.07
C ARG D 171 3.84 20.75 29.48
N VAL D 172 3.92 20.27 28.23
CA VAL D 172 5.21 20.04 27.59
C VAL D 172 5.92 21.36 27.42
N PHE D 173 5.21 22.40 26.99
CA PHE D 173 5.89 23.64 26.70
C PHE D 173 6.42 24.34 28.00
N THR D 174 5.64 24.23 29.06
CA THR D 174 6.05 24.72 30.39
C THR D 174 7.29 23.93 30.84
N ASP D 175 7.28 22.62 30.68
CA ASP D 175 8.45 21.80 31.02
C ASP D 175 9.69 22.39 30.31
N ALA D 176 9.49 22.66 29.03
CA ALA D 176 10.56 23.01 28.15
C ALA D 176 11.17 24.37 28.50
N VAL D 177 10.33 25.29 28.94
CA VAL D 177 10.76 26.63 29.42
C VAL D 177 11.58 26.40 30.72
N ARG D 178 11.03 25.59 31.61
CA ARG D 178 11.70 25.23 32.88
C ARG D 178 13.06 24.50 32.66
N ALA D 179 13.18 23.68 31.59
CA ALA D 179 14.39 22.98 31.25
C ALA D 179 15.56 23.94 30.98
N VAL D 180 15.27 25.07 30.38
CA VAL D 180 16.30 26.07 30.09
C VAL D 180 16.84 26.65 31.41
N GLU D 181 15.94 26.87 32.36
CA GLU D 181 16.37 27.32 33.70
C GLU D 181 17.15 26.27 34.40
N ALA D 182 16.77 25.01 34.25
CA ALA D 182 17.52 23.89 34.87
C ALA D 182 18.96 23.78 34.31
N ALA D 183 19.07 23.93 32.98
CA ALA D 183 20.37 23.89 32.31
C ALA D 183 21.22 25.06 32.81
N ALA D 184 20.59 26.21 32.96
CA ALA D 184 21.33 27.43 33.35
C ALA D 184 21.91 27.27 34.79
N SER D 185 21.27 26.44 35.60
CA SER D 185 21.65 26.33 36.97
C SER D 185 22.89 25.42 37.13
N PHE D 186 23.33 24.74 36.06
CA PHE D 186 24.47 23.82 36.17
C PHE D 186 25.72 24.71 36.14
N PRO D 187 26.69 24.48 37.06
CA PRO D 187 27.69 25.58 37.26
C PRO D 187 28.61 25.80 36.04
N GLN D 188 28.94 24.74 35.28
CA GLN D 188 29.78 24.86 34.09
C GLN D 188 29.08 25.45 32.89
N VAL D 189 27.77 25.61 32.93
CA VAL D 189 27.09 26.20 31.80
C VAL D 189 27.31 27.70 31.71
N ASP D 190 27.76 28.13 30.56
CA ASP D 190 27.88 29.54 30.23
C ASP D 190 26.49 30.08 29.90
N GLN D 191 25.93 30.86 30.81
CA GLN D 191 24.59 31.35 30.62
C GLN D 191 24.42 32.31 29.46
N GLU D 192 25.51 32.84 28.91
CA GLU D 192 25.38 33.66 27.74
C GLU D 192 25.37 32.83 26.46
N ARG D 193 25.57 31.51 26.54
CA ARG D 193 25.55 30.74 25.30
C ARG D 193 24.67 29.51 25.50
N ILE D 194 23.40 29.72 25.82
CA ILE D 194 22.44 28.63 25.90
C ILE D 194 21.62 28.64 24.60
N VAL D 195 21.66 27.51 23.92
CA VAL D 195 20.94 27.34 22.66
C VAL D 195 19.77 26.39 22.95
N ILE D 196 18.63 26.63 22.28
CA ILE D 196 17.46 25.72 22.35
C ILE D 196 17.27 25.06 20.97
N ALA D 197 17.11 23.73 20.96
CA ALA D 197 17.17 23.00 19.68
C ALA D 197 16.18 21.91 19.61
N GLY D 198 15.61 21.71 18.39
CA GLY D 198 14.93 20.49 18.10
C GLY D 198 14.54 20.39 16.66
N GLY D 199 14.07 19.22 16.33
CA GLY D 199 13.49 18.90 15.05
C GLY D 199 12.12 18.29 15.17
N SER D 200 11.24 18.68 14.24
CA SER D 200 9.85 18.23 14.21
C SER D 200 9.14 18.55 15.54
N GLN D 201 8.60 17.59 16.32
CA GLN D 201 8.02 17.99 17.62
C GLN D 201 9.06 18.82 18.39
N GLY D 202 10.31 18.41 18.37
CA GLY D 202 11.32 19.16 19.07
C GLY D 202 11.50 20.58 18.59
N GLY D 203 11.30 20.78 17.30
CA GLY D 203 11.37 22.11 16.75
C GLY D 203 10.18 22.95 17.09
N GLY D 204 8.95 22.36 17.17
CA GLY D 204 7.77 23.12 17.63
C GLY D 204 7.91 23.50 19.13
N ILE D 205 8.42 22.59 19.93
CA ILE D 205 8.69 22.88 21.36
C ILE D 205 9.70 24.02 21.45
N ALA D 206 10.81 23.92 20.67
CA ALA D 206 11.86 24.93 20.73
C ALA D 206 11.35 26.29 20.32
N LEU D 207 10.47 26.30 19.30
CA LEU D 207 9.89 27.54 18.86
C LEU D 207 9.01 28.18 19.95
N ALA D 208 8.20 27.41 20.67
CA ALA D 208 7.44 27.96 21.82
C ALA D 208 8.42 28.53 22.85
N VAL D 209 9.50 27.80 23.13
CA VAL D 209 10.46 28.25 24.14
C VAL D 209 11.13 29.55 23.70
N SER D 210 11.35 29.70 22.36
CA SER D 210 12.05 30.88 21.85
C SER D 210 11.24 32.14 22.17
N ALA D 211 9.91 32.02 22.26
CA ALA D 211 9.02 33.11 22.65
C ALA D 211 8.88 33.26 24.16
N LEU D 212 8.86 32.15 24.88
CA LEU D 212 8.52 32.18 26.32
C LEU D 212 9.70 32.33 27.28
N SER D 213 10.87 31.89 26.91
CA SER D 213 12.03 31.89 27.78
C SER D 213 12.73 33.25 27.70
N LYS D 214 13.18 33.75 28.83
CA LYS D 214 14.02 34.92 28.88
C LYS D 214 15.53 34.49 28.89
N LYS D 215 15.84 33.19 29.00
CA LYS D 215 17.20 32.70 29.04
C LYS D 215 17.88 32.19 27.77
N ALA D 216 17.12 31.75 26.76
CA ALA D 216 17.72 31.20 25.54
C ALA D 216 18.42 32.32 24.76
N LYS D 217 19.55 32.00 24.16
CA LYS D 217 20.31 32.94 23.35
C LYS D 217 20.12 32.71 21.83
N ALA D 218 19.83 31.47 21.42
CA ALA D 218 19.65 31.14 19.99
C ALA D 218 18.80 29.88 19.86
N LEU D 219 18.16 29.77 18.70
CA LEU D 219 17.18 28.76 18.37
C LEU D 219 17.67 27.99 17.11
N LEU D 220 17.68 26.67 17.21
CA LEU D 220 17.88 25.76 16.07
C LEU D 220 16.58 25.07 15.90
N CYS D 221 15.89 25.37 14.79
CA CYS D 221 14.53 24.91 14.56
C CYS D 221 14.47 24.08 13.26
N ASP D 222 14.50 22.75 13.37
CA ASP D 222 14.50 21.91 12.18
C ASP D 222 13.15 21.35 11.90
N VAL D 223 12.76 21.38 10.61
CA VAL D 223 11.49 20.79 10.13
C VAL D 223 10.31 20.85 11.14
N PRO D 224 9.98 22.05 11.59
CA PRO D 224 9.15 22.12 12.78
C PRO D 224 7.75 21.61 12.65
N PHE D 225 7.32 20.86 13.62
CA PHE D 225 5.93 20.38 13.79
C PHE D 225 5.20 21.34 14.76
N LEU D 226 3.88 21.19 14.95
CA LEU D 226 3.13 22.06 15.84
C LEU D 226 3.01 23.49 15.29
N CYS D 227 2.98 23.60 13.96
CA CYS D 227 2.85 24.86 13.24
C CYS D 227 1.68 24.85 12.30
N HIS D 228 0.84 25.90 12.40
CA HIS D 228 -0.19 26.16 11.38
C HIS D 228 -1.13 24.97 11.15
N PHE D 229 -1.63 24.46 12.27
CA PHE D 229 -2.39 23.25 12.36
C PHE D 229 -3.59 23.21 11.35
N ARG D 230 -4.27 24.35 11.20
CA ARG D 230 -5.53 24.47 10.45
C ARG D 230 -5.24 24.13 9.03
N ARG D 231 -4.09 24.55 8.55
CA ARG D 231 -3.69 24.32 7.19
C ARG D 231 -3.03 22.95 7.05
N ALA D 232 -2.21 22.53 8.03
CA ALA D 232 -1.57 21.21 7.98
C ALA D 232 -2.57 20.06 7.72
N VAL D 233 -3.68 20.04 8.47
CA VAL D 233 -4.73 19.04 8.31
C VAL D 233 -5.45 19.09 6.94
N GLN D 234 -5.32 20.19 6.19
CA GLN D 234 -5.83 20.25 4.79
C GLN D 234 -4.84 19.69 3.80
N LEU D 235 -3.56 19.68 4.14
CA LEU D 235 -2.53 19.40 3.16
C LEU D 235 -2.06 18.00 3.18
N VAL D 236 -2.09 17.35 4.33
CA VAL D 236 -1.53 16.02 4.43
C VAL D 236 -2.44 15.18 5.29
N ASP D 237 -2.36 13.90 5.06
CA ASP D 237 -3.13 12.95 5.86
C ASP D 237 -2.20 12.10 6.68
N THR D 238 -0.97 12.52 6.88
CA THR D 238 -0.03 11.75 7.66
C THR D 238 -0.22 11.99 9.14
N HIS D 239 0.30 11.07 9.92
CA HIS D 239 0.46 11.24 11.38
C HIS D 239 1.75 11.97 11.66
N PRO D 240 1.83 12.84 12.70
CA PRO D 240 0.76 12.90 13.76
C PRO D 240 -0.33 13.90 13.47
N TYR D 241 -0.20 14.77 12.46
CA TYR D 241 -1.30 15.76 12.29
C TYR D 241 -2.66 15.08 12.13
N ALA D 242 -2.67 13.92 11.46
CA ALA D 242 -3.96 13.19 11.21
C ALA D 242 -4.72 12.80 12.49
N GLU D 243 -4.06 12.80 13.65
CA GLU D 243 -4.79 12.61 14.90
C GLU D 243 -5.84 13.69 15.11
N ILE D 244 -5.53 14.89 14.72
CA ILE D 244 -6.47 15.98 14.84
C ILE D 244 -7.64 15.80 13.85
N THR D 245 -7.29 15.53 12.61
CA THR D 245 -8.34 15.26 11.60
C THR D 245 -9.27 14.14 12.09
N ASN D 246 -8.70 13.04 12.56
CA ASN D 246 -9.50 11.91 12.96
C ASN D 246 -10.40 12.21 14.11
N PHE D 247 -9.89 13.00 15.08
CA PHE D 247 -10.74 13.49 16.17
C PHE D 247 -11.95 14.30 15.70
N LEU D 248 -11.72 15.21 14.75
CA LEU D 248 -12.75 16.02 14.15
C LEU D 248 -13.69 15.23 13.25
N LYS D 249 -13.18 14.17 12.60
CA LYS D 249 -14.05 13.29 11.80
C LYS D 249 -15.19 12.64 12.66
N THR D 250 -14.92 12.43 13.95
CA THR D 250 -15.86 11.92 14.94
C THR D 250 -16.62 13.01 15.72
N HIS D 251 -15.88 13.98 16.28
CA HIS D 251 -16.41 15.07 17.07
C HIS D 251 -16.70 16.21 16.11
N ARG D 252 -17.72 15.98 15.31
CA ARG D 252 -18.07 16.87 14.17
C ARG D 252 -18.57 18.22 14.58
N ASP D 253 -19.02 18.31 15.81
CA ASP D 253 -19.48 19.54 16.46
C ASP D 253 -18.38 20.36 17.12
N LYS D 254 -17.11 19.93 17.05
CA LYS D 254 -16.04 20.59 17.81
C LYS D 254 -14.97 21.27 17.01
N GLU D 255 -15.19 21.57 15.73
CA GLU D 255 -14.19 22.20 14.94
C GLU D 255 -13.69 23.50 15.58
N GLU D 256 -14.62 24.37 15.97
CA GLU D 256 -14.24 25.74 16.42
C GLU D 256 -13.46 25.68 17.77
N ILE D 257 -13.91 24.83 18.66
CA ILE D 257 -13.25 24.59 19.97
C ILE D 257 -11.85 24.02 19.76
N VAL D 258 -11.72 23.00 18.91
CA VAL D 258 -10.44 22.42 18.63
C VAL D 258 -9.42 23.44 18.13
N PHE D 259 -9.76 24.20 17.10
CA PHE D 259 -8.79 25.17 16.55
C PHE D 259 -8.57 26.35 17.44
N ARG D 260 -9.54 26.69 18.28
CA ARG D 260 -9.31 27.74 19.28
C ARG D 260 -8.23 27.24 20.30
N THR D 261 -8.34 26.01 20.77
CA THR D 261 -7.40 25.46 21.71
C THR D 261 -6.05 25.47 21.05
N LEU D 262 -5.99 24.98 19.80
CA LEU D 262 -4.72 24.82 19.13
C LEU D 262 -4.02 26.15 18.92
N SER D 263 -4.78 27.26 18.77
CA SER D 263 -4.21 28.57 18.52
C SER D 263 -3.22 29.04 19.64
N TYR D 264 -3.44 28.54 20.86
CA TYR D 264 -2.55 28.88 21.98
C TYR D 264 -1.19 28.15 21.89
N PHE D 265 -1.09 27.14 21.00
CA PHE D 265 0.11 26.27 20.89
C PHE D 265 0.80 26.27 19.53
N ASP D 266 0.34 27.14 18.66
CA ASP D 266 0.77 27.19 17.27
C ASP D 266 2.06 27.97 17.15
N GLY D 267 3.09 27.28 16.61
CA GLY D 267 4.39 27.81 16.38
C GLY D 267 4.39 29.11 15.61
N VAL D 268 3.42 29.31 14.71
CA VAL D 268 3.31 30.54 13.96
C VAL D 268 3.08 31.74 14.93
N ASN D 269 2.23 31.56 15.95
CA ASN D 269 1.96 32.62 16.96
C ASN D 269 3.10 32.88 17.88
N PHE D 270 3.85 31.82 18.26
CA PHE D 270 5.10 32.05 18.97
C PHE D 270 6.15 32.70 18.10
N ALA D 271 6.29 32.31 16.83
CA ALA D 271 7.39 32.89 15.98
C ALA D 271 7.24 34.40 15.93
N ALA D 272 6.00 34.88 15.89
CA ALA D 272 5.74 36.35 15.72
C ALA D 272 6.27 37.12 16.93
N ARG D 273 6.52 36.41 18.04
CA ARG D 273 6.93 37.02 19.31
C ARG D 273 8.38 36.79 19.67
N ALA D 274 9.06 35.88 18.99
CA ALA D 274 10.40 35.45 19.33
C ALA D 274 11.39 36.49 18.78
N LYS D 275 12.41 36.79 19.57
CA LYS D 275 13.41 37.80 19.27
C LYS D 275 14.80 37.29 19.05
N ILE D 276 15.11 36.04 19.46
CA ILE D 276 16.47 35.55 19.43
C ILE D 276 16.87 35.05 18.05
N PRO D 277 18.20 35.05 17.74
CA PRO D 277 18.72 34.58 16.46
C PRO D 277 18.34 33.12 16.24
N ALA D 278 17.95 32.79 15.00
CA ALA D 278 17.45 31.43 14.67
C ALA D 278 18.00 30.90 13.36
N LEU D 279 18.22 29.59 13.33
CA LEU D 279 18.58 28.87 12.08
C LEU D 279 17.50 27.82 11.93
N PHE D 280 16.66 27.99 10.90
CA PHE D 280 15.64 27.02 10.53
C PHE D 280 16.11 26.09 9.42
N SER D 281 15.44 24.96 9.33
CA SER D 281 15.60 24.06 8.12
C SER D 281 14.25 23.54 7.68
N VAL D 282 14.16 23.26 6.39
CA VAL D 282 12.95 22.76 5.83
C VAL D 282 13.23 21.78 4.68
N GLY D 283 12.40 20.78 4.56
CA GLY D 283 12.48 19.83 3.43
C GLY D 283 11.27 20.12 2.54
N LEU D 284 11.50 20.41 1.27
CA LEU D 284 10.37 20.75 0.39
C LEU D 284 9.47 19.55 0.03
N MET D 285 9.89 18.33 0.32
CA MET D 285 9.08 17.14 0.05
C MET D 285 8.63 16.54 1.34
N ASP D 286 8.80 17.24 2.45
CA ASP D 286 8.32 16.74 3.79
C ASP D 286 6.80 16.68 3.82
N ASN D 287 6.21 15.48 3.90
CA ASN D 287 4.73 15.41 4.01
C ASN D 287 4.24 15.09 5.46
N ILE D 288 5.16 15.12 6.41
CA ILE D 288 4.84 15.15 7.86
C ILE D 288 4.66 16.59 8.38
N CYS D 289 5.60 17.46 8.07
CA CYS D 289 5.53 18.85 8.35
C CYS D 289 5.58 19.62 7.04
N PRO D 290 4.42 19.90 6.46
CA PRO D 290 4.42 20.46 5.09
C PRO D 290 5.15 21.78 5.01
N PRO D 291 5.80 22.05 3.90
CA PRO D 291 6.62 23.26 3.74
C PRO D 291 5.87 24.56 4.02
N SER D 292 4.59 24.63 3.69
CA SER D 292 3.84 25.84 3.91
C SER D 292 3.64 26.09 5.44
N THR D 293 3.55 25.05 6.23
CA THR D 293 3.46 25.19 7.70
C THR D 293 4.76 25.69 8.29
N VAL D 294 5.86 25.16 7.78
CA VAL D 294 7.20 25.58 8.20
C VAL D 294 7.45 27.02 7.79
N PHE D 295 7.18 27.33 6.52
CA PHE D 295 7.44 28.70 6.09
C PHE D 295 6.52 29.67 6.78
N ALA D 296 5.26 29.32 7.08
CA ALA D 296 4.41 30.29 7.81
C ALA D 296 5.10 30.70 9.13
N ALA D 297 5.63 29.71 9.84
CA ALA D 297 6.38 29.99 11.07
C ALA D 297 7.66 30.78 10.79
N TYR D 298 8.47 30.34 9.85
CA TYR D 298 9.70 31.03 9.49
C TYR D 298 9.47 32.51 9.06
N ASN D 299 8.46 32.73 8.24
CA ASN D 299 8.17 34.06 7.76
C ASN D 299 7.68 35.02 8.83
N TYR D 300 6.97 34.52 9.85
CA TYR D 300 6.57 35.33 11.01
C TYR D 300 7.65 35.50 12.04
N TYR D 301 8.71 34.70 12.01
CA TYR D 301 9.75 34.73 13.07
C TYR D 301 10.35 36.13 13.17
N ALA D 302 10.33 36.70 14.36
CA ALA D 302 10.63 38.14 14.53
C ALA D 302 12.06 38.43 14.90
N GLY D 303 12.89 37.40 15.11
CA GLY D 303 14.28 37.58 15.44
C GLY D 303 15.13 37.49 14.18
N PRO D 304 16.43 37.79 14.29
CA PRO D 304 17.34 37.58 13.19
C PRO D 304 17.32 36.07 12.81
N LYS D 305 17.33 35.78 11.51
CA LYS D 305 17.02 34.39 11.12
C LYS D 305 17.56 34.05 9.76
N GLU D 306 17.71 32.75 9.53
CA GLU D 306 18.10 32.20 8.26
C GLU D 306 17.40 30.87 8.15
N ILE D 307 17.26 30.40 6.93
CA ILE D 307 16.69 29.06 6.70
C ILE D 307 17.55 28.30 5.72
N ARG D 308 17.80 27.02 5.98
CA ARG D 308 18.44 26.11 4.98
C ARG D 308 17.30 25.32 4.32
N ILE D 309 17.23 25.33 2.98
CA ILE D 309 16.15 24.75 2.25
C ILE D 309 16.69 23.56 1.51
N TYR D 310 16.04 22.41 1.72
CA TYR D 310 16.45 21.15 1.13
C TYR D 310 15.35 20.69 0.18
N PRO D 311 15.49 21.04 -1.12
CA PRO D 311 14.39 20.84 -2.07
C PRO D 311 14.00 19.41 -2.32
N TYR D 312 14.94 18.47 -2.17
CA TYR D 312 14.68 17.07 -2.50
C TYR D 312 14.43 16.22 -1.28
N ASN D 313 14.58 16.78 -0.09
CA ASN D 313 14.40 16.02 1.11
C ASN D 313 12.96 16.02 1.63
N ASN D 314 12.55 14.87 2.15
CA ASN D 314 11.30 14.70 2.94
C ASN D 314 11.65 15.14 4.39
N HIS D 315 11.05 14.45 5.34
CA HIS D 315 11.09 14.88 6.76
C HIS D 315 12.45 14.77 7.42
N GLU D 316 13.38 14.02 6.80
CA GLU D 316 14.77 13.95 7.30
C GLU D 316 15.46 15.31 7.13
N GLY D 317 14.94 16.16 6.25
CA GLY D 317 15.45 17.49 6.12
C GLY D 317 16.88 17.43 5.62
N GLY D 318 17.73 18.31 6.18
CA GLY D 318 19.14 18.33 5.84
C GLY D 318 20.01 17.28 6.53
N GLY D 319 19.45 16.44 7.41
CA GLY D 319 20.22 15.45 8.15
C GLY D 319 21.59 15.91 8.63
N SER D 320 22.63 15.11 8.36
CA SER D 320 23.96 15.45 8.83
C SER D 320 24.55 16.68 8.16
N PHE D 321 24.03 17.11 7.00
CA PHE D 321 24.48 18.30 6.36
C PHE D 321 24.00 19.47 7.20
N GLN D 322 22.78 19.41 7.70
CA GLN D 322 22.26 20.52 8.49
C GLN D 322 23.01 20.64 9.85
N ALA D 323 23.39 19.51 10.42
CA ALA D 323 24.17 19.49 11.70
C ALA D 323 25.45 20.34 11.55
N VAL D 324 26.12 20.19 10.43
CA VAL D 324 27.29 21.04 10.09
C VAL D 324 26.89 22.51 9.99
N GLU D 325 25.82 22.79 9.27
CA GLU D 325 25.35 24.16 9.16
C GLU D 325 25.09 24.76 10.56
N GLN D 326 24.54 23.96 11.49
CA GLN D 326 24.25 24.40 12.89
C GLN D 326 25.49 24.76 13.68
N VAL D 327 26.49 23.94 13.59
CA VAL D 327 27.72 24.15 14.31
C VAL D 327 28.39 25.42 13.79
N LYS D 328 28.37 25.62 12.47
CA LYS D 328 28.92 26.88 11.88
C LYS D 328 28.18 28.10 12.25
N PHE D 329 26.85 28.01 12.24
CA PHE D 329 25.98 29.09 12.62
C PHE D 329 26.27 29.59 14.08
N LEU D 330 26.40 28.67 15.02
CA LEU D 330 26.65 29.00 16.44
C LEU D 330 28.05 29.53 16.63
N LYS D 331 29.02 28.95 15.93
CA LYS D 331 30.37 29.45 15.99
C LYS D 331 30.43 30.92 15.60
N LYS D 332 29.78 31.27 14.49
CA LYS D 332 29.76 32.63 13.99
C LYS D 332 29.01 33.56 14.90
N LEU D 333 27.84 33.12 15.37
CA LEU D 333 27.06 33.90 16.30
C LEU D 333 27.79 34.25 17.58
N PHE D 334 28.45 33.26 18.18
CA PHE D 334 29.09 33.41 19.46
C PHE D 334 30.52 34.02 19.42
N GLU D 335 31.24 33.88 18.31
CA GLU D 335 32.59 34.49 18.10
C GLU D 335 32.46 35.94 17.63
N PHE E 16 -3.56 14.55 -13.32
CA PHE E 16 -2.69 15.16 -12.24
C PHE E 16 -1.73 16.26 -12.75
N ASP E 17 -1.61 16.46 -14.04
CA ASP E 17 -0.57 17.37 -14.56
C ASP E 17 -1.39 18.52 -15.12
N LEU E 18 -0.79 19.38 -15.92
CA LEU E 18 -1.52 20.46 -16.60
C LEU E 18 -2.73 19.90 -17.34
N PRO E 19 -3.84 20.64 -17.37
CA PRO E 19 -4.92 20.27 -18.32
C PRO E 19 -4.48 20.27 -19.78
N LEU E 20 -5.21 19.56 -20.65
CA LEU E 20 -4.77 19.37 -22.02
C LEU E 20 -4.59 20.66 -22.82
N GLU E 21 -5.50 21.61 -22.65
CA GLU E 21 -5.35 22.88 -23.35
C GLU E 21 -3.99 23.57 -23.01
N GLU E 22 -3.49 23.42 -21.77
CA GLU E 22 -2.20 24.00 -21.32
C GLU E 22 -1.03 23.15 -21.82
N LEU E 23 -1.21 21.83 -21.82
CA LEU E 23 -0.14 20.94 -22.36
C LEU E 23 0.15 21.22 -23.77
N LYS E 24 -0.89 21.52 -24.57
CA LYS E 24 -0.70 21.79 -25.98
C LYS E 24 0.10 23.07 -26.26
N LYS E 25 0.15 23.98 -25.32
CA LYS E 25 0.89 25.26 -25.48
C LYS E 25 2.12 25.21 -24.64
N TYR E 26 2.45 24.08 -23.98
CA TYR E 26 3.50 24.09 -22.99
C TYR E 26 4.88 24.03 -23.66
N ARG E 27 5.63 25.14 -23.63
CA ARG E 27 6.96 25.27 -24.32
C ARG E 27 7.84 26.05 -23.42
N PRO E 28 8.29 25.41 -22.36
CA PRO E 28 8.97 26.12 -21.32
C PRO E 28 10.40 26.44 -21.74
N GLU E 29 11.00 27.35 -20.98
CA GLU E 29 12.39 27.72 -21.22
C GLU E 29 13.30 26.52 -21.14
N ARG E 30 14.08 26.25 -22.15
CA ARG E 30 14.93 25.09 -22.17
C ARG E 30 16.20 25.38 -21.41
N TYR E 31 16.78 24.35 -20.82
CA TYR E 31 18.03 24.53 -20.13
C TYR E 31 19.07 23.62 -20.81
N GLU E 32 20.13 24.22 -21.34
CA GLU E 32 21.21 23.48 -21.99
C GLU E 32 22.47 24.32 -21.98
N GLU E 33 23.61 23.68 -21.98
CA GLU E 33 24.84 24.42 -21.93
C GLU E 33 25.26 24.81 -23.32
N LYS E 34 26.11 25.84 -23.40
CA LYS E 34 26.51 26.32 -24.71
C LYS E 34 27.25 25.30 -25.55
N ASP E 35 27.92 24.30 -24.93
CA ASP E 35 28.65 23.33 -25.65
C ASP E 35 27.85 22.00 -25.91
N PHE E 36 26.52 22.02 -25.84
CA PHE E 36 25.72 20.79 -26.18
C PHE E 36 26.11 20.11 -27.51
N ASP E 37 26.08 20.87 -28.61
CA ASP E 37 26.40 20.27 -29.89
C ASP E 37 27.86 19.75 -29.97
N GLU E 38 28.77 20.56 -29.46
CA GLU E 38 30.21 20.17 -29.43
C GLU E 38 30.46 18.88 -28.63
N PHE E 39 29.74 18.76 -27.50
CA PHE E 39 29.80 17.54 -26.69
C PHE E 39 29.43 16.35 -27.52
N TRP E 40 28.33 16.44 -28.25
CA TRP E 40 27.84 15.31 -29.01
C TRP E 40 28.69 15.08 -30.30
N GLU E 41 29.17 16.17 -30.94
CA GLU E 41 30.06 16.02 -32.14
C GLU E 41 31.35 15.28 -31.71
N GLU E 42 31.96 15.71 -30.63
CA GLU E 42 33.17 15.07 -30.11
C GLU E 42 32.95 13.64 -29.64
N THR E 43 31.81 13.37 -28.98
CA THR E 43 31.43 12.00 -28.62
C THR E 43 31.31 11.11 -29.81
N LEU E 44 30.57 11.55 -30.84
CA LEU E 44 30.38 10.66 -31.94
C LEU E 44 31.69 10.49 -32.73
N ALA E 45 32.47 11.56 -32.81
CA ALA E 45 33.70 11.46 -33.63
C ALA E 45 34.70 10.54 -32.96
N GLU E 46 34.75 10.59 -31.63
CA GLU E 46 35.64 9.70 -30.91
C GLU E 46 35.22 8.26 -31.08
N SER E 47 33.92 7.96 -30.98
CA SER E 47 33.48 6.59 -31.20
C SER E 47 33.62 6.06 -32.63
N GLU E 48 33.42 6.98 -33.56
CA GLU E 48 33.57 6.69 -34.99
C GLU E 48 35.01 6.31 -35.43
N LYS E 49 36.00 6.53 -34.58
CA LYS E 49 37.39 6.14 -34.89
C LYS E 49 37.53 4.63 -34.86
N PHE E 50 36.61 3.92 -34.17
CA PHE E 50 36.58 2.47 -34.15
C PHE E 50 35.71 1.93 -35.25
N PRO E 51 36.19 0.91 -35.99
CA PRO E 51 35.31 0.44 -37.07
C PRO E 51 34.01 -0.13 -36.53
N LEU E 52 32.94 0.21 -37.24
CA LEU E 52 31.60 -0.30 -36.91
C LEU E 52 31.57 -1.81 -36.87
N ASP E 53 32.18 -2.42 -37.86
CA ASP E 53 32.25 -3.88 -37.98
C ASP E 53 30.95 -4.62 -37.64
N PRO E 54 29.88 -4.28 -38.37
CA PRO E 54 28.61 -4.89 -38.08
C PRO E 54 28.65 -6.33 -38.54
N VAL E 55 28.29 -7.26 -37.67
CA VAL E 55 28.31 -8.69 -37.97
C VAL E 55 26.92 -9.24 -37.81
N PHE E 56 26.39 -9.87 -38.86
CA PHE E 56 25.07 -10.52 -38.82
C PHE E 56 25.26 -11.98 -38.99
N GLU E 57 24.95 -12.79 -37.98
CA GLU E 57 25.16 -14.23 -38.01
C GLU E 57 23.83 -14.88 -38.05
N ARG E 58 23.50 -15.51 -39.17
CA ARG E 58 22.21 -16.22 -39.29
C ARG E 58 22.18 -17.26 -38.20
N MET E 59 21.02 -17.48 -37.58
CA MET E 59 20.99 -18.33 -36.40
C MET E 59 19.92 -19.36 -36.57
N GLU E 60 20.15 -20.53 -36.00
CA GLU E 60 19.16 -21.60 -36.03
C GLU E 60 17.98 -21.11 -35.19
N SER E 61 16.78 -21.38 -35.68
CA SER E 61 15.59 -20.84 -35.03
C SER E 61 14.39 -21.72 -35.30
N HIS E 62 13.44 -21.69 -34.37
CA HIS E 62 12.13 -22.29 -34.64
C HIS E 62 11.22 -21.42 -35.51
N LEU E 63 11.59 -20.14 -35.67
CA LEU E 63 10.77 -19.25 -36.47
C LEU E 63 10.68 -19.77 -37.92
N LYS E 64 9.52 -19.64 -38.54
CA LYS E 64 9.30 -20.11 -39.92
C LYS E 64 8.98 -19.02 -40.94
N THR E 65 8.40 -17.92 -40.49
CA THR E 65 8.07 -16.80 -41.40
C THR E 65 9.09 -15.68 -41.37
N VAL E 66 10.12 -15.81 -40.51
CA VAL E 66 11.09 -14.79 -40.30
C VAL E 66 12.42 -15.41 -40.20
N GLU E 67 13.43 -14.76 -40.78
CA GLU E 67 14.81 -15.17 -40.59
C GLU E 67 15.45 -14.34 -39.45
N ALA E 68 16.08 -14.97 -38.49
CA ALA E 68 16.72 -14.29 -37.40
C ALA E 68 18.24 -14.30 -37.44
N TYR E 69 18.82 -13.15 -37.27
CA TYR E 69 20.27 -12.99 -37.16
C TYR E 69 20.67 -12.49 -35.84
N ASP E 70 21.71 -13.07 -35.29
CA ASP E 70 22.42 -12.48 -34.18
C ASP E 70 23.27 -11.30 -34.67
N VAL E 71 23.17 -10.14 -34.03
CA VAL E 71 23.89 -8.96 -34.45
C VAL E 71 24.92 -8.62 -33.44
N THR E 72 26.05 -8.10 -33.94
CA THR E 72 27.05 -7.45 -33.12
C THR E 72 27.58 -6.27 -33.87
N PHE E 73 27.73 -5.10 -33.21
CA PHE E 73 28.29 -3.92 -33.81
C PHE E 73 29.03 -3.07 -32.78
N SER E 74 29.88 -2.15 -33.27
CA SER E 74 30.61 -1.25 -32.40
C SER E 74 29.84 -0.01 -32.05
N GLY E 75 29.60 0.17 -30.75
CA GLY E 75 28.87 1.33 -30.26
C GLY E 75 29.81 2.34 -29.66
N TYR E 76 29.59 2.71 -28.39
CA TYR E 76 30.41 3.69 -27.74
C TYR E 76 31.82 3.14 -27.63
N ARG E 77 32.79 3.95 -28.04
CA ARG E 77 34.22 3.61 -27.99
C ARG E 77 34.54 2.20 -28.39
N GLY E 78 33.94 1.77 -29.47
CA GLY E 78 34.25 0.48 -30.03
C GLY E 78 33.73 -0.72 -29.24
N GLN E 79 32.98 -0.48 -28.17
CA GLN E 79 32.41 -1.58 -27.44
C GLN E 79 31.35 -2.38 -28.19
N ARG E 80 31.37 -3.71 -28.05
CA ARG E 80 30.61 -4.58 -28.96
C ARG E 80 29.21 -4.80 -28.38
N ILE E 81 28.21 -4.29 -29.08
CA ILE E 81 26.83 -4.29 -28.63
C ILE E 81 26.07 -5.37 -29.40
N LYS E 82 25.22 -6.13 -28.72
CA LYS E 82 24.41 -7.15 -29.28
C LYS E 82 23.08 -6.57 -29.82
N GLY E 83 22.46 -7.34 -30.69
CA GLY E 83 21.12 -7.10 -31.22
C GLY E 83 20.51 -8.32 -31.86
N TRP E 84 19.28 -8.16 -32.35
CA TRP E 84 18.70 -9.11 -33.25
C TRP E 84 18.33 -8.40 -34.55
N LEU E 85 18.48 -9.12 -35.67
CA LEU E 85 17.91 -8.65 -36.89
C LEU E 85 16.87 -9.65 -37.30
N LEU E 86 15.63 -9.19 -37.51
CA LEU E 86 14.55 -10.09 -37.85
C LEU E 86 14.13 -9.72 -39.24
N VAL E 87 14.22 -10.65 -40.19
CA VAL E 87 13.88 -10.37 -41.55
C VAL E 87 12.68 -11.18 -42.00
N PRO E 88 11.58 -10.53 -42.38
CA PRO E 88 10.42 -11.29 -42.82
C PRO E 88 10.70 -11.99 -44.16
N LYS E 89 10.23 -13.20 -44.33
CA LYS E 89 10.44 -13.93 -45.62
C LYS E 89 9.44 -13.48 -46.65
N LEU E 90 9.85 -12.56 -47.51
CA LEU E 90 8.98 -11.93 -48.48
C LEU E 90 9.78 -11.84 -49.78
N GLU E 91 9.07 -11.76 -50.88
CA GLU E 91 9.69 -11.81 -52.23
C GLU E 91 10.00 -10.38 -52.60
N GLU E 92 10.97 -9.79 -51.89
CA GLU E 92 11.33 -8.36 -52.01
C GLU E 92 12.84 -8.23 -51.88
N GLU E 93 13.51 -7.58 -52.83
CA GLU E 93 14.95 -7.39 -52.81
C GLU E 93 15.36 -6.32 -51.77
N LYS E 94 14.45 -5.43 -51.45
CA LYS E 94 14.74 -4.52 -50.34
C LYS E 94 13.47 -4.33 -49.49
N LEU E 95 13.70 -4.05 -48.23
CA LEU E 95 12.61 -3.93 -47.29
C LEU E 95 12.82 -2.72 -46.36
N PRO E 96 11.74 -2.10 -45.94
CA PRO E 96 11.84 -1.00 -44.96
C PRO E 96 12.29 -1.60 -43.61
N CYS E 97 12.83 -0.76 -42.74
CA CYS E 97 13.47 -1.26 -41.53
C CYS E 97 13.07 -0.41 -40.35
N VAL E 98 12.72 -1.06 -39.22
CA VAL E 98 12.56 -0.37 -37.92
C VAL E 98 13.69 -0.76 -36.96
N VAL E 99 14.41 0.23 -36.50
CA VAL E 99 15.44 0.07 -35.49
C VAL E 99 14.71 0.30 -34.16
N GLN E 100 14.65 -0.74 -33.34
CA GLN E 100 13.86 -0.77 -32.15
C GLN E 100 14.72 -0.63 -30.88
N TYR E 101 14.39 0.34 -30.02
CA TYR E 101 15.12 0.51 -28.77
C TYR E 101 14.18 0.08 -27.63
N ILE E 102 14.77 -0.23 -26.49
CA ILE E 102 14.07 -1.04 -25.47
C ILE E 102 13.88 -0.25 -24.20
N GLY E 103 12.78 -0.56 -23.50
CA GLY E 103 12.46 0.10 -22.24
C GLY E 103 13.38 -0.24 -21.09
N TYR E 104 13.24 0.56 -20.02
CA TYR E 104 14.13 0.51 -18.86
C TYR E 104 14.13 -0.89 -18.27
N ASN E 105 15.31 -1.40 -17.90
CA ASN E 105 15.46 -2.74 -17.32
C ASN E 105 15.14 -3.92 -18.27
N GLY E 106 14.96 -3.65 -19.55
CA GLY E 106 14.79 -4.67 -20.55
C GLY E 106 16.05 -4.93 -21.33
N GLY E 107 16.00 -5.92 -22.19
CA GLY E 107 17.11 -6.22 -23.06
C GLY E 107 16.57 -6.93 -24.29
N ARG E 108 17.45 -7.40 -25.18
CA ARG E 108 17.04 -7.99 -26.49
C ARG E 108 16.23 -9.26 -26.41
N GLY E 109 16.24 -9.95 -25.27
CA GLY E 109 15.37 -11.08 -25.07
C GLY E 109 15.65 -12.16 -26.12
N PHE E 110 14.57 -12.76 -26.62
CA PHE E 110 14.66 -13.71 -27.71
C PHE E 110 14.16 -13.04 -29.02
N PRO E 111 14.59 -13.58 -30.17
CA PRO E 111 14.09 -13.08 -31.45
C PRO E 111 12.57 -13.05 -31.54
N HIS E 112 11.88 -14.07 -30.99
CA HIS E 112 10.48 -14.12 -31.04
C HIS E 112 9.77 -13.06 -30.21
N ASP E 113 10.50 -12.27 -29.41
CA ASP E 113 9.88 -11.26 -28.59
C ASP E 113 9.60 -10.03 -29.50
N TRP E 114 10.02 -10.05 -30.75
CA TRP E 114 10.01 -8.81 -31.57
C TRP E 114 9.34 -9.03 -32.92
N LEU E 115 8.18 -9.69 -32.92
CA LEU E 115 7.59 -10.17 -34.20
C LEU E 115 6.68 -9.21 -34.92
N PHE E 116 6.28 -8.15 -34.24
CA PHE E 116 5.35 -7.17 -34.80
C PHE E 116 5.86 -6.56 -36.11
N TRP E 117 7.02 -5.91 -36.08
CA TRP E 117 7.43 -5.16 -37.28
C TRP E 117 7.72 -6.14 -38.45
N PRO E 118 8.39 -7.27 -38.20
CA PRO E 118 8.57 -8.25 -39.31
C PRO E 118 7.26 -8.73 -39.87
N SER E 119 6.23 -8.92 -39.02
CA SER E 119 4.96 -9.38 -39.50
C SER E 119 4.24 -8.37 -40.37
N MET E 120 4.48 -7.08 -40.10
CA MET E 120 4.05 -5.98 -40.93
C MET E 120 4.97 -5.71 -42.13
N GLY E 121 5.93 -6.59 -42.40
CA GLY E 121 6.80 -6.48 -43.59
C GLY E 121 8.05 -5.61 -43.44
N TYR E 122 8.44 -5.28 -42.22
CA TYR E 122 9.66 -4.54 -41.93
C TYR E 122 10.75 -5.44 -41.35
N ILE E 123 11.98 -5.25 -41.83
CA ILE E 123 13.14 -5.76 -41.15
C ILE E 123 13.21 -4.99 -39.82
N CYS E 124 13.49 -5.69 -38.74
CA CYS E 124 13.56 -5.11 -37.43
C CYS E 124 14.93 -5.39 -36.81
N PHE E 125 15.61 -4.30 -36.50
CA PHE E 125 16.89 -4.35 -35.87
C PHE E 125 16.61 -3.97 -34.38
N VAL E 126 16.77 -4.92 -33.48
CA VAL E 126 16.57 -4.70 -32.05
C VAL E 126 17.88 -4.50 -31.39
N MET E 127 18.08 -3.33 -30.79
CA MET E 127 19.34 -3.03 -30.11
C MET E 127 19.24 -3.44 -28.67
N ASP E 128 20.17 -4.27 -28.23
CA ASP E 128 20.27 -4.67 -26.83
C ASP E 128 20.80 -3.42 -26.05
N THR E 129 20.42 -3.33 -24.78
CA THR E 129 20.76 -2.20 -23.95
C THR E 129 21.86 -2.56 -22.88
N ARG E 130 23.01 -1.94 -23.05
CA ARG E 130 24.18 -2.16 -22.23
C ARG E 130 23.86 -2.13 -20.75
N GLY E 131 24.20 -3.22 -20.07
CA GLY E 131 24.14 -3.21 -18.60
C GLY E 131 22.79 -3.48 -17.97
N GLN E 132 21.69 -3.51 -18.74
CA GLN E 132 20.34 -3.68 -18.20
C GLN E 132 19.89 -5.15 -18.28
N GLY E 133 18.84 -5.47 -19.02
CA GLY E 133 18.53 -6.83 -19.33
C GLY E 133 18.21 -7.73 -18.14
N SER E 134 17.66 -7.15 -17.06
CA SER E 134 17.44 -7.94 -15.82
C SER E 134 16.15 -7.72 -15.06
N GLY E 135 15.20 -6.94 -15.60
CA GLY E 135 13.94 -6.65 -14.86
C GLY E 135 12.72 -7.30 -15.44
N TRP E 136 12.59 -7.22 -16.72
CA TRP E 136 11.40 -7.80 -17.35
C TRP E 136 11.71 -8.53 -18.63
N LEU E 137 12.88 -8.36 -19.20
CA LEU E 137 13.31 -9.13 -20.35
C LEU E 137 14.85 -9.13 -20.33
N LYS E 138 15.40 -10.31 -20.58
CA LYS E 138 16.83 -10.56 -20.41
C LYS E 138 17.63 -9.87 -21.52
N GLY E 139 18.87 -9.55 -21.18
CA GLY E 139 19.86 -8.97 -22.09
C GLY E 139 21.20 -9.61 -21.98
N ASP E 140 22.07 -9.29 -22.94
CA ASP E 140 23.35 -9.99 -23.13
C ASP E 140 24.54 -9.02 -23.33
N THR E 141 24.36 -7.70 -23.18
CA THR E 141 25.39 -6.73 -23.47
C THR E 141 25.79 -6.05 -22.16
N PRO E 142 27.12 -6.06 -21.88
CA PRO E 142 27.60 -5.35 -20.70
C PRO E 142 27.72 -3.84 -20.94
N ASP E 143 27.73 -3.08 -19.86
CA ASP E 143 28.18 -1.74 -19.87
C ASP E 143 29.72 -1.77 -19.61
N TYR E 144 30.39 -0.68 -19.92
CA TYR E 144 31.84 -0.42 -19.65
C TYR E 144 31.95 0.99 -19.22
N PRO E 145 32.41 1.21 -18.00
CA PRO E 145 32.45 2.58 -17.58
C PRO E 145 33.69 3.34 -18.08
N GLU E 146 33.62 4.67 -18.05
CA GLU E 146 34.78 5.53 -18.15
C GLU E 146 35.87 5.24 -17.07
N PRO E 148 36.39 4.80 -13.15
CA PRO E 148 35.73 4.43 -11.89
C PRO E 148 34.23 4.56 -12.03
N VAL E 149 33.50 3.76 -11.28
CA VAL E 149 32.03 3.78 -11.25
C VAL E 149 31.66 4.52 -9.95
N ASP E 150 31.38 5.80 -10.07
CA ASP E 150 31.17 6.65 -8.96
C ASP E 150 30.06 6.13 -8.04
N PRO E 151 30.09 6.55 -6.79
CA PRO E 151 28.88 6.37 -5.94
C PRO E 151 27.60 6.74 -6.69
N GLN E 152 26.61 5.88 -6.66
CA GLN E 152 25.35 6.08 -7.35
C GLN E 152 24.20 5.45 -6.56
N TYR E 153 22.98 5.86 -6.88
CA TYR E 153 21.80 5.19 -6.33
C TYR E 153 21.56 3.95 -7.20
N PRO E 154 20.99 2.87 -6.64
CA PRO E 154 20.65 1.72 -7.52
C PRO E 154 19.92 2.04 -8.85
N GLY E 155 20.48 1.55 -9.96
CA GLY E 155 19.86 1.80 -11.27
C GLY E 155 20.84 2.41 -12.24
N PHE E 156 20.29 2.90 -13.32
CA PHE E 156 21.08 3.46 -14.40
C PHE E 156 21.00 4.96 -14.49
N MET E 157 19.95 5.56 -13.89
CA MET E 157 19.69 6.99 -14.02
C MET E 157 20.77 7.84 -13.39
N THR E 158 21.47 7.31 -12.36
CA THR E 158 22.50 8.10 -11.70
C THR E 158 23.93 7.63 -11.91
N ARG E 159 24.06 6.61 -12.71
CA ARG E 159 25.35 6.05 -13.03
C ARG E 159 26.20 7.10 -13.84
N GLY E 160 27.27 7.58 -13.19
CA GLY E 160 28.16 8.52 -13.84
C GLY E 160 27.63 9.93 -13.91
N ILE E 161 26.57 10.22 -13.17
CA ILE E 161 25.83 11.50 -13.31
C ILE E 161 26.61 12.77 -12.91
N LEU E 162 27.76 12.66 -12.23
CA LEU E 162 28.47 13.88 -11.84
C LEU E 162 29.25 14.51 -13.00
N ASP E 163 29.25 13.88 -14.16
CA ASP E 163 29.94 14.47 -15.31
C ASP E 163 29.32 13.90 -16.59
N PRO E 164 29.00 14.76 -17.53
CA PRO E 164 28.38 14.21 -18.75
C PRO E 164 29.28 13.25 -19.47
N ARG E 165 30.60 13.38 -19.29
CA ARG E 165 31.51 12.52 -19.98
C ARG E 165 31.44 11.06 -19.45
N THR E 166 31.10 10.92 -18.15
CA THR E 166 30.98 9.65 -17.49
C THR E 166 29.57 9.08 -17.43
N TYR E 167 28.58 9.86 -17.90
CA TYR E 167 27.16 9.45 -17.69
C TYR E 167 26.78 8.29 -18.56
N TYR E 168 26.06 7.36 -17.95
CA TYR E 168 25.60 6.14 -18.57
C TYR E 168 24.93 6.39 -19.94
N TYR E 169 24.01 7.36 -20.01
CA TYR E 169 23.32 7.62 -21.29
C TYR E 169 24.18 8.16 -22.45
N ARG E 170 25.37 8.64 -22.17
CA ARG E 170 26.31 8.99 -23.24
C ARG E 170 26.63 7.77 -24.04
N ARG E 171 26.77 6.64 -23.31
CA ARG E 171 27.11 5.40 -23.90
C ARG E 171 25.96 4.74 -24.61
N VAL E 172 24.78 4.75 -24.02
CA VAL E 172 23.60 4.19 -24.65
C VAL E 172 23.27 4.96 -25.94
N PHE E 173 23.26 6.30 -25.86
CA PHE E 173 22.85 7.12 -27.01
C PHE E 173 23.84 6.94 -28.16
N THR E 174 25.13 6.80 -27.83
CA THR E 174 26.15 6.49 -28.88
C THR E 174 25.88 5.14 -29.56
N ASP E 175 25.72 4.11 -28.73
CA ASP E 175 25.30 2.83 -29.19
C ASP E 175 24.13 2.98 -30.13
N ALA E 176 23.12 3.75 -29.74
CA ALA E 176 21.91 3.84 -30.53
C ALA E 176 22.04 4.49 -31.89
N VAL E 177 22.86 5.51 -31.94
CA VAL E 177 23.24 6.14 -33.23
C VAL E 177 23.93 5.10 -34.12
N ARG E 178 24.87 4.38 -33.52
CA ARG E 178 25.66 3.40 -34.27
C ARG E 178 24.79 2.25 -34.75
N ALA E 179 23.76 1.90 -33.95
CA ALA E 179 22.80 0.87 -34.36
C ALA E 179 22.14 1.12 -35.72
N VAL E 180 21.81 2.39 -35.98
CA VAL E 180 21.13 2.71 -37.25
C VAL E 180 22.15 2.55 -38.42
N GLU E 181 23.39 2.91 -38.17
CA GLU E 181 24.41 2.68 -39.23
C GLU E 181 24.59 1.23 -39.47
N ALA E 182 24.51 0.42 -38.41
CA ALA E 182 24.60 -1.01 -38.52
C ALA E 182 23.44 -1.62 -39.32
N ALA E 183 22.22 -1.18 -39.02
CA ALA E 183 21.07 -1.60 -39.77
C ALA E 183 21.21 -1.23 -41.26
N ALA E 184 21.59 -0.01 -41.50
CA ALA E 184 21.86 0.46 -42.89
C ALA E 184 22.86 -0.37 -43.64
N SER E 185 23.70 -1.11 -42.94
CA SER E 185 24.75 -1.94 -43.56
C SER E 185 24.20 -3.30 -44.02
N PHE E 186 22.98 -3.71 -43.59
CA PHE E 186 22.41 -4.97 -44.07
C PHE E 186 21.85 -4.80 -45.49
N PRO E 187 22.26 -5.66 -46.44
CA PRO E 187 21.98 -5.30 -47.84
C PRO E 187 20.51 -5.21 -48.26
N GLN E 188 19.68 -5.98 -47.62
CA GLN E 188 18.27 -5.96 -47.92
C GLN E 188 17.56 -4.74 -47.36
N VAL E 189 18.15 -4.03 -46.41
CA VAL E 189 17.49 -2.85 -45.87
C VAL E 189 17.41 -1.69 -46.89
N ASP E 190 16.19 -1.19 -47.08
CA ASP E 190 15.93 -0.03 -47.88
C ASP E 190 16.32 1.23 -47.14
N GLN E 191 17.42 1.84 -47.53
CA GLN E 191 17.99 2.94 -46.72
C GLN E 191 17.17 4.22 -46.81
N GLU E 192 16.22 4.29 -47.73
CA GLU E 192 15.29 5.36 -47.76
C GLU E 192 14.16 5.18 -46.77
N ARG E 193 14.01 4.00 -46.21
CA ARG E 193 12.92 3.70 -45.28
C ARG E 193 13.38 3.08 -43.99
N ILE E 194 14.25 3.77 -43.29
CA ILE E 194 14.75 3.35 -41.95
C ILE E 194 14.03 4.17 -40.90
N VAL E 195 13.40 3.48 -39.95
CA VAL E 195 12.58 4.10 -38.95
C VAL E 195 13.28 3.85 -37.60
N ILE E 196 13.25 4.81 -36.69
CA ILE E 196 13.74 4.58 -35.30
C ILE E 196 12.51 4.63 -34.37
N ALA E 197 12.41 3.71 -33.43
CA ALA E 197 11.25 3.56 -32.64
C ALA E 197 11.58 3.20 -31.19
N GLY E 198 10.72 3.67 -30.30
CA GLY E 198 10.77 3.14 -28.93
C GLY E 198 9.73 3.76 -28.06
N GLY E 199 9.48 3.08 -26.93
CA GLY E 199 8.57 3.55 -25.90
C GLY E 199 9.30 3.80 -24.58
N SER E 200 8.94 4.90 -23.87
CA SER E 200 9.50 5.14 -22.52
C SER E 200 11.01 5.32 -22.68
N GLN E 201 11.86 4.55 -22.03
CA GLN E 201 13.30 4.69 -22.24
C GLN E 201 13.60 4.58 -23.75
N GLY E 202 12.93 3.62 -24.41
CA GLY E 202 13.10 3.46 -25.85
C GLY E 202 12.84 4.76 -26.63
N GLY E 203 11.81 5.47 -26.22
CA GLY E 203 11.47 6.72 -26.82
C GLY E 203 12.40 7.82 -26.53
N GLY E 204 12.99 7.83 -25.34
CA GLY E 204 14.03 8.83 -25.04
C GLY E 204 15.33 8.61 -25.83
N ILE E 205 15.70 7.36 -25.96
CA ILE E 205 16.81 6.98 -26.81
C ILE E 205 16.50 7.39 -28.29
N ALA E 206 15.33 7.02 -28.76
CA ALA E 206 14.89 7.34 -30.12
C ALA E 206 14.90 8.85 -30.39
N LEU E 207 14.53 9.64 -29.42
CA LEU E 207 14.56 11.14 -29.60
C LEU E 207 15.98 11.59 -29.76
N ALA E 208 16.91 11.04 -29.00
CA ALA E 208 18.33 11.42 -29.15
C ALA E 208 18.86 11.06 -30.54
N VAL E 209 18.61 9.85 -30.98
CA VAL E 209 19.02 9.38 -32.31
C VAL E 209 18.36 10.23 -33.42
N SER E 210 17.13 10.66 -33.19
CA SER E 210 16.46 11.51 -34.19
C SER E 210 17.21 12.85 -34.42
N ALA E 211 17.91 13.32 -33.41
CA ALA E 211 18.76 14.50 -33.53
C ALA E 211 20.14 14.16 -34.12
N LEU E 212 20.70 13.05 -33.71
CA LEU E 212 22.11 12.72 -33.97
C LEU E 212 22.41 11.87 -35.20
N SER E 213 21.45 11.11 -35.68
CA SER E 213 21.68 10.16 -36.76
C SER E 213 21.63 10.77 -38.14
N LYS E 214 22.53 10.27 -38.98
CA LYS E 214 22.55 10.67 -40.37
C LYS E 214 21.76 9.73 -41.27
N LYS E 215 21.04 8.78 -40.68
CA LYS E 215 20.49 7.67 -41.38
C LYS E 215 18.96 7.46 -41.16
N ALA E 216 18.44 7.87 -40.02
CA ALA E 216 17.02 7.67 -39.73
C ALA E 216 16.12 8.57 -40.60
N LYS E 217 15.04 8.01 -41.08
CA LYS E 217 14.07 8.70 -41.94
C LYS E 217 12.69 9.02 -41.30
N ALA E 218 12.36 8.34 -40.20
CA ALA E 218 11.16 8.62 -39.42
C ALA E 218 11.32 8.18 -37.95
N LEU E 219 10.55 8.82 -37.08
CA LEU E 219 10.60 8.52 -35.66
C LEU E 219 9.21 8.09 -35.13
N LEU E 220 9.16 7.01 -34.38
CA LEU E 220 8.03 6.65 -33.61
C LEU E 220 8.43 6.77 -32.12
N CYS E 221 7.81 7.72 -31.40
CA CYS E 221 8.21 8.02 -30.08
C CYS E 221 7.03 7.91 -29.14
N ASP E 222 6.98 6.83 -28.37
CA ASP E 222 5.88 6.58 -27.45
C ASP E 222 6.23 6.87 -26.01
N VAL E 223 5.31 7.52 -25.34
CA VAL E 223 5.38 7.80 -23.90
C VAL E 223 6.81 8.07 -23.39
N PRO E 224 7.54 9.05 -24.01
CA PRO E 224 8.97 9.10 -23.84
C PRO E 224 9.42 9.44 -22.45
N PHE E 225 10.46 8.71 -22.04
CA PHE E 225 11.25 8.91 -20.83
C PHE E 225 12.49 9.71 -21.22
N LEU E 226 13.28 10.13 -20.22
CA LEU E 226 14.47 10.92 -20.41
C LEU E 226 14.17 12.31 -21.00
N CYS E 227 13.03 12.87 -20.60
CA CYS E 227 12.57 14.19 -21.06
C CYS E 227 12.26 15.09 -19.85
N HIS E 228 12.86 16.29 -19.81
CA HIS E 228 12.43 17.33 -18.86
C HIS E 228 12.61 16.94 -17.42
N PHE E 229 13.82 16.47 -17.13
CA PHE E 229 14.08 15.75 -15.89
C PHE E 229 13.79 16.63 -14.69
N ARG E 230 14.19 17.91 -14.78
CA ARG E 230 13.98 18.80 -13.64
C ARG E 230 12.51 18.94 -13.25
N ARG E 231 11.61 19.02 -14.22
CA ARG E 231 10.18 19.04 -13.93
C ARG E 231 9.61 17.63 -13.52
N ALA E 232 10.13 16.56 -14.12
CA ALA E 232 9.65 15.21 -13.81
C ALA E 232 9.74 14.88 -12.38
N VAL E 233 10.92 15.13 -11.79
CA VAL E 233 11.07 14.86 -10.35
C VAL E 233 10.21 15.73 -9.39
N GLN E 234 9.77 16.87 -9.84
CA GLN E 234 8.84 17.68 -9.10
C GLN E 234 7.41 17.16 -9.13
N LEU E 235 7.03 16.45 -10.20
CA LEU E 235 5.70 15.98 -10.39
C LEU E 235 5.43 14.61 -9.86
N VAL E 236 6.34 13.67 -10.03
CA VAL E 236 6.08 12.31 -9.62
C VAL E 236 7.17 11.81 -8.70
N ASP E 237 6.85 10.87 -7.87
CA ASP E 237 7.81 10.09 -7.08
C ASP E 237 7.92 8.65 -7.54
N THR E 238 7.49 8.37 -8.76
CA THR E 238 7.72 7.07 -9.31
C THR E 238 9.15 6.82 -9.80
N HIS E 239 9.48 5.56 -9.93
CA HIS E 239 10.70 5.13 -10.57
C HIS E 239 10.43 4.96 -12.07
N PRO E 240 11.40 5.23 -12.94
CA PRO E 240 12.78 5.47 -12.56
C PRO E 240 13.22 6.92 -12.30
N TYR E 241 12.38 7.91 -12.53
CA TYR E 241 12.79 9.29 -12.23
C TYR E 241 13.23 9.52 -10.75
N ALA E 242 12.63 8.80 -9.84
CA ALA E 242 12.94 8.88 -8.42
C ALA E 242 14.37 8.50 -8.08
N GLU E 243 15.06 7.74 -8.92
CA GLU E 243 16.46 7.49 -8.65
C GLU E 243 17.23 8.79 -8.56
N ILE E 244 16.90 9.73 -9.44
CA ILE E 244 17.55 11.05 -9.41
C ILE E 244 17.26 11.74 -8.11
N THR E 245 15.98 11.80 -7.74
CA THR E 245 15.60 12.43 -6.50
C THR E 245 16.30 11.82 -5.31
N ASN E 246 16.34 10.49 -5.27
CA ASN E 246 16.93 9.81 -4.10
C ASN E 246 18.44 10.08 -4.01
N PHE E 247 19.11 10.17 -5.16
CA PHE E 247 20.54 10.53 -5.24
C PHE E 247 20.75 11.91 -4.63
N LEU E 248 19.92 12.86 -5.01
CA LEU E 248 20.00 14.23 -4.50
C LEU E 248 19.61 14.36 -3.05
N LYS E 249 18.72 13.50 -2.55
CA LYS E 249 18.37 13.48 -1.10
C LYS E 249 19.61 13.20 -0.26
N THR E 250 20.52 12.40 -0.81
CA THR E 250 21.78 12.09 -0.16
C THR E 250 22.89 13.04 -0.53
N HIS E 251 23.12 13.28 -1.84
CA HIS E 251 24.16 14.22 -2.27
C HIS E 251 23.58 15.61 -2.34
N ARG E 252 23.46 16.26 -1.15
CA ARG E 252 22.66 17.49 -1.02
C ARG E 252 23.33 18.62 -1.68
N ASP E 253 24.62 18.49 -1.93
CA ASP E 253 25.47 19.51 -2.48
C ASP E 253 25.54 19.41 -4.02
N LYS E 254 24.82 18.46 -4.66
CA LYS E 254 25.05 18.22 -6.09
C LYS E 254 23.91 18.55 -7.03
N GLU E 255 22.96 19.37 -6.59
CA GLU E 255 21.79 19.67 -7.38
C GLU E 255 22.22 20.24 -8.76
N GLU E 256 23.00 21.34 -8.71
CA GLU E 256 23.39 22.06 -9.94
C GLU E 256 24.20 21.16 -10.93
N ILE E 257 25.15 20.39 -10.42
CA ILE E 257 25.96 19.50 -11.25
C ILE E 257 25.06 18.42 -11.89
N VAL E 258 24.15 17.83 -11.09
CA VAL E 258 23.34 16.74 -11.59
C VAL E 258 22.45 17.25 -12.76
N PHE E 259 21.84 18.44 -12.60
CA PHE E 259 20.95 18.91 -13.67
C PHE E 259 21.72 19.42 -14.86
N ARG E 260 22.94 19.89 -14.60
CA ARG E 260 23.82 20.25 -15.67
C ARG E 260 24.19 19.02 -16.50
N THR E 261 24.63 17.94 -15.85
CA THR E 261 24.86 16.70 -16.60
C THR E 261 23.61 16.27 -17.38
N LEU E 262 22.45 16.25 -16.73
CA LEU E 262 21.26 15.73 -17.38
C LEU E 262 20.83 16.53 -18.60
N SER E 263 21.16 17.82 -18.62
CA SER E 263 20.78 18.62 -19.74
C SER E 263 21.35 18.17 -21.08
N TYR E 264 22.53 17.53 -21.10
CA TYR E 264 23.13 16.99 -22.32
C TYR E 264 22.36 15.76 -22.86
N PHE E 265 21.45 15.20 -22.05
CA PHE E 265 20.73 13.96 -22.36
C PHE E 265 19.21 14.10 -22.43
N ASP E 266 18.74 15.31 -22.35
CA ASP E 266 17.34 15.59 -22.15
C ASP E 266 16.62 15.63 -23.55
N GLY E 267 15.61 14.76 -23.69
CA GLY E 267 14.90 14.64 -24.94
C GLY E 267 14.28 15.94 -25.44
N VAL E 268 14.04 16.92 -24.57
CA VAL E 268 13.49 18.20 -24.97
C VAL E 268 14.53 18.95 -25.86
N ASN E 269 15.81 18.81 -25.50
CA ASN E 269 16.90 19.45 -26.24
C ASN E 269 17.24 18.77 -27.55
N PHE E 270 17.10 17.45 -27.61
CA PHE E 270 17.18 16.75 -28.82
C PHE E 270 16.01 17.04 -29.76
N ALA E 271 14.81 17.14 -29.22
CA ALA E 271 13.65 17.33 -30.02
C ALA E 271 13.77 18.62 -30.87
N ALA E 272 14.30 19.62 -30.21
CA ALA E 272 14.51 20.94 -30.85
C ALA E 272 15.48 20.83 -32.06
N ARG E 273 16.31 19.82 -32.15
CA ARG E 273 17.29 19.67 -33.23
C ARG E 273 16.80 18.69 -34.27
N ALA E 274 15.72 17.95 -34.02
CA ALA E 274 15.37 16.86 -34.89
C ALA E 274 14.57 17.38 -36.07
N LYS E 275 14.83 16.85 -37.25
CA LYS E 275 14.18 17.23 -38.49
C LYS E 275 13.27 16.18 -39.22
N ILE E 276 13.40 14.91 -38.90
CA ILE E 276 12.64 13.89 -39.51
C ILE E 276 11.15 13.80 -39.06
N PRO E 277 10.25 13.30 -39.93
CA PRO E 277 8.87 13.19 -39.55
C PRO E 277 8.71 12.20 -38.34
N ALA E 278 7.73 12.50 -37.50
CA ALA E 278 7.54 11.81 -36.24
C ALA E 278 6.10 11.59 -35.87
N LEU E 279 5.83 10.41 -35.27
CA LEU E 279 4.57 10.14 -34.66
C LEU E 279 4.86 9.86 -33.16
N PHE E 280 4.25 10.69 -32.30
CA PHE E 280 4.32 10.56 -30.87
C PHE E 280 3.04 9.94 -30.30
N SER E 281 3.13 9.48 -29.06
CA SER E 281 1.97 9.13 -28.26
C SER E 281 2.18 9.49 -26.80
N VAL E 282 1.11 9.73 -26.08
CA VAL E 282 1.12 10.16 -24.68
C VAL E 282 -0.13 9.66 -23.95
N GLY E 283 0.03 9.15 -22.75
CA GLY E 283 -1.10 8.82 -21.86
C GLY E 283 -1.22 9.94 -20.87
N LEU E 284 -2.40 10.53 -20.80
CA LEU E 284 -2.57 11.65 -19.91
C LEU E 284 -2.63 11.24 -18.46
N MET E 285 -2.74 9.95 -18.13
CA MET E 285 -2.67 9.54 -16.77
C MET E 285 -1.37 8.78 -16.45
N ASP E 286 -0.36 8.96 -17.28
CA ASP E 286 0.92 8.30 -17.14
C ASP E 286 1.65 9.02 -15.98
N ASN E 287 1.94 8.27 -14.94
CA ASN E 287 2.70 8.84 -13.85
C ASN E 287 4.16 8.35 -13.77
N ILE E 288 4.60 7.65 -14.83
CA ILE E 288 6.03 7.33 -14.99
C ILE E 288 6.71 8.43 -15.84
N CYS E 289 6.07 8.78 -16.96
CA CYS E 289 6.45 9.82 -17.82
C CYS E 289 5.31 10.85 -17.84
N PRO E 290 5.42 11.88 -17.00
CA PRO E 290 4.25 12.76 -16.86
C PRO E 290 3.96 13.52 -18.13
N PRO E 291 2.69 13.83 -18.37
CA PRO E 291 2.36 14.48 -19.61
C PRO E 291 3.06 15.78 -19.92
N SER E 292 3.37 16.58 -18.89
CA SER E 292 4.03 17.86 -19.21
C SER E 292 5.49 17.59 -19.76
N THR E 293 6.11 16.49 -19.36
CA THR E 293 7.46 16.13 -19.86
C THR E 293 7.41 15.70 -21.30
N VAL E 294 6.41 14.88 -21.63
CA VAL E 294 6.20 14.38 -22.97
C VAL E 294 5.83 15.55 -23.89
N PHE E 295 4.91 16.40 -23.45
CA PHE E 295 4.51 17.54 -24.28
C PHE E 295 5.60 18.58 -24.48
N ALA E 296 6.45 18.79 -23.48
CA ALA E 296 7.66 19.66 -23.65
C ALA E 296 8.47 19.17 -24.81
N ALA E 297 8.74 17.86 -24.86
CA ALA E 297 9.53 17.33 -25.97
C ALA E 297 8.77 17.40 -27.29
N TYR E 298 7.52 16.99 -27.28
CA TYR E 298 6.72 17.00 -28.52
C TYR E 298 6.61 18.43 -29.09
N ASN E 299 6.31 19.36 -28.19
CA ASN E 299 6.09 20.75 -28.64
C ASN E 299 7.37 21.36 -29.18
N TYR E 300 8.51 20.98 -28.61
CA TYR E 300 9.82 21.46 -29.19
C TYR E 300 10.29 20.73 -30.39
N TYR E 301 9.75 19.53 -30.68
CA TYR E 301 10.15 18.73 -31.81
C TYR E 301 10.06 19.52 -33.10
N ALA E 302 11.15 19.54 -33.84
CA ALA E 302 11.30 20.48 -34.95
C ALA E 302 10.95 19.92 -36.27
N GLY E 303 10.77 18.61 -36.40
CA GLY E 303 10.33 18.04 -37.63
C GLY E 303 8.83 18.00 -37.82
N PRO E 304 8.36 17.57 -39.01
CA PRO E 304 6.92 17.33 -39.15
C PRO E 304 6.44 16.25 -38.13
N LYS E 305 5.31 16.49 -37.47
CA LYS E 305 4.94 15.70 -36.34
C LYS E 305 3.46 15.58 -36.18
N GLU E 306 3.07 14.50 -35.51
CA GLU E 306 1.72 14.33 -35.03
C GLU E 306 1.80 13.63 -33.68
N ILE E 307 0.73 13.74 -32.87
CA ILE E 307 0.68 13.09 -31.58
C ILE E 307 -0.66 12.40 -31.43
N ARG E 308 -0.67 11.16 -30.96
CA ARG E 308 -1.89 10.48 -30.51
C ARG E 308 -1.98 10.58 -29.01
N ILE E 309 -3.11 11.12 -28.55
CA ILE E 309 -3.32 11.45 -27.14
C ILE E 309 -4.34 10.48 -26.59
N TYR E 310 -3.95 9.79 -25.54
CA TYR E 310 -4.80 8.77 -24.83
C TYR E 310 -5.14 9.30 -23.44
N PRO E 311 -6.31 9.98 -23.31
CA PRO E 311 -6.61 10.64 -22.05
C PRO E 311 -6.80 9.76 -20.82
N TYR E 312 -7.22 8.49 -21.06
CA TYR E 312 -7.51 7.56 -19.95
C TYR E 312 -6.41 6.56 -19.71
N ASN E 313 -5.37 6.52 -20.51
CA ASN E 313 -4.31 5.55 -20.29
C ASN E 313 -3.20 6.13 -19.41
N ASN E 314 -2.57 5.23 -18.65
CA ASN E 314 -1.38 5.49 -17.86
C ASN E 314 -0.20 5.18 -18.84
N HIS E 315 0.86 4.63 -18.31
CA HIS E 315 2.10 4.41 -19.07
C HIS E 315 2.04 3.44 -20.23
N GLU E 316 1.01 2.61 -20.24
CA GLU E 316 0.73 1.75 -21.40
C GLU E 316 0.41 2.53 -22.66
N GLY E 317 -0.01 3.78 -22.50
CA GLY E 317 -0.26 4.66 -23.61
C GLY E 317 -1.37 4.05 -24.46
N GLY E 318 -1.19 4.04 -25.79
CA GLY E 318 -2.21 3.54 -26.70
C GLY E 318 -2.16 2.04 -26.97
N GLY E 319 -1.11 1.40 -26.48
CA GLY E 319 -0.91 -0.06 -26.62
C GLY E 319 -1.08 -0.52 -28.05
N SER E 320 -1.86 -1.56 -28.23
CA SER E 320 -2.10 -2.13 -29.60
C SER E 320 -2.82 -1.21 -30.53
N PHE E 321 -3.64 -0.27 -30.03
CA PHE E 321 -4.27 0.76 -30.89
C PHE E 321 -3.18 1.68 -31.51
N GLN E 322 -2.18 2.02 -30.74
CA GLN E 322 -1.12 2.88 -31.24
C GLN E 322 -0.25 2.16 -32.26
N ALA E 323 -0.05 0.87 -32.12
CA ALA E 323 0.66 0.05 -33.10
C ALA E 323 -0.03 0.14 -34.46
N VAL E 324 -1.34 0.10 -34.48
CA VAL E 324 -2.08 0.29 -35.74
C VAL E 324 -1.81 1.70 -36.30
N GLU E 325 -1.89 2.72 -35.47
CA GLU E 325 -1.58 4.07 -35.92
C GLU E 325 -0.18 4.17 -36.52
N GLN E 326 0.82 3.52 -35.90
CA GLN E 326 2.16 3.57 -36.46
C GLN E 326 2.25 3.00 -37.88
N VAL E 327 1.65 1.85 -38.09
CA VAL E 327 1.73 1.21 -39.40
C VAL E 327 1.05 2.10 -40.43
N LYS E 328 -0.07 2.72 -40.06
CA LYS E 328 -0.79 3.61 -41.01
C LYS E 328 0.01 4.84 -41.35
N PHE E 329 0.68 5.36 -40.34
CA PHE E 329 1.51 6.56 -40.43
C PHE E 329 2.68 6.29 -41.38
N LEU E 330 3.39 5.19 -41.19
CA LEU E 330 4.56 4.91 -42.01
C LEU E 330 4.19 4.58 -43.46
N LYS E 331 3.11 3.91 -43.64
CA LYS E 331 2.56 3.64 -44.98
C LYS E 331 2.25 4.92 -45.81
N LYS E 332 1.58 5.87 -45.18
CA LYS E 332 1.31 7.17 -45.76
C LYS E 332 2.61 7.88 -46.02
N LEU E 333 3.51 7.91 -45.02
CA LEU E 333 4.75 8.62 -45.18
C LEU E 333 5.55 8.14 -46.35
N PHE E 334 5.72 6.83 -46.45
CA PHE E 334 6.64 6.26 -47.42
C PHE E 334 5.99 5.97 -48.79
N GLU E 335 4.67 6.04 -48.92
CA GLU E 335 3.97 5.82 -50.23
C GLU E 335 4.25 7.02 -51.15
N PHE F 16 -7.90 17.67 -1.52
CA PHE F 16 -7.44 17.28 -2.91
C PHE F 16 -8.23 17.95 -4.06
N ASP F 17 -9.44 18.42 -3.79
CA ASP F 17 -10.31 19.01 -4.85
C ASP F 17 -10.25 20.57 -4.76
N LEU F 18 -11.16 21.27 -5.44
CA LEU F 18 -11.25 22.72 -5.35
C LEU F 18 -11.41 23.16 -3.87
N PRO F 19 -10.81 24.30 -3.51
CA PRO F 19 -11.09 24.80 -2.15
C PRO F 19 -12.57 25.15 -2.03
N LEU F 20 -13.08 25.15 -0.82
CA LEU F 20 -14.51 25.42 -0.59
C LEU F 20 -15.14 26.68 -1.19
N GLU F 21 -14.48 27.84 -1.11
CA GLU F 21 -15.02 29.07 -1.78
C GLU F 21 -15.22 28.82 -3.27
N GLU F 22 -14.32 28.06 -3.89
CA GLU F 22 -14.52 27.73 -5.29
C GLU F 22 -15.61 26.64 -5.52
N LEU F 23 -15.64 25.65 -4.65
CA LEU F 23 -16.71 24.62 -4.71
C LEU F 23 -18.09 25.25 -4.69
N LYS F 24 -18.30 26.18 -3.77
CA LYS F 24 -19.59 26.88 -3.68
C LYS F 24 -20.04 27.62 -4.94
N LYS F 25 -19.10 28.03 -5.78
CA LYS F 25 -19.37 28.69 -7.02
C LYS F 25 -19.22 27.77 -8.27
N TYR F 26 -18.95 26.48 -8.07
CA TYR F 26 -18.65 25.62 -9.21
C TYR F 26 -19.94 25.28 -9.98
N ARG F 27 -20.00 25.72 -11.23
CA ARG F 27 -21.13 25.47 -12.12
C ARG F 27 -20.59 25.17 -13.49
N PRO F 28 -20.04 23.97 -13.61
CA PRO F 28 -19.41 23.64 -14.90
C PRO F 28 -20.48 23.67 -16.01
N GLU F 29 -20.08 23.98 -17.21
CA GLU F 29 -21.02 23.89 -18.33
C GLU F 29 -21.61 22.47 -18.47
N ARG F 30 -22.91 22.35 -18.52
CA ARG F 30 -23.53 21.03 -18.59
C ARG F 30 -23.53 20.43 -19.98
N TYR F 31 -23.48 19.11 -20.03
CA TYR F 31 -23.54 18.40 -21.32
C TYR F 31 -24.69 17.38 -21.26
N GLU F 32 -25.68 17.53 -22.14
CA GLU F 32 -26.71 16.57 -22.31
C GLU F 32 -27.09 16.62 -23.81
N GLU F 33 -27.65 15.52 -24.28
CA GLU F 33 -28.16 15.48 -25.66
C GLU F 33 -29.52 16.15 -25.77
N LYS F 34 -29.87 16.56 -27.00
CA LYS F 34 -31.14 17.25 -27.30
C LYS F 34 -32.39 16.44 -26.87
N ASP F 35 -32.26 15.11 -26.84
CA ASP F 35 -33.40 14.25 -26.51
C ASP F 35 -33.39 13.73 -25.06
N PHE F 36 -32.69 14.39 -24.14
CA PHE F 36 -32.65 13.92 -22.74
C PHE F 36 -34.07 13.66 -22.18
N ASP F 37 -34.93 14.68 -22.26
CA ASP F 37 -36.31 14.58 -21.72
C ASP F 37 -37.15 13.57 -22.43
N GLU F 38 -37.04 13.51 -23.75
CA GLU F 38 -37.76 12.52 -24.56
C GLU F 38 -37.36 11.11 -24.18
N PHE F 39 -36.04 10.88 -24.04
CA PHE F 39 -35.55 9.59 -23.62
C PHE F 39 -36.27 9.11 -22.32
N TRP F 40 -36.30 10.00 -21.32
CA TRP F 40 -36.92 9.65 -20.04
C TRP F 40 -38.46 9.53 -20.09
N GLU F 41 -39.11 10.42 -20.83
CA GLU F 41 -40.55 10.32 -21.06
C GLU F 41 -40.89 9.01 -21.70
N GLU F 42 -40.18 8.64 -22.77
CA GLU F 42 -40.41 7.37 -23.45
C GLU F 42 -40.13 6.19 -22.59
N THR F 43 -39.04 6.27 -21.81
CA THR F 43 -38.71 5.19 -20.89
C THR F 43 -39.84 4.97 -19.88
N LEU F 44 -40.24 6.02 -19.21
CA LEU F 44 -41.33 5.89 -18.17
C LEU F 44 -42.68 5.49 -18.74
N ALA F 45 -43.01 5.97 -19.94
CA ALA F 45 -44.30 5.59 -20.59
C ALA F 45 -44.30 4.14 -20.92
N GLU F 46 -43.17 3.61 -21.37
CA GLU F 46 -43.14 2.19 -21.78
C GLU F 46 -43.27 1.31 -20.57
N SER F 47 -42.67 1.71 -19.44
CA SER F 47 -42.75 0.92 -18.23
C SER F 47 -44.14 1.10 -17.54
N GLU F 48 -44.76 2.27 -17.67
CA GLU F 48 -46.13 2.45 -17.17
C GLU F 48 -47.18 1.58 -17.87
N LYS F 49 -46.86 1.04 -19.05
CA LYS F 49 -47.73 0.07 -19.73
C LYS F 49 -47.96 -1.23 -18.95
N PHE F 50 -47.09 -1.57 -18.00
CA PHE F 50 -47.23 -2.74 -17.14
C PHE F 50 -47.87 -2.30 -15.79
N PRO F 51 -48.84 -3.09 -15.26
CA PRO F 51 -49.47 -2.63 -14.01
C PRO F 51 -48.41 -2.66 -12.91
N LEU F 52 -48.41 -1.63 -12.09
CA LEU F 52 -47.59 -1.55 -10.85
C LEU F 52 -47.71 -2.79 -10.01
N ASP F 53 -48.95 -3.24 -9.80
CA ASP F 53 -49.22 -4.45 -9.00
C ASP F 53 -48.35 -4.46 -7.70
N PRO F 54 -48.47 -3.40 -6.87
CA PRO F 54 -47.77 -3.44 -5.57
C PRO F 54 -48.39 -4.47 -4.63
N VAL F 55 -47.58 -5.41 -4.14
CA VAL F 55 -48.01 -6.43 -3.24
C VAL F 55 -47.20 -6.32 -1.92
N PHE F 56 -47.93 -6.28 -0.82
CA PHE F 56 -47.38 -6.31 0.51
C PHE F 56 -47.79 -7.58 1.18
N GLU F 57 -46.85 -8.23 1.86
CA GLU F 57 -47.10 -9.41 2.65
C GLU F 57 -46.45 -9.27 4.04
N ARG F 58 -47.24 -9.36 5.11
CA ARG F 58 -46.67 -9.21 6.48
C ARG F 58 -45.65 -10.34 6.68
N MET F 59 -44.51 -10.02 7.28
CA MET F 59 -43.40 -10.97 7.49
C MET F 59 -43.47 -11.38 8.96
N GLU F 60 -43.31 -12.68 9.21
CA GLU F 60 -42.93 -13.15 10.53
C GLU F 60 -41.54 -12.55 10.75
N SER F 61 -41.38 -11.87 11.86
CA SER F 61 -40.04 -11.43 12.23
C SER F 61 -40.06 -11.33 13.71
N HIS F 62 -38.88 -11.12 14.22
CA HIS F 62 -38.72 -10.93 15.64
C HIS F 62 -38.90 -9.45 16.02
N LEU F 63 -39.08 -8.56 15.05
CA LEU F 63 -39.26 -7.13 15.35
C LEU F 63 -40.53 -6.92 16.18
N LYS F 64 -40.42 -6.07 17.20
CA LYS F 64 -41.49 -5.82 18.13
C LYS F 64 -42.02 -4.42 18.10
N THR F 65 -41.22 -3.41 17.80
CA THR F 65 -41.71 -2.03 17.64
C THR F 65 -42.12 -1.60 16.18
N VAL F 66 -41.87 -2.48 15.22
CA VAL F 66 -42.14 -2.20 13.82
C VAL F 66 -42.90 -3.39 13.23
N GLU F 67 -43.82 -3.12 12.27
CA GLU F 67 -44.38 -4.16 11.46
C GLU F 67 -43.60 -4.17 10.15
N ALA F 68 -43.15 -5.33 9.76
CA ALA F 68 -42.39 -5.46 8.54
C ALA F 68 -43.20 -6.24 7.47
N TYR F 69 -43.16 -5.71 6.26
CA TYR F 69 -43.79 -6.33 5.14
C TYR F 69 -42.77 -6.58 4.04
N ASP F 70 -42.96 -7.70 3.38
CA ASP F 70 -42.31 -8.02 2.11
C ASP F 70 -43.04 -7.23 1.02
N VAL F 71 -42.29 -6.63 0.11
CA VAL F 71 -42.84 -5.83 -0.95
C VAL F 71 -42.38 -6.40 -2.29
N THR F 72 -43.31 -6.35 -3.24
CA THR F 72 -43.08 -6.69 -4.66
C THR F 72 -43.83 -5.67 -5.51
N PHE F 73 -43.15 -5.06 -6.48
CA PHE F 73 -43.78 -4.07 -7.34
C PHE F 73 -43.10 -4.09 -8.73
N SER F 74 -43.83 -3.61 -9.74
CA SER F 74 -43.29 -3.65 -11.12
C SER F 74 -42.48 -2.39 -11.40
N GLY F 75 -41.21 -2.62 -11.75
CA GLY F 75 -40.28 -1.54 -12.08
C GLY F 75 -40.10 -1.35 -13.58
N TYR F 76 -38.85 -1.46 -14.05
CA TYR F 76 -38.54 -1.31 -15.45
C TYR F 76 -39.21 -2.44 -16.21
N ARG F 77 -39.96 -2.10 -17.27
CA ARG F 77 -40.68 -3.08 -18.10
C ARG F 77 -41.39 -4.23 -17.39
N GLY F 78 -42.06 -3.93 -16.28
CA GLY F 78 -42.81 -4.91 -15.55
C GLY F 78 -42.01 -5.90 -14.72
N GLN F 79 -40.70 -5.73 -14.65
CA GLN F 79 -39.87 -6.68 -13.91
C GLN F 79 -40.13 -6.48 -12.41
N ARG F 80 -40.23 -7.56 -11.65
CA ARG F 80 -40.73 -7.51 -10.27
C ARG F 80 -39.58 -7.27 -9.32
N ILE F 81 -39.63 -6.16 -8.62
CA ILE F 81 -38.55 -5.70 -7.74
C ILE F 81 -39.00 -5.95 -6.33
N LYS F 82 -38.07 -6.35 -5.47
CA LYS F 82 -38.32 -6.60 -4.08
C LYS F 82 -38.06 -5.33 -3.29
N GLY F 83 -38.65 -5.26 -2.08
CA GLY F 83 -38.40 -4.22 -1.15
C GLY F 83 -38.83 -4.64 0.23
N TRP F 84 -38.63 -3.74 1.18
CA TRP F 84 -39.19 -3.93 2.51
C TRP F 84 -40.01 -2.72 2.83
N LEU F 85 -41.12 -2.94 3.55
CA LEU F 85 -41.88 -1.81 4.11
C LEU F 85 -41.91 -1.97 5.65
N LEU F 86 -41.43 -0.94 6.33
CA LEU F 86 -41.29 -0.96 7.78
C LEU F 86 -42.20 0.09 8.35
N VAL F 87 -43.21 -0.34 9.13
CA VAL F 87 -44.15 0.59 9.68
C VAL F 87 -44.01 0.60 11.22
N PRO F 88 -43.70 1.75 11.82
CA PRO F 88 -43.55 1.79 13.24
C PRO F 88 -44.95 1.60 13.87
N LYS F 89 -45.00 0.95 15.02
CA LYS F 89 -46.29 0.69 15.68
C LYS F 89 -46.62 1.86 16.55
N LEU F 90 -47.33 2.83 16.02
CA LEU F 90 -47.69 4.06 16.72
C LEU F 90 -49.21 4.45 16.68
N GLU F 91 -49.59 5.43 17.49
CA GLU F 91 -50.96 5.95 17.49
C GLU F 91 -51.41 6.71 16.24
N GLU F 92 -50.47 7.25 15.44
CA GLU F 92 -50.77 8.09 14.24
C GLU F 92 -51.52 7.32 13.15
N GLU F 93 -52.50 7.99 12.51
CA GLU F 93 -53.37 7.34 11.51
C GLU F 93 -52.68 7.17 10.16
N LYS F 94 -52.20 8.29 9.60
CA LYS F 94 -51.35 8.35 8.43
C LYS F 94 -49.92 8.68 8.94
N LEU F 95 -48.90 8.17 8.26
CA LEU F 95 -47.53 8.49 8.66
C LEU F 95 -46.71 9.01 7.50
N PRO F 96 -45.72 9.86 7.77
CA PRO F 96 -44.81 10.22 6.69
C PRO F 96 -43.95 9.02 6.29
N CYS F 97 -43.37 9.05 5.06
CA CYS F 97 -42.69 7.90 4.51
C CYS F 97 -41.32 8.31 3.93
N VAL F 98 -40.30 7.51 4.21
CA VAL F 98 -39.01 7.63 3.52
C VAL F 98 -38.85 6.44 2.59
N VAL F 99 -38.70 6.75 1.30
CA VAL F 99 -38.25 5.81 0.26
C VAL F 99 -36.71 5.82 0.18
N GLN F 100 -36.12 4.70 0.60
CA GLN F 100 -34.71 4.50 0.72
C GLN F 100 -34.08 3.70 -0.42
N TYR F 101 -33.12 4.34 -1.06
CA TYR F 101 -32.32 3.75 -2.14
C TYR F 101 -30.94 3.39 -1.55
N ILE F 102 -30.32 2.32 -2.06
CA ILE F 102 -29.22 1.64 -1.40
C ILE F 102 -27.88 1.92 -2.16
N GLY F 103 -26.79 1.98 -1.41
CA GLY F 103 -25.47 2.16 -1.98
C GLY F 103 -24.96 1.02 -2.84
N TYR F 104 -23.92 1.31 -3.57
CA TYR F 104 -23.33 0.35 -4.52
C TYR F 104 -22.95 -0.96 -3.90
N ASN F 105 -23.34 -2.07 -4.53
CA ASN F 105 -23.05 -3.41 -4.15
C ASN F 105 -23.90 -3.88 -2.95
N GLY F 106 -24.82 -3.03 -2.53
CA GLY F 106 -25.76 -3.39 -1.46
C GLY F 106 -27.09 -3.93 -2.03
N GLY F 107 -27.97 -4.34 -1.14
CA GLY F 107 -29.36 -4.68 -1.52
C GLY F 107 -30.21 -4.63 -0.22
N ARG F 108 -31.45 -5.10 -0.30
CA ARG F 108 -32.43 -4.78 0.75
C ARG F 108 -32.12 -5.44 2.07
N GLY F 109 -31.26 -6.43 2.09
CA GLY F 109 -30.82 -6.99 3.36
C GLY F 109 -31.98 -7.60 4.14
N PHE F 110 -31.99 -7.39 5.46
CA PHE F 110 -33.02 -7.89 6.34
C PHE F 110 -33.82 -6.69 6.78
N PRO F 111 -35.09 -6.91 7.22
CA PRO F 111 -35.84 -5.72 7.69
C PRO F 111 -35.14 -4.94 8.79
N HIS F 112 -34.47 -5.68 9.67
CA HIS F 112 -33.79 -5.02 10.80
C HIS F 112 -32.55 -4.24 10.44
N ASP F 113 -32.12 -4.29 9.17
CA ASP F 113 -31.09 -3.35 8.69
C ASP F 113 -31.52 -1.91 8.52
N TRP F 114 -32.84 -1.59 8.66
CA TRP F 114 -33.37 -0.31 8.26
C TRP F 114 -34.21 0.32 9.34
N LEU F 115 -33.75 0.24 10.57
CA LEU F 115 -34.60 0.66 11.69
C LEU F 115 -34.66 2.15 11.98
N PHE F 116 -33.77 2.95 11.40
CA PHE F 116 -33.68 4.39 11.75
C PHE F 116 -34.97 5.16 11.51
N TRP F 117 -35.47 5.13 10.27
CA TRP F 117 -36.61 5.94 9.91
C TRP F 117 -37.91 5.54 10.65
N PRO F 118 -38.19 4.24 10.74
CA PRO F 118 -39.35 3.83 11.52
C PRO F 118 -39.24 4.20 13.03
N SER F 119 -38.07 4.08 13.60
CA SER F 119 -37.83 4.54 14.97
C SER F 119 -38.04 6.04 15.19
N MET F 120 -37.85 6.83 14.12
CA MET F 120 -38.15 8.22 14.10
C MET F 120 -39.61 8.54 13.71
N GLY F 121 -40.46 7.53 13.59
CA GLY F 121 -41.88 7.73 13.25
C GLY F 121 -42.24 7.80 11.78
N TYR F 122 -41.37 7.35 10.87
CA TYR F 122 -41.65 7.31 9.43
C TYR F 122 -41.77 5.89 8.94
N ILE F 123 -42.68 5.67 8.01
CA ILE F 123 -42.76 4.41 7.34
C ILE F 123 -41.50 4.43 6.44
N CYS F 124 -40.85 3.29 6.26
CA CYS F 124 -39.61 3.24 5.44
C CYS F 124 -39.85 2.25 4.32
N PHE F 125 -39.72 2.65 3.05
CA PHE F 125 -39.84 1.73 1.94
C PHE F 125 -38.39 1.57 1.46
N VAL F 126 -37.88 0.36 1.56
CA VAL F 126 -36.52 0.04 1.10
C VAL F 126 -36.58 -0.65 -0.27
N MET F 127 -36.05 0.01 -1.31
CA MET F 127 -36.05 -0.61 -2.64
C MET F 127 -34.77 -1.44 -2.82
N ASP F 128 -34.92 -2.71 -3.19
CA ASP F 128 -33.83 -3.63 -3.47
C ASP F 128 -33.25 -3.17 -4.80
N THR F 129 -32.01 -3.52 -5.01
CA THR F 129 -31.26 -2.96 -6.18
C THR F 129 -30.96 -4.11 -7.13
N ARG F 130 -31.59 -4.08 -8.27
CA ARG F 130 -31.45 -5.12 -9.28
C ARG F 130 -29.99 -5.55 -9.55
N GLY F 131 -29.72 -6.86 -9.38
CA GLY F 131 -28.46 -7.50 -9.73
C GLY F 131 -27.25 -7.22 -8.88
N GLN F 132 -27.40 -6.43 -7.81
CA GLN F 132 -26.28 -6.07 -6.95
C GLN F 132 -26.32 -6.98 -5.73
N GLY F 133 -26.42 -6.44 -4.54
CA GLY F 133 -26.75 -7.28 -3.37
C GLY F 133 -25.71 -8.30 -3.02
N SER F 134 -24.46 -8.03 -3.35
CA SER F 134 -23.42 -9.05 -3.12
C SER F 134 -22.11 -8.57 -2.57
N GLY F 135 -22.03 -7.29 -2.21
CA GLY F 135 -20.78 -6.66 -1.86
C GLY F 135 -20.68 -6.25 -0.38
N TRP F 136 -21.78 -5.92 0.27
CA TRP F 136 -21.75 -5.60 1.74
C TRP F 136 -23.08 -5.84 2.45
N LEU F 137 -24.17 -5.91 1.68
CA LEU F 137 -25.49 -6.28 2.23
C LEU F 137 -26.20 -7.07 1.14
N LYS F 138 -26.80 -8.21 1.49
CA LYS F 138 -27.43 -9.13 0.53
C LYS F 138 -28.65 -8.51 -0.17
N GLY F 139 -28.86 -8.90 -1.41
CA GLY F 139 -30.03 -8.55 -2.20
C GLY F 139 -30.69 -9.80 -2.80
N ASP F 140 -31.94 -9.61 -3.21
CA ASP F 140 -32.82 -10.63 -3.74
C ASP F 140 -33.43 -10.38 -5.15
N THR F 141 -33.06 -9.31 -5.85
CA THR F 141 -33.68 -8.94 -7.09
C THR F 141 -32.67 -9.05 -8.21
N PRO F 142 -33.02 -9.80 -9.28
CA PRO F 142 -32.17 -9.92 -10.45
C PRO F 142 -32.30 -8.73 -11.39
N ASP F 143 -31.31 -8.60 -12.26
CA ASP F 143 -31.37 -7.68 -13.36
C ASP F 143 -31.84 -8.47 -14.59
N TYR F 144 -32.17 -7.73 -15.62
CA TYR F 144 -32.63 -8.28 -16.93
C TYR F 144 -32.03 -7.42 -18.03
N PRO F 145 -31.14 -7.97 -18.83
CA PRO F 145 -30.63 -7.07 -19.87
C PRO F 145 -31.64 -6.94 -21.04
N GLU F 146 -31.58 -5.83 -21.81
CA GLU F 146 -32.14 -5.75 -23.20
C GLU F 146 -31.18 -6.54 -24.09
N GLY F 147 -31.48 -7.81 -24.30
CA GLY F 147 -30.68 -8.69 -25.19
C GLY F 147 -29.21 -9.00 -24.84
N PRO F 148 -28.30 -8.78 -25.80
CA PRO F 148 -26.93 -9.19 -25.52
C PRO F 148 -26.31 -8.38 -24.39
N VAL F 149 -25.51 -9.01 -23.55
CA VAL F 149 -24.79 -8.33 -22.52
C VAL F 149 -23.39 -8.01 -23.06
N ASP F 150 -23.19 -6.77 -23.45
CA ASP F 150 -21.98 -6.40 -24.17
C ASP F 150 -20.73 -6.61 -23.28
N PRO F 151 -19.55 -6.74 -23.91
CA PRO F 151 -18.27 -6.62 -23.21
C PRO F 151 -18.31 -5.43 -22.23
N GLN F 152 -17.87 -5.69 -21.00
CA GLN F 152 -17.95 -4.74 -19.92
C GLN F 152 -16.80 -5.03 -18.95
N TYR F 153 -16.47 -4.00 -18.20
CA TYR F 153 -15.53 -4.11 -17.14
C TYR F 153 -16.35 -4.64 -15.94
N PRO F 154 -15.74 -5.45 -15.03
CA PRO F 154 -16.45 -5.97 -13.81
C PRO F 154 -17.21 -4.86 -13.03
N GLY F 155 -18.49 -5.10 -12.75
CA GLY F 155 -19.32 -4.18 -12.01
C GLY F 155 -20.54 -3.75 -12.80
N PHE F 156 -21.19 -2.67 -12.34
CA PHE F 156 -22.44 -2.18 -12.94
C PHE F 156 -22.28 -0.89 -13.74
N MET F 157 -21.17 -0.19 -13.53
CA MET F 157 -20.98 1.12 -14.12
C MET F 157 -20.87 1.09 -15.63
N THR F 158 -20.39 -0.02 -16.20
CA THR F 158 -20.22 -0.11 -17.67
C THR F 158 -21.11 -1.18 -18.30
N ARG F 159 -22.05 -1.68 -17.53
CA ARG F 159 -23.00 -2.65 -18.01
C ARG F 159 -23.99 -1.94 -18.98
N GLY F 160 -23.88 -2.27 -20.25
CA GLY F 160 -24.72 -1.63 -21.28
C GLY F 160 -24.38 -0.23 -21.71
N ILE F 161 -23.16 0.18 -21.41
CA ILE F 161 -22.77 1.60 -21.56
C ILE F 161 -22.64 2.14 -22.97
N LEU F 162 -22.60 1.27 -23.97
CA LEU F 162 -22.50 1.78 -25.34
C LEU F 162 -23.83 2.29 -25.87
N ASP F 163 -24.92 2.27 -25.11
CA ASP F 163 -26.23 2.78 -25.59
C ASP F 163 -27.09 3.14 -24.39
N PRO F 164 -27.62 4.39 -24.29
CA PRO F 164 -28.43 4.68 -23.09
C PRO F 164 -29.66 3.78 -22.93
N ARG F 165 -30.18 3.25 -24.06
CA ARG F 165 -31.27 2.31 -24.03
C ARG F 165 -30.94 0.97 -23.34
N THR F 166 -29.68 0.52 -23.44
CA THR F 166 -29.18 -0.73 -22.79
C THR F 166 -28.52 -0.54 -21.42
N TYR F 167 -28.35 0.70 -21.01
CA TYR F 167 -27.50 1.00 -19.84
C TYR F 167 -28.23 0.59 -18.55
N TYR F 168 -27.45 0.02 -17.66
CA TYR F 168 -27.92 -0.50 -16.40
C TYR F 168 -28.74 0.52 -15.66
N TYR F 169 -28.28 1.75 -15.56
CA TYR F 169 -28.98 2.63 -14.64
C TYR F 169 -30.30 3.11 -15.25
N ARG F 170 -30.54 2.91 -16.55
CA ARG F 170 -31.88 3.18 -17.08
C ARG F 170 -32.90 2.33 -16.28
N ARG F 171 -32.54 1.10 -16.06
CA ARG F 171 -33.46 0.14 -15.41
C ARG F 171 -33.58 0.45 -13.91
N VAL F 172 -32.44 0.72 -13.24
CA VAL F 172 -32.46 1.12 -11.81
C VAL F 172 -33.32 2.37 -11.58
N PHE F 173 -33.11 3.43 -12.37
CA PHE F 173 -33.77 4.72 -12.16
C PHE F 173 -35.26 4.56 -12.40
N THR F 174 -35.67 3.74 -13.40
CA THR F 174 -37.06 3.50 -13.61
C THR F 174 -37.67 2.71 -12.43
N ASP F 175 -36.97 1.65 -11.96
CA ASP F 175 -37.39 0.95 -10.73
C ASP F 175 -37.65 1.95 -9.59
N ALA F 176 -36.77 2.93 -9.50
CA ALA F 176 -36.71 3.86 -8.36
C ALA F 176 -37.89 4.79 -8.44
N VAL F 177 -38.23 5.20 -9.67
CA VAL F 177 -39.44 6.08 -9.87
C VAL F 177 -40.72 5.32 -9.50
N ARG F 178 -40.81 4.09 -9.95
CA ARG F 178 -41.94 3.19 -9.63
C ARG F 178 -42.05 2.85 -8.16
N ALA F 179 -40.92 2.77 -7.46
CA ALA F 179 -40.90 2.55 -6.00
C ALA F 179 -41.70 3.59 -5.23
N VAL F 180 -41.61 4.82 -5.66
CA VAL F 180 -42.37 5.91 -5.01
C VAL F 180 -43.87 5.68 -5.13
N GLU F 181 -44.28 5.23 -6.31
CA GLU F 181 -45.68 4.84 -6.50
C GLU F 181 -46.09 3.65 -5.64
N ALA F 182 -45.24 2.63 -5.57
CA ALA F 182 -45.47 1.48 -4.71
C ALA F 182 -45.64 1.90 -3.22
N ALA F 183 -44.80 2.80 -2.73
CA ALA F 183 -44.91 3.30 -1.36
C ALA F 183 -46.22 4.03 -1.15
N ALA F 184 -46.56 4.87 -2.09
CA ALA F 184 -47.81 5.64 -2.06
C ALA F 184 -49.05 4.75 -2.05
N SER F 185 -48.93 3.55 -2.56
CA SER F 185 -50.02 2.59 -2.56
C SER F 185 -50.33 2.01 -1.17
N PHE F 186 -49.40 2.11 -0.20
CA PHE F 186 -49.67 1.56 1.10
C PHE F 186 -50.55 2.56 1.84
N PRO F 187 -51.67 2.10 2.38
CA PRO F 187 -52.67 3.11 2.78
C PRO F 187 -52.29 4.00 3.94
N GLN F 188 -51.51 3.48 4.87
CA GLN F 188 -51.01 4.30 5.95
C GLN F 188 -49.98 5.41 5.55
N VAL F 189 -49.43 5.35 4.35
CA VAL F 189 -48.56 6.43 3.86
C VAL F 189 -49.29 7.73 3.58
N ASP F 190 -48.85 8.79 4.22
CA ASP F 190 -49.26 10.15 3.89
C ASP F 190 -48.62 10.65 2.60
N GLN F 191 -49.39 10.69 1.53
CA GLN F 191 -48.83 11.02 0.24
C GLN F 191 -48.32 12.41 0.16
N GLU F 192 -48.70 13.27 1.09
CA GLU F 192 -48.13 14.58 1.21
C GLU F 192 -46.72 14.62 1.75
N ARG F 193 -46.24 13.53 2.34
CA ARG F 193 -44.97 13.52 3.11
C ARG F 193 -44.15 12.27 2.72
N ILE F 194 -44.01 12.07 1.41
CA ILE F 194 -43.16 11.02 0.90
C ILE F 194 -41.81 11.65 0.58
N VAL F 195 -40.80 11.13 1.25
CA VAL F 195 -39.43 11.60 1.09
C VAL F 195 -38.60 10.56 0.32
N ILE F 196 -37.68 11.05 -0.52
CA ILE F 196 -36.77 10.17 -1.27
C ILE F 196 -35.37 10.39 -0.73
N ALA F 197 -34.65 9.31 -0.47
CA ALA F 197 -33.40 9.35 0.29
C ALA F 197 -32.37 8.33 -0.15
N GLY F 198 -31.11 8.75 -0.06
CA GLY F 198 -30.02 7.85 -0.20
C GLY F 198 -28.65 8.48 -0.12
N GLY F 199 -27.68 7.60 0.10
CA GLY F 199 -26.29 8.00 0.11
C GLY F 199 -25.54 7.32 -1.01
N SER F 200 -24.64 8.07 -1.64
CA SER F 200 -23.66 7.58 -2.66
C SER F 200 -24.45 7.06 -3.85
N GLN F 201 -24.45 5.78 -4.18
CA GLN F 201 -25.33 5.32 -5.30
C GLN F 201 -26.80 5.66 -4.98
N GLY F 202 -27.12 5.57 -3.70
CA GLY F 202 -28.53 5.80 -3.26
C GLY F 202 -28.88 7.28 -3.48
N GLY F 203 -27.90 8.16 -3.31
CA GLY F 203 -28.05 9.56 -3.55
C GLY F 203 -28.15 9.95 -5.01
N GLY F 204 -27.34 9.32 -5.85
CA GLY F 204 -27.55 9.46 -7.25
C GLY F 204 -28.88 8.95 -7.77
N ILE F 205 -29.34 7.82 -7.25
CA ILE F 205 -30.67 7.31 -7.61
C ILE F 205 -31.76 8.33 -7.19
N ALA F 206 -31.65 8.78 -5.94
CA ALA F 206 -32.64 9.78 -5.41
C ALA F 206 -32.65 11.05 -6.20
N LEU F 207 -31.49 11.51 -6.66
CA LEU F 207 -31.48 12.65 -7.51
C LEU F 207 -32.22 12.46 -8.84
N ALA F 208 -32.03 11.35 -9.51
CA ALA F 208 -32.82 11.09 -10.72
C ALA F 208 -34.35 11.13 -10.43
N VAL F 209 -34.72 10.45 -9.35
CA VAL F 209 -36.11 10.38 -8.96
C VAL F 209 -36.65 11.77 -8.65
N SER F 210 -35.84 12.62 -8.03
CA SER F 210 -36.30 14.00 -7.67
C SER F 210 -36.71 14.75 -8.95
N ALA F 211 -36.09 14.44 -10.08
CA ALA F 211 -36.46 15.10 -11.32
C ALA F 211 -37.60 14.40 -12.02
N LEU F 212 -37.64 13.07 -11.91
CA LEU F 212 -38.53 12.27 -12.74
C LEU F 212 -39.85 11.91 -12.10
N SER F 213 -39.92 11.89 -10.78
CA SER F 213 -41.16 11.49 -10.06
C SER F 213 -42.00 12.75 -9.87
N LYS F 214 -43.31 12.64 -9.98
CA LYS F 214 -44.17 13.75 -9.63
C LYS F 214 -44.83 13.49 -8.26
N LYS F 215 -44.49 12.37 -7.57
CA LYS F 215 -44.99 12.02 -6.22
C LYS F 215 -44.10 12.33 -5.02
N ALA F 216 -42.82 12.47 -5.24
CA ALA F 216 -41.89 12.77 -4.16
C ALA F 216 -42.08 14.17 -3.66
N LYS F 217 -42.05 14.36 -2.36
CA LYS F 217 -42.23 15.67 -1.78
C LYS F 217 -40.94 16.31 -1.26
N ALA F 218 -39.90 15.52 -0.94
CA ALA F 218 -38.64 16.06 -0.48
C ALA F 218 -37.54 15.05 -0.77
N LEU F 219 -36.33 15.60 -0.89
CA LEU F 219 -35.09 14.84 -1.23
C LEU F 219 -34.05 14.90 -0.13
N LEU F 220 -33.52 13.75 0.27
CA LEU F 220 -32.30 13.69 1.12
C LEU F 220 -31.18 13.05 0.31
N CYS F 221 -30.18 13.84 -0.04
CA CYS F 221 -29.16 13.43 -1.00
C CYS F 221 -27.77 13.48 -0.35
N ASP F 222 -27.27 12.34 0.12
CA ASP F 222 -25.94 12.35 0.84
C ASP F 222 -24.84 11.86 -0.07
N VAL F 223 -23.72 12.59 -0.08
CA VAL F 223 -22.46 12.22 -0.75
C VAL F 223 -22.73 11.56 -2.10
N PRO F 224 -23.51 12.24 -2.92
CA PRO F 224 -24.08 11.53 -4.07
C PRO F 224 -23.04 11.08 -5.11
N PHE F 225 -23.28 9.86 -5.60
CA PHE F 225 -22.54 9.19 -6.68
C PHE F 225 -23.37 9.46 -7.94
N LEU F 226 -22.86 9.02 -9.08
CA LEU F 226 -23.50 9.19 -10.41
C LEU F 226 -23.65 10.67 -10.80
N CYS F 227 -22.69 11.49 -10.44
CA CYS F 227 -22.72 12.93 -10.73
C CYS F 227 -21.43 13.29 -11.44
N HIS F 228 -21.58 13.96 -12.58
CA HIS F 228 -20.46 14.68 -13.23
C HIS F 228 -19.34 13.73 -13.63
N PHE F 229 -19.76 12.64 -14.29
CA PHE F 229 -18.86 11.54 -14.53
C PHE F 229 -17.50 11.94 -15.14
N ARG F 230 -17.56 12.87 -16.06
CA ARG F 230 -16.40 13.31 -16.86
C ARG F 230 -15.33 13.88 -15.97
N ARG F 231 -15.75 14.68 -15.01
CA ARG F 231 -14.84 15.21 -14.03
C ARG F 231 -14.42 14.12 -13.02
N ALA F 232 -15.37 13.29 -12.56
CA ALA F 232 -15.05 12.28 -11.55
C ALA F 232 -13.85 11.41 -11.95
N VAL F 233 -13.87 10.89 -13.19
CA VAL F 233 -12.76 10.00 -13.68
C VAL F 233 -11.44 10.76 -13.89
N GLN F 234 -11.45 12.06 -14.04
CA GLN F 234 -10.20 12.83 -13.96
C GLN F 234 -9.69 13.08 -12.58
N LEU F 235 -10.53 13.03 -11.54
CA LEU F 235 -10.13 13.44 -10.23
C LEU F 235 -9.70 12.31 -9.37
N VAL F 236 -10.34 11.15 -9.45
CA VAL F 236 -10.02 10.06 -8.52
C VAL F 236 -9.79 8.77 -9.28
N ASP F 237 -9.03 7.87 -8.68
CA ASP F 237 -8.83 6.57 -9.26
C ASP F 237 -9.53 5.50 -8.47
N THR F 238 -10.40 5.89 -7.55
CA THR F 238 -11.17 4.96 -6.76
C THR F 238 -12.32 4.33 -7.52
N HIS F 239 -12.73 3.19 -6.99
CA HIS F 239 -13.94 2.50 -7.44
C HIS F 239 -15.11 3.09 -6.64
N PRO F 240 -16.29 3.17 -7.24
CA PRO F 240 -16.57 2.52 -8.52
C PRO F 240 -16.37 3.41 -9.77
N TYR F 241 -16.06 4.69 -9.65
CA TYR F 241 -15.83 5.51 -10.87
C TYR F 241 -14.71 4.96 -11.78
N ALA F 242 -13.72 4.31 -11.18
CA ALA F 242 -12.61 3.72 -11.97
C ALA F 242 -13.05 2.61 -12.90
N GLU F 243 -14.22 1.99 -12.68
CA GLU F 243 -14.73 1.04 -13.69
C GLU F 243 -14.86 1.69 -15.05
N ILE F 244 -15.33 2.93 -15.09
CA ILE F 244 -15.49 3.63 -16.35
C ILE F 244 -14.10 3.92 -16.98
N THR F 245 -13.18 4.47 -16.17
CA THR F 245 -11.82 4.72 -16.61
C THR F 245 -11.20 3.42 -17.17
N ASN F 246 -11.40 2.32 -16.46
CA ASN F 246 -10.76 1.06 -16.87
C ASN F 246 -11.33 0.53 -18.18
N PHE F 247 -12.63 0.66 -18.33
CA PHE F 247 -13.27 0.40 -19.63
C PHE F 247 -12.71 1.24 -20.78
N LEU F 248 -12.49 2.54 -20.53
CA LEU F 248 -11.96 3.47 -21.53
C LEU F 248 -10.53 3.23 -21.81
N LYS F 249 -9.77 2.71 -20.84
CA LYS F 249 -8.37 2.37 -21.07
C LYS F 249 -8.18 1.27 -22.10
N THR F 250 -9.19 0.37 -22.17
CA THR F 250 -9.23 -0.73 -23.13
C THR F 250 -9.90 -0.36 -24.40
N HIS F 251 -11.10 0.19 -24.31
CA HIS F 251 -11.94 0.60 -25.46
C HIS F 251 -11.64 2.05 -25.87
N ARG F 252 -10.42 2.20 -26.41
CA ARG F 252 -9.85 3.52 -26.65
C ARG F 252 -10.64 4.29 -27.68
N ASP F 253 -11.48 3.60 -28.43
CA ASP F 253 -12.23 4.20 -29.52
C ASP F 253 -13.66 4.62 -29.07
N LYS F 254 -13.98 4.52 -27.76
CA LYS F 254 -15.34 4.63 -27.29
C LYS F 254 -15.59 5.79 -26.37
N GLU F 255 -14.62 6.72 -26.25
CA GLU F 255 -14.79 7.84 -25.32
C GLU F 255 -16.10 8.59 -25.56
N GLU F 256 -16.34 8.99 -26.82
CA GLU F 256 -17.41 9.89 -27.11
C GLU F 256 -18.75 9.18 -26.80
N ILE F 257 -18.83 7.90 -27.15
CA ILE F 257 -20.08 7.14 -26.98
C ILE F 257 -20.30 6.93 -25.48
N VAL F 258 -19.24 6.60 -24.76
CA VAL F 258 -19.40 6.33 -23.28
C VAL F 258 -19.96 7.56 -22.59
N PHE F 259 -19.35 8.72 -22.86
CA PHE F 259 -19.84 9.93 -22.19
C PHE F 259 -21.15 10.41 -22.67
N ARG F 260 -21.43 10.17 -23.95
CA ARG F 260 -22.78 10.43 -24.44
C ARG F 260 -23.82 9.62 -23.65
N THR F 261 -23.63 8.32 -23.53
CA THR F 261 -24.52 7.48 -22.77
C THR F 261 -24.64 7.99 -21.33
N LEU F 262 -23.51 8.25 -20.68
CA LEU F 262 -23.53 8.70 -19.27
C LEU F 262 -24.29 10.02 -19.05
N SER F 263 -24.32 10.90 -20.05
CA SER F 263 -25.02 12.18 -19.90
C SER F 263 -26.50 12.05 -19.57
N TYR F 264 -27.13 10.97 -20.00
CA TYR F 264 -28.52 10.71 -19.73
C TYR F 264 -28.81 10.30 -18.26
N PHE F 265 -27.75 9.95 -17.51
CA PHE F 265 -27.88 9.40 -16.17
C PHE F 265 -27.13 10.22 -15.14
N ASP F 266 -26.65 11.41 -15.54
CA ASP F 266 -25.76 12.23 -14.71
C ASP F 266 -26.60 13.08 -13.77
N GLY F 267 -26.40 12.89 -12.45
CA GLY F 267 -27.15 13.67 -11.43
C GLY F 267 -27.18 15.16 -11.63
N VAL F 268 -26.18 15.71 -12.27
CA VAL F 268 -26.10 17.14 -12.53
C VAL F 268 -27.22 17.58 -13.47
N ASN F 269 -27.52 16.70 -14.44
CA ASN F 269 -28.57 17.01 -15.39
C ASN F 269 -29.98 16.84 -14.84
N PHE F 270 -30.15 15.88 -13.91
CA PHE F 270 -31.38 15.78 -13.15
C PHE F 270 -31.54 16.92 -12.16
N ALA F 271 -30.46 17.31 -11.47
CA ALA F 271 -30.54 18.37 -10.48
C ALA F 271 -31.15 19.62 -11.10
N ALA F 272 -30.70 19.91 -12.34
CA ALA F 272 -31.21 21.10 -13.03
C ALA F 272 -32.70 21.07 -13.35
N ARG F 273 -33.32 19.92 -13.29
CA ARG F 273 -34.75 19.77 -13.50
C ARG F 273 -35.57 19.60 -12.24
N ALA F 274 -34.92 19.43 -11.10
CA ALA F 274 -35.63 19.02 -9.91
C ALA F 274 -36.12 20.27 -9.14
N LYS F 275 -37.34 20.20 -8.64
CA LYS F 275 -38.00 21.33 -8.02
C LYS F 275 -38.36 21.11 -6.53
N ILE F 276 -38.22 19.91 -5.99
CA ILE F 276 -38.67 19.67 -4.61
C ILE F 276 -37.62 20.14 -3.62
N PRO F 277 -38.04 20.45 -2.38
CA PRO F 277 -37.07 20.74 -1.35
C PRO F 277 -36.03 19.64 -1.09
N ALA F 278 -34.78 20.00 -0.88
CA ALA F 278 -33.70 19.04 -0.67
C ALA F 278 -32.77 19.43 0.42
N LEU F 279 -32.22 18.41 1.09
CA LEU F 279 -31.09 18.54 1.96
C LEU F 279 -29.96 17.64 1.45
N PHE F 280 -28.83 18.25 1.11
CA PHE F 280 -27.65 17.58 0.63
C PHE F 280 -26.59 17.45 1.75
N SER F 281 -25.65 16.50 1.59
CA SER F 281 -24.45 16.48 2.45
C SER F 281 -23.24 16.10 1.61
N VAL F 282 -22.10 16.56 2.06
CA VAL F 282 -20.83 16.36 1.34
C VAL F 282 -19.68 16.23 2.36
N GLY F 283 -18.74 15.32 2.09
CA GLY F 283 -17.51 15.24 2.89
C GLY F 283 -16.41 15.81 2.02
N LEU F 284 -15.70 16.84 2.51
CA LEU F 284 -14.71 17.52 1.72
C LEU F 284 -13.44 16.66 1.44
N MET F 285 -13.26 15.60 2.20
CA MET F 285 -12.19 14.67 1.97
C MET F 285 -12.64 13.34 1.30
N ASP F 286 -13.84 13.33 0.73
CA ASP F 286 -14.42 12.14 0.15
C ASP F 286 -13.72 11.86 -1.19
N ASN F 287 -12.99 10.78 -1.28
CA ASN F 287 -12.40 10.47 -2.59
C ASN F 287 -13.10 9.34 -3.39
N ILE F 288 -14.32 8.94 -2.97
CA ILE F 288 -15.17 8.09 -3.79
C ILE F 288 -16.08 8.99 -4.65
N CYS F 289 -16.69 9.99 -3.99
CA CYS F 289 -17.50 10.97 -4.59
C CYS F 289 -16.84 12.32 -4.38
N PRO F 290 -16.05 12.76 -5.33
CA PRO F 290 -15.28 14.01 -5.03
C PRO F 290 -16.15 15.23 -4.85
N PRO F 291 -15.77 16.09 -3.91
CA PRO F 291 -16.61 17.23 -3.67
C PRO F 291 -17.02 18.08 -4.86
N SER F 292 -16.17 18.27 -5.87
CA SER F 292 -16.58 19.08 -7.05
C SER F 292 -17.75 18.41 -7.82
N THR F 293 -17.81 17.09 -7.84
CA THR F 293 -18.93 16.36 -8.43
C THR F 293 -20.19 16.59 -7.61
N VAL F 294 -20.07 16.58 -6.28
CA VAL F 294 -21.24 16.76 -5.40
C VAL F 294 -21.75 18.20 -5.52
N PHE F 295 -20.81 19.14 -5.49
CA PHE F 295 -21.15 20.56 -5.63
C PHE F 295 -21.73 20.94 -7.01
N ALA F 296 -21.24 20.32 -8.07
CA ALA F 296 -21.85 20.53 -9.38
C ALA F 296 -23.33 20.20 -9.37
N ALA F 297 -23.70 19.07 -8.80
CA ALA F 297 -25.09 18.68 -8.68
C ALA F 297 -25.84 19.63 -7.74
N TYR F 298 -25.27 19.90 -6.58
CA TYR F 298 -25.94 20.76 -5.63
C TYR F 298 -26.23 22.12 -6.24
N ASN F 299 -25.22 22.67 -6.90
CA ASN F 299 -25.29 24.05 -7.39
C ASN F 299 -26.28 24.19 -8.51
N TYR F 300 -26.45 23.14 -9.32
CA TYR F 300 -27.47 23.19 -10.36
C TYR F 300 -28.88 22.87 -9.81
N TYR F 301 -29.01 22.32 -8.63
CA TYR F 301 -30.28 21.75 -8.14
C TYR F 301 -31.28 22.91 -8.09
N ALA F 302 -32.45 22.72 -8.66
CA ALA F 302 -33.33 23.86 -9.00
C ALA F 302 -34.43 24.08 -7.96
N GLY F 303 -34.57 23.16 -7.03
CA GLY F 303 -35.47 23.30 -5.92
C GLY F 303 -34.86 24.01 -4.74
N PRO F 304 -35.72 24.38 -3.78
CA PRO F 304 -35.24 24.91 -2.50
C PRO F 304 -34.27 23.89 -1.86
N LYS F 305 -33.15 24.37 -1.34
CA LYS F 305 -32.04 23.44 -0.98
C LYS F 305 -31.19 23.96 0.13
N GLU F 306 -30.56 23.06 0.88
CA GLU F 306 -29.52 23.34 1.83
C GLU F 306 -28.46 22.23 1.65
N ILE F 307 -27.23 22.49 2.09
CA ILE F 307 -26.21 21.44 2.14
C ILE F 307 -25.51 21.46 3.49
N ARG F 308 -25.28 20.32 4.07
CA ARG F 308 -24.42 20.22 5.21
C ARG F 308 -23.01 19.80 4.76
N ILE F 309 -21.99 20.55 5.20
CA ILE F 309 -20.65 20.37 4.70
C ILE F 309 -19.82 19.79 5.81
N TYR F 310 -19.12 18.68 5.57
CA TYR F 310 -18.29 18.04 6.55
C TYR F 310 -16.82 18.13 6.09
N PRO F 311 -16.10 19.15 6.52
CA PRO F 311 -14.72 19.37 5.97
C PRO F 311 -13.68 18.33 6.30
N TYR F 312 -13.87 17.58 7.37
CA TYR F 312 -12.88 16.53 7.77
C TYR F 312 -13.32 15.11 7.44
N ASN F 313 -14.52 14.91 6.90
CA ASN F 313 -15.02 13.58 6.63
C ASN F 313 -14.70 13.15 5.22
N ASN F 314 -14.50 11.86 5.08
CA ASN F 314 -14.33 11.21 3.78
C ASN F 314 -15.76 10.78 3.39
N HIS F 315 -15.88 9.64 2.73
CA HIS F 315 -17.14 9.19 2.14
C HIS F 315 -18.25 8.84 3.17
N GLU F 316 -17.87 8.74 4.44
CA GLU F 316 -18.84 8.56 5.50
C GLU F 316 -19.69 9.80 5.72
N GLY F 317 -19.19 10.94 5.25
CA GLY F 317 -19.92 12.20 5.32
C GLY F 317 -20.20 12.55 6.79
N GLY F 318 -21.40 13.02 7.07
CA GLY F 318 -21.79 13.34 8.44
C GLY F 318 -22.23 12.21 9.29
N GLY F 319 -22.39 11.02 8.72
CA GLY F 319 -22.83 9.84 9.47
C GLY F 319 -24.04 10.11 10.41
N SER F 320 -23.91 9.69 11.68
CA SER F 320 -24.98 9.85 12.62
C SER F 320 -25.35 11.31 12.94
N PHE F 321 -24.42 12.26 12.75
CA PHE F 321 -24.78 13.63 12.88
C PHE F 321 -25.75 14.06 11.77
N GLN F 322 -25.46 13.65 10.53
CA GLN F 322 -26.29 13.98 9.38
C GLN F 322 -27.66 13.41 9.49
N ALA F 323 -27.75 12.22 10.09
CA ALA F 323 -29.03 11.56 10.30
C ALA F 323 -29.93 12.50 11.17
N VAL F 324 -29.36 13.10 12.21
CA VAL F 324 -30.13 14.06 13.05
C VAL F 324 -30.49 15.31 12.28
N GLU F 325 -29.57 15.81 11.45
CA GLU F 325 -29.88 16.90 10.59
C GLU F 325 -31.07 16.62 9.67
N GLN F 326 -31.18 15.39 9.18
CA GLN F 326 -32.27 15.04 8.28
C GLN F 326 -33.62 15.08 9.00
N VAL F 327 -33.66 14.59 10.19
CA VAL F 327 -34.87 14.49 11.01
C VAL F 327 -35.38 15.90 11.28
N LYS F 328 -34.46 16.78 11.64
CA LYS F 328 -34.81 18.17 11.93
C LYS F 328 -35.29 18.89 10.69
N PHE F 329 -34.61 18.70 9.54
CA PHE F 329 -35.02 19.27 8.28
C PHE F 329 -36.45 18.87 7.87
N LEU F 330 -36.74 17.58 7.91
CA LEU F 330 -38.03 17.09 7.54
C LEU F 330 -39.13 17.64 8.49
N LYS F 331 -38.82 17.70 9.79
CA LYS F 331 -39.77 18.15 10.76
C LYS F 331 -40.15 19.59 10.44
N LYS F 332 -39.14 20.42 10.15
CA LYS F 332 -39.34 21.82 9.82
C LYS F 332 -40.05 21.98 8.51
N LEU F 333 -39.69 21.18 7.50
CA LEU F 333 -40.39 21.23 6.25
C LEU F 333 -41.88 20.86 6.31
N PHE F 334 -42.22 19.78 7.01
CA PHE F 334 -43.57 19.30 7.01
C PHE F 334 -44.46 20.01 8.05
N GLU F 335 -43.93 20.82 8.97
CA GLU F 335 -44.78 21.39 10.05
C GLU F 335 -45.67 22.54 9.56
#